data_2W5Y
# 
_entry.id   2W5Y 
# 
_audit_conform.dict_name       mmcif_pdbx.dic 
_audit_conform.dict_version    5.408 
_audit_conform.dict_location   http://mmcif.pdb.org/dictionaries/ascii/mmcif_pdbx.dic 
# 
loop_
_database_2.database_id 
_database_2.database_code 
_database_2.pdbx_database_accession 
_database_2.pdbx_DOI 
PDB   2W5Y         pdb_00002w5y 10.2210/pdb2w5y/pdb 
PDBE  EBI-38273    ?            ?                   
WWPDB D_1290038273 ?            ?                   
# 
loop_
_pdbx_audit_revision_history.ordinal 
_pdbx_audit_revision_history.data_content_type 
_pdbx_audit_revision_history.major_revision 
_pdbx_audit_revision_history.minor_revision 
_pdbx_audit_revision_history.revision_date 
_pdbx_audit_revision_history.part_number 
1 'Structure model' 1 0 2009-02-10 ? 
2 'Structure model' 1 1 2011-05-08 ? 
3 'Structure model' 1 2 2011-07-13 ? 
4 'Structure model' 1 3 2023-12-13 ? 
5 'Structure model' 1 4 2025-12-10 ? 
# 
_pdbx_audit_revision_details.ordinal             1 
_pdbx_audit_revision_details.revision_ordinal    1 
_pdbx_audit_revision_details.data_content_type   'Structure model' 
_pdbx_audit_revision_details.provider            repository 
_pdbx_audit_revision_details.type                'Initial release' 
_pdbx_audit_revision_details.description         ? 
_pdbx_audit_revision_details.details             ? 
# 
loop_
_pdbx_audit_revision_group.ordinal 
_pdbx_audit_revision_group.revision_ordinal 
_pdbx_audit_revision_group.data_content_type 
_pdbx_audit_revision_group.group 
1 2 'Structure model' 'Version format compliance' 
2 3 'Structure model' 'Version format compliance' 
3 4 'Structure model' 'Data collection'           
4 4 'Structure model' 'Database references'       
5 4 'Structure model' 'Derived calculations'      
6 4 'Structure model' Other                       
7 4 'Structure model' 'Refinement description'    
8 5 'Structure model' 'Data collection'           
9 5 'Structure model' 'Structure summary'         
# 
loop_
_pdbx_audit_revision_category.ordinal 
_pdbx_audit_revision_category.revision_ordinal 
_pdbx_audit_revision_category.data_content_type 
_pdbx_audit_revision_category.category 
1 4 'Structure model' chem_comp_atom                
2 4 'Structure model' chem_comp_bond                
3 4 'Structure model' database_2                    
4 4 'Structure model' pdbx_database_status          
5 4 'Structure model' pdbx_initial_refinement_model 
6 4 'Structure model' pdbx_struct_conn_angle        
7 4 'Structure model' struct_conn                   
8 5 'Structure model' chem_comp                     
9 5 'Structure model' pdbx_entry_details            
# 
loop_
_pdbx_audit_revision_item.ordinal 
_pdbx_audit_revision_item.revision_ordinal 
_pdbx_audit_revision_item.data_content_type 
_pdbx_audit_revision_item.item 
1  4 'Structure model' '_database_2.pdbx_DOI'                         
2  4 'Structure model' '_database_2.pdbx_database_accession'          
3  4 'Structure model' '_pdbx_database_status.status_code_sf'         
4  4 'Structure model' '_pdbx_struct_conn_angle.ptnr1_auth_seq_id'    
5  4 'Structure model' '_pdbx_struct_conn_angle.ptnr1_label_seq_id'   
6  4 'Structure model' '_pdbx_struct_conn_angle.ptnr3_auth_seq_id'    
7  4 'Structure model' '_pdbx_struct_conn_angle.ptnr3_label_seq_id'   
8  4 'Structure model' '_pdbx_struct_conn_angle.value'                
9  4 'Structure model' '_struct_conn.pdbx_dist_value'                 
10 4 'Structure model' '_struct_conn.ptnr1_auth_comp_id'              
11 4 'Structure model' '_struct_conn.ptnr1_auth_seq_id'               
12 4 'Structure model' '_struct_conn.ptnr1_label_asym_id'             
13 4 'Structure model' '_struct_conn.ptnr1_label_atom_id'             
14 4 'Structure model' '_struct_conn.ptnr1_label_comp_id'             
15 4 'Structure model' '_struct_conn.ptnr1_label_seq_id'              
16 4 'Structure model' '_struct_conn.ptnr2_auth_comp_id'              
17 4 'Structure model' '_struct_conn.ptnr2_auth_seq_id'               
18 4 'Structure model' '_struct_conn.ptnr2_label_asym_id'             
19 4 'Structure model' '_struct_conn.ptnr2_label_atom_id'             
20 4 'Structure model' '_struct_conn.ptnr2_label_comp_id'             
21 4 'Structure model' '_struct_conn.ptnr2_label_seq_id'              
22 5 'Structure model' '_chem_comp.mon_nstd_flag'                     
23 5 'Structure model' '_chem_comp.type'                              
24 5 'Structure model' '_pdbx_entry_details.has_protein_modification' 
# 
_pdbx_database_status.status_code                     REL 
_pdbx_database_status.entry_id                        2W5Y 
_pdbx_database_status.deposit_site                    PDBE 
_pdbx_database_status.process_site                    PDBE 
_pdbx_database_status.SG_entry                        . 
_pdbx_database_status.recvd_initial_deposition_date   2008-12-15 
_pdbx_database_status.pdb_format_compatible           Y 
_pdbx_database_status.status_code_sf                  REL 
_pdbx_database_status.status_code_mr                  ? 
_pdbx_database_status.status_code_cs                  ? 
_pdbx_database_status.methods_development_category    ? 
_pdbx_database_status.status_code_nmr_data            ? 
# 
loop_
_pdbx_database_related.db_name 
_pdbx_database_related.db_id 
_pdbx_database_related.content_type 
_pdbx_database_related.details 
PDB 2AGH unspecified 'STRUCTURAL BASIS FOR COOPERATIVE TRANSCRIPTION FACTORBINDING TO THE CBP COACTIVATOR' 
PDB 2J2S unspecified 
'SOLUTION STRUCTURE OF THE NONMETHYL-CPG- BINDING CXXC DOMAIN OF THE LEUKAEMIA- ASSOCIATED MLL HISTONE METHYLTRANSFERASE' 
PDB 2W5Z unspecified 
;TERNARY COMPLEX OF THE MIXED LINEAGE LEUKAEMIA (MLL1) SET DOMAIN WITH THE COFACTOR PRODUCT S-ADENOSYLHOMOCYSTEINE AND HISTONE PEPTIDE.
;
# 
loop_
_audit_author.name 
_audit_author.pdbx_ordinal 
'Southall, S.M.' 1 
'Wong, P.S.'     2 
'Odho, Z.'       3 
'Roe, S.M.'      4 
'WIlson, J.R.'   5 
# 
_citation.id                        primary 
_citation.title                     
'Structural Basis for the Requirement of Additional Factors for Mll1 Set Domain Activity and Recognition of Epigenetic Marks.' 
_citation.journal_abbrev            Mol.Cell 
_citation.journal_volume            33 
_citation.page_first                181 
_citation.page_last                 ? 
_citation.year                      2009 
_citation.journal_id_ASTM           MOCEFL 
_citation.country                   US 
_citation.journal_id_ISSN           1097-2765 
_citation.journal_id_CSD            2168 
_citation.book_publisher            ? 
_citation.pdbx_database_id_PubMed   19187761 
_citation.pdbx_database_id_DOI      10.1016/J.MOLCEL.2008.12.029 
# 
loop_
_citation_author.citation_id 
_citation_author.name 
_citation_author.ordinal 
_citation_author.identifier_ORCID 
primary 'Southall, S.M.' 1 ? 
primary 'Wong, P.S.'     2 ? 
primary 'Odho, Z.'       3 ? 
primary 'Roe, S.M.'      4 ? 
primary 'Wilson, J.R.'   5 ? 
# 
loop_
_entity.id 
_entity.type 
_entity.src_method 
_entity.pdbx_description 
_entity.formula_weight 
_entity.pdbx_number_of_molecules 
_entity.pdbx_ec 
_entity.pdbx_mutation 
_entity.pdbx_fragment 
_entity.details 
1 polymer     man 'HISTONE-LYSINE N-METHYLTRANSFERASE HRX' 22181.402 1   2.1.1.43 ? 'METHYLTRANSFERASE DOMAIN, RESIDUES 3785-3969' 
? 
2 non-polymer syn 'ZINC ION'                               65.409    1   ?        ? ?                                              
? 
3 non-polymer syn S-ADENOSYL-L-HOMOCYSTEINE                384.411   1   ?        ? ?                                              
? 
4 water       nat water                                    18.015    130 ?        ? ?                                              
? 
# 
_entity_name_com.entity_id   1 
_entity_name_com.name        
'ZINC FINGER PROTEIN HRX, ALL-1, TRITHORAX-LIKE PROTEIN, LYSINE N-METHYLTRANSFERASE 2A, CXXC-TYPE ZINC FINGER PROTEIN 7, MLL-1' 
# 
_entity_poly.entity_id                      1 
_entity_poly.type                           'polypeptide(L)' 
_entity_poly.nstd_linkage                   no 
_entity_poly.nstd_monomer                   no 
_entity_poly.pdbx_seq_one_letter_code       
;GPLGSHMHRQPPEYNPNDEEEEEVQLKSARRATSMDLPMPMRFRHLKKTSKEAVGVYRSPIHGRGLFCKRNIDAGEMVIE
YAGNVIRSIQTDKREKYYDSKGIGCYMFRIDDSEVVDATMHGNAARFINHSCEPNCYSRVINIDGQKHIVIFAMRKIYRG
EELTYDYKFPIEDASNKLPCNCGAKKCRKFLN
;
_entity_poly.pdbx_seq_one_letter_code_can   
;GPLGSHMHRQPPEYNPNDEEEEEVQLKSARRATSMDLPMPMRFRHLKKTSKEAVGVYRSPIHGRGLFCKRNIDAGEMVIE
YAGNVIRSIQTDKREKYYDSKGIGCYMFRIDDSEVVDATMHGNAARFINHSCEPNCYSRVINIDGQKHIVIFAMRKIYRG
EELTYDYKFPIEDASNKLPCNCGAKKCRKFLN
;
_entity_poly.pdbx_strand_id                 A 
_entity_poly.pdbx_target_identifier         ? 
# 
loop_
_pdbx_entity_nonpoly.entity_id 
_pdbx_entity_nonpoly.name 
_pdbx_entity_nonpoly.comp_id 
2 'ZINC ION'                ZN  
3 S-ADENOSYL-L-HOMOCYSTEINE SAH 
4 water                     HOH 
# 
loop_
_entity_poly_seq.entity_id 
_entity_poly_seq.num 
_entity_poly_seq.mon_id 
_entity_poly_seq.hetero 
1 1   GLY n 
1 2   PRO n 
1 3   LEU n 
1 4   GLY n 
1 5   SER n 
1 6   HIS n 
1 7   MET n 
1 8   HIS n 
1 9   ARG n 
1 10  GLN n 
1 11  PRO n 
1 12  PRO n 
1 13  GLU n 
1 14  TYR n 
1 15  ASN n 
1 16  PRO n 
1 17  ASN n 
1 18  ASP n 
1 19  GLU n 
1 20  GLU n 
1 21  GLU n 
1 22  GLU n 
1 23  GLU n 
1 24  VAL n 
1 25  GLN n 
1 26  LEU n 
1 27  LYS n 
1 28  SER n 
1 29  ALA n 
1 30  ARG n 
1 31  ARG n 
1 32  ALA n 
1 33  THR n 
1 34  SER n 
1 35  MET n 
1 36  ASP n 
1 37  LEU n 
1 38  PRO n 
1 39  MET n 
1 40  PRO n 
1 41  MET n 
1 42  ARG n 
1 43  PHE n 
1 44  ARG n 
1 45  HIS n 
1 46  LEU n 
1 47  LYS n 
1 48  LYS n 
1 49  THR n 
1 50  SER n 
1 51  LYS n 
1 52  GLU n 
1 53  ALA n 
1 54  VAL n 
1 55  GLY n 
1 56  VAL n 
1 57  TYR n 
1 58  ARG n 
1 59  SER n 
1 60  PRO n 
1 61  ILE n 
1 62  HIS n 
1 63  GLY n 
1 64  ARG n 
1 65  GLY n 
1 66  LEU n 
1 67  PHE n 
1 68  CYS n 
1 69  LYS n 
1 70  ARG n 
1 71  ASN n 
1 72  ILE n 
1 73  ASP n 
1 74  ALA n 
1 75  GLY n 
1 76  GLU n 
1 77  MET n 
1 78  VAL n 
1 79  ILE n 
1 80  GLU n 
1 81  TYR n 
1 82  ALA n 
1 83  GLY n 
1 84  ASN n 
1 85  VAL n 
1 86  ILE n 
1 87  ARG n 
1 88  SER n 
1 89  ILE n 
1 90  GLN n 
1 91  THR n 
1 92  ASP n 
1 93  LYS n 
1 94  ARG n 
1 95  GLU n 
1 96  LYS n 
1 97  TYR n 
1 98  TYR n 
1 99  ASP n 
1 100 SER n 
1 101 LYS n 
1 102 GLY n 
1 103 ILE n 
1 104 GLY n 
1 105 CYS n 
1 106 TYR n 
1 107 MET n 
1 108 PHE n 
1 109 ARG n 
1 110 ILE n 
1 111 ASP n 
1 112 ASP n 
1 113 SER n 
1 114 GLU n 
1 115 VAL n 
1 116 VAL n 
1 117 ASP n 
1 118 ALA n 
1 119 THR n 
1 120 MET n 
1 121 HIS n 
1 122 GLY n 
1 123 ASN n 
1 124 ALA n 
1 125 ALA n 
1 126 ARG n 
1 127 PHE n 
1 128 ILE n 
1 129 ASN n 
1 130 HIS n 
1 131 SER n 
1 132 CYS n 
1 133 GLU n 
1 134 PRO n 
1 135 ASN n 
1 136 CYS n 
1 137 TYR n 
1 138 SER n 
1 139 ARG n 
1 140 VAL n 
1 141 ILE n 
1 142 ASN n 
1 143 ILE n 
1 144 ASP n 
1 145 GLY n 
1 146 GLN n 
1 147 LYS n 
1 148 HIS n 
1 149 ILE n 
1 150 VAL n 
1 151 ILE n 
1 152 PHE n 
1 153 ALA n 
1 154 MET n 
1 155 ARG n 
1 156 LYS n 
1 157 ILE n 
1 158 TYR n 
1 159 ARG n 
1 160 GLY n 
1 161 GLU n 
1 162 GLU n 
1 163 LEU n 
1 164 THR n 
1 165 TYR n 
1 166 ASP n 
1 167 TYR n 
1 168 LYS n 
1 169 PHE n 
1 170 PRO n 
1 171 ILE n 
1 172 GLU n 
1 173 ASP n 
1 174 ALA n 
1 175 SER n 
1 176 ASN n 
1 177 LYS n 
1 178 LEU n 
1 179 PRO n 
1 180 CYS n 
1 181 ASN n 
1 182 CYS n 
1 183 GLY n 
1 184 ALA n 
1 185 LYS n 
1 186 LYS n 
1 187 CYS n 
1 188 ARG n 
1 189 LYS n 
1 190 PHE n 
1 191 LEU n 
1 192 ASN n 
# 
_entity_src_gen.entity_id                          1 
_entity_src_gen.pdbx_src_id                        1 
_entity_src_gen.pdbx_alt_source_flag               sample 
_entity_src_gen.pdbx_seq_type                      ? 
_entity_src_gen.pdbx_beg_seq_num                   ? 
_entity_src_gen.pdbx_end_seq_num                   ? 
_entity_src_gen.gene_src_common_name               HUMAN 
_entity_src_gen.gene_src_genus                     ? 
_entity_src_gen.pdbx_gene_src_gene                 ? 
_entity_src_gen.gene_src_species                   ? 
_entity_src_gen.gene_src_strain                    ? 
_entity_src_gen.gene_src_tissue                    ? 
_entity_src_gen.gene_src_tissue_fraction           ? 
_entity_src_gen.gene_src_details                   ? 
_entity_src_gen.pdbx_gene_src_fragment             ? 
_entity_src_gen.pdbx_gene_src_scientific_name      'HOMO SAPIENS' 
_entity_src_gen.pdbx_gene_src_ncbi_taxonomy_id     9606 
_entity_src_gen.pdbx_gene_src_variant              ? 
_entity_src_gen.pdbx_gene_src_cell_line            ? 
_entity_src_gen.pdbx_gene_src_atcc                 ? 
_entity_src_gen.pdbx_gene_src_organ                ? 
_entity_src_gen.pdbx_gene_src_organelle            ? 
_entity_src_gen.pdbx_gene_src_cell                 ? 
_entity_src_gen.pdbx_gene_src_cellular_location    ? 
_entity_src_gen.host_org_common_name               ? 
_entity_src_gen.pdbx_host_org_scientific_name      'ESCHERICHIA COLI' 
_entity_src_gen.pdbx_host_org_ncbi_taxonomy_id     469008 
_entity_src_gen.host_org_genus                     ? 
_entity_src_gen.pdbx_host_org_gene                 ? 
_entity_src_gen.pdbx_host_org_organ                ? 
_entity_src_gen.host_org_species                   ? 
_entity_src_gen.pdbx_host_org_tissue               ? 
_entity_src_gen.pdbx_host_org_tissue_fraction      ? 
_entity_src_gen.pdbx_host_org_strain               'BL21(DE3)' 
_entity_src_gen.pdbx_host_org_variant              'ROSETTA 2' 
_entity_src_gen.pdbx_host_org_cell_line            ? 
_entity_src_gen.pdbx_host_org_atcc                 ? 
_entity_src_gen.pdbx_host_org_culture_collection   ? 
_entity_src_gen.pdbx_host_org_cell                 ? 
_entity_src_gen.pdbx_host_org_organelle            ? 
_entity_src_gen.pdbx_host_org_cellular_location    ? 
_entity_src_gen.pdbx_host_org_vector_type          ? 
_entity_src_gen.pdbx_host_org_vector               ? 
_entity_src_gen.host_org_details                   ? 
_entity_src_gen.expression_system_id               ? 
_entity_src_gen.plasmid_name                       PTHREE-E 
_entity_src_gen.plasmid_details                    ? 
_entity_src_gen.pdbx_description                   ? 
# 
loop_
_chem_comp.id 
_chem_comp.type 
_chem_comp.mon_nstd_flag 
_chem_comp.name 
_chem_comp.pdbx_synonyms 
_chem_comp.formula 
_chem_comp.formula_weight 
ALA 'L-peptide linking' y ALANINE                   ? 'C3 H7 N O2'      89.093  
ARG 'L-peptide linking' y ARGININE                  ? 'C6 H15 N4 O2 1'  175.209 
ASN 'L-peptide linking' y ASPARAGINE                ? 'C4 H8 N2 O3'     132.118 
ASP 'L-peptide linking' y 'ASPARTIC ACID'           ? 'C4 H7 N O4'      133.103 
CYS 'L-peptide linking' y CYSTEINE                  ? 'C3 H7 N O2 S'    121.158 
GLN 'L-peptide linking' y GLUTAMINE                 ? 'C5 H10 N2 O3'    146.144 
GLU 'L-peptide linking' y 'GLUTAMIC ACID'           ? 'C5 H9 N O4'      147.129 
GLY 'peptide linking'   y GLYCINE                   ? 'C2 H5 N O2'      75.067  
HIS 'L-peptide linking' y HISTIDINE                 ? 'C6 H10 N3 O2 1'  156.162 
HOH non-polymer         . WATER                     ? 'H2 O'            18.015  
ILE 'L-peptide linking' y ISOLEUCINE                ? 'C6 H13 N O2'     131.173 
LEU 'L-peptide linking' y LEUCINE                   ? 'C6 H13 N O2'     131.173 
LYS 'L-peptide linking' y LYSINE                    ? 'C6 H15 N2 O2 1'  147.195 
MET 'L-peptide linking' y METHIONINE                ? 'C5 H11 N O2 S'   149.211 
PHE 'L-peptide linking' y PHENYLALANINE             ? 'C9 H11 N O2'     165.189 
PRO 'L-peptide linking' y PROLINE                   ? 'C5 H9 N O2'      115.130 
SAH non-polymer         . S-ADENOSYL-L-HOMOCYSTEINE ? 'C14 H20 N6 O5 S' 384.411 
SER 'L-peptide linking' y SERINE                    ? 'C3 H7 N O3'      105.093 
THR 'L-peptide linking' y THREONINE                 ? 'C4 H9 N O3'      119.119 
TYR 'L-peptide linking' y TYROSINE                  ? 'C9 H11 N O3'     181.189 
VAL 'L-peptide linking' y VALINE                    ? 'C5 H11 N O2'     117.146 
ZN  non-polymer         . 'ZINC ION'                ? 'Zn 2'            65.409  
# 
loop_
_pdbx_poly_seq_scheme.asym_id 
_pdbx_poly_seq_scheme.entity_id 
_pdbx_poly_seq_scheme.seq_id 
_pdbx_poly_seq_scheme.mon_id 
_pdbx_poly_seq_scheme.ndb_seq_num 
_pdbx_poly_seq_scheme.pdb_seq_num 
_pdbx_poly_seq_scheme.auth_seq_num 
_pdbx_poly_seq_scheme.pdb_mon_id 
_pdbx_poly_seq_scheme.auth_mon_id 
_pdbx_poly_seq_scheme.pdb_strand_id 
_pdbx_poly_seq_scheme.pdb_ins_code 
_pdbx_poly_seq_scheme.hetero 
A 1 1   GLY 1   3778 ?    ?   ?   A . n 
A 1 2   PRO 2   3779 ?    ?   ?   A . n 
A 1 3   LEU 3   3780 ?    ?   ?   A . n 
A 1 4   GLY 4   3781 ?    ?   ?   A . n 
A 1 5   SER 5   3782 ?    ?   ?   A . n 
A 1 6   HIS 6   3783 ?    ?   ?   A . n 
A 1 7   MET 7   3784 ?    ?   ?   A . n 
A 1 8   HIS 8   3785 ?    ?   ?   A . n 
A 1 9   ARG 9   3786 ?    ?   ?   A . n 
A 1 10  GLN 10  3787 ?    ?   ?   A . n 
A 1 11  PRO 11  3788 ?    ?   ?   A . n 
A 1 12  PRO 12  3789 ?    ?   ?   A . n 
A 1 13  GLU 13  3790 ?    ?   ?   A . n 
A 1 14  TYR 14  3791 ?    ?   ?   A . n 
A 1 15  ASN 15  3792 ?    ?   ?   A . n 
A 1 16  PRO 16  3793 3793 PRO PRO A . n 
A 1 17  ASN 17  3794 3794 ASN ASN A . n 
A 1 18  ASP 18  3795 3795 ASP ASP A . n 
A 1 19  GLU 19  3796 3796 GLU GLU A . n 
A 1 20  GLU 20  3797 3797 GLU GLU A . n 
A 1 21  GLU 21  3798 3798 GLU GLU A . n 
A 1 22  GLU 22  3799 3799 GLU GLU A . n 
A 1 23  GLU 23  3800 3800 GLU GLU A . n 
A 1 24  VAL 24  3801 3801 VAL VAL A . n 
A 1 25  GLN 25  3802 3802 GLN GLN A . n 
A 1 26  LEU 26  3803 3803 LEU LEU A . n 
A 1 27  LYS 27  3804 3804 LYS LYS A . n 
A 1 28  SER 28  3805 3805 SER SER A . n 
A 1 29  ALA 29  3806 3806 ALA ALA A . n 
A 1 30  ARG 30  3807 3807 ARG ARG A . n 
A 1 31  ARG 31  3808 3808 ARG ARG A . n 
A 1 32  ALA 32  3809 3809 ALA ALA A . n 
A 1 33  THR 33  3810 3810 THR THR A . n 
A 1 34  SER 34  3811 3811 SER SER A . n 
A 1 35  MET 35  3812 3812 MET MET A . n 
A 1 36  ASP 36  3813 3813 ASP ASP A . n 
A 1 37  LEU 37  3814 3814 LEU LEU A . n 
A 1 38  PRO 38  3815 3815 PRO PRO A . n 
A 1 39  MET 39  3816 3816 MET MET A . n 
A 1 40  PRO 40  3817 3817 PRO PRO A . n 
A 1 41  MET 41  3818 3818 MET MET A . n 
A 1 42  ARG 42  3819 3819 ARG ARG A . n 
A 1 43  PHE 43  3820 3820 PHE PHE A . n 
A 1 44  ARG 44  3821 3821 ARG ARG A . n 
A 1 45  HIS 45  3822 3822 HIS HIS A . n 
A 1 46  LEU 46  3823 3823 LEU LEU A . n 
A 1 47  LYS 47  3824 3824 LYS LYS A . n 
A 1 48  LYS 48  3825 3825 LYS LYS A . n 
A 1 49  THR 49  3826 3826 THR THR A . n 
A 1 50  SER 50  3827 3827 SER SER A . n 
A 1 51  LYS 51  3828 3828 LYS LYS A . n 
A 1 52  GLU 52  3829 3829 GLU GLU A . n 
A 1 53  ALA 53  3830 3830 ALA ALA A . n 
A 1 54  VAL 54  3831 3831 VAL VAL A . n 
A 1 55  GLY 55  3832 3832 GLY GLY A . n 
A 1 56  VAL 56  3833 3833 VAL VAL A . n 
A 1 57  TYR 57  3834 3834 TYR TYR A . n 
A 1 58  ARG 58  3835 3835 ARG ARG A . n 
A 1 59  SER 59  3836 3836 SER SER A . n 
A 1 60  PRO 60  3837 3837 PRO PRO A . n 
A 1 61  ILE 61  3838 3838 ILE ILE A . n 
A 1 62  HIS 62  3839 3839 HIS HIS A . n 
A 1 63  GLY 63  3840 3840 GLY GLY A . n 
A 1 64  ARG 64  3841 3841 ARG ARG A . n 
A 1 65  GLY 65  3842 3842 GLY GLY A . n 
A 1 66  LEU 66  3843 3843 LEU LEU A . n 
A 1 67  PHE 67  3844 3844 PHE PHE A . n 
A 1 68  CYS 68  3845 3845 CYS CYS A . n 
A 1 69  LYS 69  3846 3846 LYS LYS A . n 
A 1 70  ARG 70  3847 3847 ARG ARG A . n 
A 1 71  ASN 71  3848 3848 ASN ASN A . n 
A 1 72  ILE 72  3849 3849 ILE ILE A . n 
A 1 73  ASP 73  3850 3850 ASP ASP A . n 
A 1 74  ALA 74  3851 3851 ALA ALA A . n 
A 1 75  GLY 75  3852 3852 GLY GLY A . n 
A 1 76  GLU 76  3853 3853 GLU GLU A . n 
A 1 77  MET 77  3854 3854 MET MET A . n 
A 1 78  VAL 78  3855 3855 VAL VAL A . n 
A 1 79  ILE 79  3856 3856 ILE ILE A . n 
A 1 80  GLU 80  3857 3857 GLU GLU A . n 
A 1 81  TYR 81  3858 3858 TYR TYR A . n 
A 1 82  ALA 82  3859 3859 ALA ALA A . n 
A 1 83  GLY 83  3860 3860 GLY GLY A . n 
A 1 84  ASN 84  3861 3861 ASN ASN A . n 
A 1 85  VAL 85  3862 3862 VAL VAL A . n 
A 1 86  ILE 86  3863 3863 ILE ILE A . n 
A 1 87  ARG 87  3864 3864 ARG ARG A . n 
A 1 88  SER 88  3865 3865 SER SER A . n 
A 1 89  ILE 89  3866 3866 ILE ILE A . n 
A 1 90  GLN 90  3867 3867 GLN GLN A . n 
A 1 91  THR 91  3868 3868 THR THR A . n 
A 1 92  ASP 92  3869 3869 ASP ASP A . n 
A 1 93  LYS 93  3870 3870 LYS LYS A . n 
A 1 94  ARG 94  3871 3871 ARG ARG A . n 
A 1 95  GLU 95  3872 3872 GLU GLU A . n 
A 1 96  LYS 96  3873 3873 LYS LYS A . n 
A 1 97  TYR 97  3874 3874 TYR TYR A . n 
A 1 98  TYR 98  3875 3875 TYR TYR A . n 
A 1 99  ASP 99  3876 3876 ASP ASP A . n 
A 1 100 SER 100 3877 3877 SER SER A . n 
A 1 101 LYS 101 3878 3878 LYS LYS A . n 
A 1 102 GLY 102 3879 3879 GLY GLY A . n 
A 1 103 ILE 103 3880 3880 ILE ILE A . n 
A 1 104 GLY 104 3881 3881 GLY GLY A . n 
A 1 105 CYS 105 3882 3882 CYS CYS A . n 
A 1 106 TYR 106 3883 3883 TYR TYR A . n 
A 1 107 MET 107 3884 3884 MET MET A . n 
A 1 108 PHE 108 3885 3885 PHE PHE A . n 
A 1 109 ARG 109 3886 3886 ARG ARG A . n 
A 1 110 ILE 110 3887 3887 ILE ILE A . n 
A 1 111 ASP 111 3888 3888 ASP ASP A . n 
A 1 112 ASP 112 3889 3889 ASP ASP A . n 
A 1 113 SER 113 3890 3890 SER SER A . n 
A 1 114 GLU 114 3891 3891 GLU GLU A . n 
A 1 115 VAL 115 3892 3892 VAL VAL A . n 
A 1 116 VAL 116 3893 3893 VAL VAL A . n 
A 1 117 ASP 117 3894 3894 ASP ASP A . n 
A 1 118 ALA 118 3895 3895 ALA ALA A . n 
A 1 119 THR 119 3896 3896 THR THR A . n 
A 1 120 MET 120 3897 3897 MET MET A . n 
A 1 121 HIS 121 3898 3898 HIS HIS A . n 
A 1 122 GLY 122 3899 3899 GLY GLY A . n 
A 1 123 ASN 123 3900 3900 ASN ASN A . n 
A 1 124 ALA 124 3901 3901 ALA ALA A . n 
A 1 125 ALA 125 3902 3902 ALA ALA A . n 
A 1 126 ARG 126 3903 3903 ARG ARG A . n 
A 1 127 PHE 127 3904 3904 PHE PHE A . n 
A 1 128 ILE 128 3905 3905 ILE ILE A . n 
A 1 129 ASN 129 3906 3906 ASN ASN A . n 
A 1 130 HIS 130 3907 3907 HIS HIS A . n 
A 1 131 SER 131 3908 3908 SER SER A . n 
A 1 132 CYS 132 3909 3909 CYS CYS A . n 
A 1 133 GLU 133 3910 3910 GLU GLU A . n 
A 1 134 PRO 134 3911 3911 PRO PRO A . n 
A 1 135 ASN 135 3912 3912 ASN ASN A . n 
A 1 136 CYS 136 3913 3913 CYS CYS A . n 
A 1 137 TYR 137 3914 3914 TYR TYR A . n 
A 1 138 SER 138 3915 3915 SER SER A . n 
A 1 139 ARG 139 3916 3916 ARG ARG A . n 
A 1 140 VAL 140 3917 3917 VAL VAL A . n 
A 1 141 ILE 141 3918 3918 ILE ILE A . n 
A 1 142 ASN 142 3919 3919 ASN ASN A . n 
A 1 143 ILE 143 3920 3920 ILE ILE A . n 
A 1 144 ASP 144 3921 3921 ASP ASP A . n 
A 1 145 GLY 145 3922 3922 GLY GLY A . n 
A 1 146 GLN 146 3923 3923 GLN GLN A . n 
A 1 147 LYS 147 3924 3924 LYS LYS A . n 
A 1 148 HIS 148 3925 3925 HIS HIS A . n 
A 1 149 ILE 149 3926 3926 ILE ILE A . n 
A 1 150 VAL 150 3927 3927 VAL VAL A . n 
A 1 151 ILE 151 3928 3928 ILE ILE A . n 
A 1 152 PHE 152 3929 3929 PHE PHE A . n 
A 1 153 ALA 153 3930 3930 ALA ALA A . n 
A 1 154 MET 154 3931 3931 MET MET A . n 
A 1 155 ARG 155 3932 3932 ARG ARG A . n 
A 1 156 LYS 156 3933 3933 LYS LYS A . n 
A 1 157 ILE 157 3934 3934 ILE ILE A . n 
A 1 158 TYR 158 3935 3935 TYR TYR A . n 
A 1 159 ARG 159 3936 3936 ARG ARG A . n 
A 1 160 GLY 160 3937 3937 GLY GLY A . n 
A 1 161 GLU 161 3938 3938 GLU GLU A . n 
A 1 162 GLU 162 3939 3939 GLU GLU A . n 
A 1 163 LEU 163 3940 3940 LEU LEU A . n 
A 1 164 THR 164 3941 3941 THR THR A . n 
A 1 165 TYR 165 3942 3942 TYR TYR A . n 
A 1 166 ASP 166 3943 3943 ASP ASP A . n 
A 1 167 TYR 167 3944 3944 TYR TYR A . n 
A 1 168 LYS 168 3945 3945 LYS LYS A . n 
A 1 169 PHE 169 3946 3946 PHE PHE A . n 
A 1 170 PRO 170 3947 ?    ?   ?   A . n 
A 1 171 ILE 171 3948 ?    ?   ?   A . n 
A 1 172 GLU 172 3949 ?    ?   ?   A . n 
A 1 173 ASP 173 3950 ?    ?   ?   A . n 
A 1 174 ALA 174 3951 ?    ?   ?   A . n 
A 1 175 SER 175 3952 ?    ?   ?   A . n 
A 1 176 ASN 176 3953 ?    ?   ?   A . n 
A 1 177 LYS 177 3954 3954 LYS LYS A . n 
A 1 178 LEU 178 3955 3955 LEU LEU A . n 
A 1 179 PRO 179 3956 3956 PRO PRO A . n 
A 1 180 CYS 180 3957 3957 CYS CYS A . n 
A 1 181 ASN 181 3958 3958 ASN ASN A . n 
A 1 182 CYS 182 3959 3959 CYS CYS A . n 
A 1 183 GLY 183 3960 3960 GLY GLY A . n 
A 1 184 ALA 184 3961 3961 ALA ALA A . n 
A 1 185 LYS 185 3962 3962 LYS LYS A . n 
A 1 186 LYS 186 3963 3963 LYS LYS A . n 
A 1 187 CYS 187 3964 3964 CYS CYS A . n 
A 1 188 ARG 188 3965 3965 ARG ARG A . n 
A 1 189 LYS 189 3966 3966 LYS LYS A . n 
A 1 190 PHE 190 3967 3967 PHE PHE A . n 
A 1 191 LEU 191 3968 3968 LEU LEU A . n 
A 1 192 ASN 192 3969 3969 ASN ASN A . n 
# 
loop_
_pdbx_nonpoly_scheme.asym_id 
_pdbx_nonpoly_scheme.entity_id 
_pdbx_nonpoly_scheme.mon_id 
_pdbx_nonpoly_scheme.ndb_seq_num 
_pdbx_nonpoly_scheme.pdb_seq_num 
_pdbx_nonpoly_scheme.auth_seq_num 
_pdbx_nonpoly_scheme.pdb_mon_id 
_pdbx_nonpoly_scheme.auth_mon_id 
_pdbx_nonpoly_scheme.pdb_strand_id 
_pdbx_nonpoly_scheme.pdb_ins_code 
B 2 ZN  1   4970 4970 ZN  ZN  A . 
C 3 SAH 1   4971 4971 SAH SAH A . 
D 4 HOH 1   2001 2001 HOH HOH A . 
D 4 HOH 2   2002 2002 HOH HOH A . 
D 4 HOH 3   2003 2003 HOH HOH A . 
D 4 HOH 4   2004 2004 HOH HOH A . 
D 4 HOH 5   2005 2005 HOH HOH A . 
D 4 HOH 6   2006 2006 HOH HOH A . 
D 4 HOH 7   2007 2007 HOH HOH A . 
D 4 HOH 8   2008 2008 HOH HOH A . 
D 4 HOH 9   2009 2009 HOH HOH A . 
D 4 HOH 10  2010 2010 HOH HOH A . 
D 4 HOH 11  2011 2011 HOH HOH A . 
D 4 HOH 12  2012 2012 HOH HOH A . 
D 4 HOH 13  2013 2013 HOH HOH A . 
D 4 HOH 14  2014 2014 HOH HOH A . 
D 4 HOH 15  2015 2015 HOH HOH A . 
D 4 HOH 16  2016 2016 HOH HOH A . 
D 4 HOH 17  2017 2017 HOH HOH A . 
D 4 HOH 18  2018 2018 HOH HOH A . 
D 4 HOH 19  2019 2019 HOH HOH A . 
D 4 HOH 20  2020 2020 HOH HOH A . 
D 4 HOH 21  2021 2021 HOH HOH A . 
D 4 HOH 22  2022 2022 HOH HOH A . 
D 4 HOH 23  2023 2023 HOH HOH A . 
D 4 HOH 24  2024 2024 HOH HOH A . 
D 4 HOH 25  2025 2025 HOH HOH A . 
D 4 HOH 26  2026 2026 HOH HOH A . 
D 4 HOH 27  2027 2027 HOH HOH A . 
D 4 HOH 28  2028 2028 HOH HOH A . 
D 4 HOH 29  2029 2029 HOH HOH A . 
D 4 HOH 30  2030 2030 HOH HOH A . 
D 4 HOH 31  2031 2031 HOH HOH A . 
D 4 HOH 32  2032 2032 HOH HOH A . 
D 4 HOH 33  2033 2033 HOH HOH A . 
D 4 HOH 34  2034 2034 HOH HOH A . 
D 4 HOH 35  2035 2035 HOH HOH A . 
D 4 HOH 36  2036 2036 HOH HOH A . 
D 4 HOH 37  2037 2037 HOH HOH A . 
D 4 HOH 38  2038 2038 HOH HOH A . 
D 4 HOH 39  2039 2039 HOH HOH A . 
D 4 HOH 40  2040 2040 HOH HOH A . 
D 4 HOH 41  2041 2041 HOH HOH A . 
D 4 HOH 42  2042 2042 HOH HOH A . 
D 4 HOH 43  2043 2043 HOH HOH A . 
D 4 HOH 44  2044 2044 HOH HOH A . 
D 4 HOH 45  2045 2045 HOH HOH A . 
D 4 HOH 46  2046 2046 HOH HOH A . 
D 4 HOH 47  2047 2047 HOH HOH A . 
D 4 HOH 48  2048 2048 HOH HOH A . 
D 4 HOH 49  2049 2049 HOH HOH A . 
D 4 HOH 50  2050 2050 HOH HOH A . 
D 4 HOH 51  2051 2051 HOH HOH A . 
D 4 HOH 52  2052 2052 HOH HOH A . 
D 4 HOH 53  2053 2053 HOH HOH A . 
D 4 HOH 54  2054 2054 HOH HOH A . 
D 4 HOH 55  2055 2055 HOH HOH A . 
D 4 HOH 56  2056 2056 HOH HOH A . 
D 4 HOH 57  2057 2057 HOH HOH A . 
D 4 HOH 58  2058 2058 HOH HOH A . 
D 4 HOH 59  2059 2059 HOH HOH A . 
D 4 HOH 60  2060 2060 HOH HOH A . 
D 4 HOH 61  2061 2061 HOH HOH A . 
D 4 HOH 62  2062 2062 HOH HOH A . 
D 4 HOH 63  2063 2063 HOH HOH A . 
D 4 HOH 64  2064 2064 HOH HOH A . 
D 4 HOH 65  2065 2065 HOH HOH A . 
D 4 HOH 66  2066 2066 HOH HOH A . 
D 4 HOH 67  2067 2067 HOH HOH A . 
D 4 HOH 68  2068 2068 HOH HOH A . 
D 4 HOH 69  2069 2069 HOH HOH A . 
D 4 HOH 70  2070 2070 HOH HOH A . 
D 4 HOH 71  2071 2071 HOH HOH A . 
D 4 HOH 72  2072 2072 HOH HOH A . 
D 4 HOH 73  2073 2073 HOH HOH A . 
D 4 HOH 74  2074 2074 HOH HOH A . 
D 4 HOH 75  2075 2075 HOH HOH A . 
D 4 HOH 76  2076 2076 HOH HOH A . 
D 4 HOH 77  2077 2077 HOH HOH A . 
D 4 HOH 78  2078 2078 HOH HOH A . 
D 4 HOH 79  2079 2079 HOH HOH A . 
D 4 HOH 80  2080 2080 HOH HOH A . 
D 4 HOH 81  2081 2081 HOH HOH A . 
D 4 HOH 82  2082 2082 HOH HOH A . 
D 4 HOH 83  2083 2083 HOH HOH A . 
D 4 HOH 84  2084 2084 HOH HOH A . 
D 4 HOH 85  2085 2085 HOH HOH A . 
D 4 HOH 86  2086 2086 HOH HOH A . 
D 4 HOH 87  2087 2087 HOH HOH A . 
D 4 HOH 88  2088 2088 HOH HOH A . 
D 4 HOH 89  2089 2089 HOH HOH A . 
D 4 HOH 90  2090 2090 HOH HOH A . 
D 4 HOH 91  2091 2091 HOH HOH A . 
D 4 HOH 92  2092 2092 HOH HOH A . 
D 4 HOH 93  2093 2093 HOH HOH A . 
D 4 HOH 94  2094 2094 HOH HOH A . 
D 4 HOH 95  2095 2095 HOH HOH A . 
D 4 HOH 96  2096 2096 HOH HOH A . 
D 4 HOH 97  2097 2097 HOH HOH A . 
D 4 HOH 98  2098 2098 HOH HOH A . 
D 4 HOH 99  2099 2099 HOH HOH A . 
D 4 HOH 100 2100 2100 HOH HOH A . 
D 4 HOH 101 2101 2101 HOH HOH A . 
D 4 HOH 102 2102 2102 HOH HOH A . 
D 4 HOH 103 2103 2103 HOH HOH A . 
D 4 HOH 104 2104 2104 HOH HOH A . 
D 4 HOH 105 2105 2105 HOH HOH A . 
D 4 HOH 106 2106 2106 HOH HOH A . 
D 4 HOH 107 2107 2107 HOH HOH A . 
D 4 HOH 108 2108 2108 HOH HOH A . 
D 4 HOH 109 2109 2109 HOH HOH A . 
D 4 HOH 110 2110 2110 HOH HOH A . 
D 4 HOH 111 2111 2111 HOH HOH A . 
D 4 HOH 112 2112 2112 HOH HOH A . 
D 4 HOH 113 2113 2113 HOH HOH A . 
D 4 HOH 114 2114 2114 HOH HOH A . 
D 4 HOH 115 2115 2115 HOH HOH A . 
D 4 HOH 116 2116 2116 HOH HOH A . 
D 4 HOH 117 2117 2117 HOH HOH A . 
D 4 HOH 118 2118 2118 HOH HOH A . 
D 4 HOH 119 2119 2119 HOH HOH A . 
D 4 HOH 120 2120 2120 HOH HOH A . 
D 4 HOH 121 2121 2121 HOH HOH A . 
D 4 HOH 122 2122 2122 HOH HOH A . 
D 4 HOH 123 2123 2123 HOH HOH A . 
D 4 HOH 124 2124 2124 HOH HOH A . 
D 4 HOH 125 2125 2125 HOH HOH A . 
D 4 HOH 126 2126 2126 HOH HOH A . 
D 4 HOH 127 2127 2127 HOH HOH A . 
D 4 HOH 128 2128 2128 HOH HOH A . 
D 4 HOH 129 2129 2129 HOH HOH A . 
D 4 HOH 130 2130 2130 HOH HOH A . 
# 
loop_
_pdbx_unobs_or_zero_occ_atoms.id 
_pdbx_unobs_or_zero_occ_atoms.PDB_model_num 
_pdbx_unobs_or_zero_occ_atoms.polymer_flag 
_pdbx_unobs_or_zero_occ_atoms.occupancy_flag 
_pdbx_unobs_or_zero_occ_atoms.auth_asym_id 
_pdbx_unobs_or_zero_occ_atoms.auth_comp_id 
_pdbx_unobs_or_zero_occ_atoms.auth_seq_id 
_pdbx_unobs_or_zero_occ_atoms.PDB_ins_code 
_pdbx_unobs_or_zero_occ_atoms.auth_atom_id 
_pdbx_unobs_or_zero_occ_atoms.label_alt_id 
_pdbx_unobs_or_zero_occ_atoms.label_asym_id 
_pdbx_unobs_or_zero_occ_atoms.label_comp_id 
_pdbx_unobs_or_zero_occ_atoms.label_seq_id 
_pdbx_unobs_or_zero_occ_atoms.label_atom_id 
1  1 Y 1 A GLU 3796 ? CG  ? A GLU 19  CG  
2  1 Y 1 A GLU 3796 ? CD  ? A GLU 19  CD  
3  1 Y 1 A GLU 3796 ? OE1 ? A GLU 19  OE1 
4  1 Y 1 A GLU 3796 ? OE2 ? A GLU 19  OE2 
5  1 Y 1 A GLU 3797 ? CG  ? A GLU 20  CG  
6  1 Y 1 A GLU 3797 ? CD  ? A GLU 20  CD  
7  1 Y 1 A GLU 3797 ? OE1 ? A GLU 20  OE1 
8  1 Y 1 A GLU 3797 ? OE2 ? A GLU 20  OE2 
9  1 Y 1 A LYS 3954 ? CG  ? A LYS 177 CG  
10 1 Y 1 A LYS 3954 ? CD  ? A LYS 177 CD  
11 1 Y 1 A LYS 3954 ? CE  ? A LYS 177 CE  
12 1 Y 1 A LYS 3954 ? NZ  ? A LYS 177 NZ  
13 1 Y 1 A LEU 3955 ? CG  ? A LEU 178 CG  
14 1 Y 1 A LEU 3955 ? CD1 ? A LEU 178 CD1 
15 1 Y 1 A LEU 3955 ? CD2 ? A LEU 178 CD2 
16 1 Y 1 A LYS 3962 ? CD  ? A LYS 185 CD  
17 1 Y 1 A LYS 3962 ? CE  ? A LYS 185 CE  
18 1 Y 1 A LYS 3962 ? NZ  ? A LYS 185 NZ  
19 1 Y 1 A LYS 3963 ? CE  ? A LYS 186 CE  
20 1 Y 1 A LYS 3963 ? NZ  ? A LYS 186 NZ  
21 1 Y 1 A LYS 3966 ? CD  ? A LYS 189 CD  
22 1 Y 1 A LYS 3966 ? CE  ? A LYS 189 CE  
23 1 Y 1 A LYS 3966 ? NZ  ? A LYS 189 NZ  
24 1 Y 1 A ASN 3969 ? CG  ? A ASN 192 CG  
25 1 Y 1 A ASN 3969 ? OD1 ? A ASN 192 OD1 
26 1 Y 1 A ASN 3969 ? ND2 ? A ASN 192 ND2 
# 
loop_
_software.name 
_software.classification 
_software.version 
_software.citation_id 
_software.pdbx_ordinal 
PHENIX    refinement       '(PHENIX.REFINE)' ? 1 
MOSFLM    'data reduction' .                 ? 2 
SCALEPACK 'data scaling'   .                 ? 3 
PHENIX    phasing          .                 ? 4 
# 
_cell.entry_id           2W5Y 
_cell.length_a           48.850 
_cell.length_b           56.210 
_cell.length_c           78.240 
_cell.angle_alpha        90.00 
_cell.angle_beta         90.00 
_cell.angle_gamma        90.00 
_cell.Z_PDB              4 
_cell.pdbx_unique_axis   ? 
# 
_symmetry.entry_id                         2W5Y 
_symmetry.space_group_name_H-M             'P 21 21 21' 
_symmetry.pdbx_full_space_group_name_H-M   ? 
_symmetry.cell_setting                     ? 
_symmetry.Int_Tables_number                19 
# 
_exptl.entry_id          2W5Y 
_exptl.method            'X-RAY DIFFRACTION' 
_exptl.crystals_number   1 
# 
_exptl_crystal.id                    1 
_exptl_crystal.density_meas          ? 
_exptl_crystal.density_Matthews      2.32 
_exptl_crystal.density_percent_sol   47 
_exptl_crystal.description           NONE 
# 
_exptl_crystal_grow.crystal_id      1 
_exptl_crystal_grow.method          ? 
_exptl_crystal_grow.temp            ? 
_exptl_crystal_grow.temp_details    ? 
_exptl_crystal_grow.pH              6.8 
_exptl_crystal_grow.pdbx_pH_range   ? 
_exptl_crystal_grow.pdbx_details    '0.1 M SODIUM CACODYLATE, PH6.5, 2 % PEG 8000, 30 % 2-METHYL-2,4-PENTANDIOL, pH 6.8' 
# 
_diffrn.id                     1 
_diffrn.ambient_temp           287 
_diffrn.ambient_temp_details   ? 
_diffrn.crystal_id             1 
# 
_diffrn_detector.diffrn_id              1 
_diffrn_detector.detector               CCD 
_diffrn_detector.type                   'ADSC CCD' 
_diffrn_detector.pdbx_collection_date   2008-04-13 
_diffrn_detector.details                MIRRORS 
# 
_diffrn_radiation.diffrn_id                        1 
_diffrn_radiation.wavelength_id                    1 
_diffrn_radiation.pdbx_monochromatic_or_laue_m_l   M 
_diffrn_radiation.monochromator                    'GRAPHIC CRYSTAL' 
_diffrn_radiation.pdbx_diffrn_protocol             'SINGLE WAVELENGTH' 
_diffrn_radiation.pdbx_scattering_type             x-ray 
# 
_diffrn_radiation_wavelength.id           1 
_diffrn_radiation_wavelength.wavelength   0.9200 
_diffrn_radiation_wavelength.wt           1.0 
# 
_diffrn_source.diffrn_id                   1 
_diffrn_source.source                      SYNCHROTRON 
_diffrn_source.type                        'DIAMOND BEAMLINE I03' 
_diffrn_source.pdbx_synchrotron_site       Diamond 
_diffrn_source.pdbx_synchrotron_beamline   I03 
_diffrn_source.pdbx_wavelength             0.9200 
_diffrn_source.pdbx_wavelength_list        ? 
# 
_reflns.pdbx_diffrn_id               1 
_reflns.pdbx_ordinal                 1 
_reflns.entry_id                     2W5Y 
_reflns.observed_criterion_sigma_I   2.0 
_reflns.observed_criterion_sigma_F   ? 
_reflns.d_resolution_low             56.20 
_reflns.d_resolution_high            2.00 
_reflns.number_obs                   13868 
_reflns.number_all                   ? 
_reflns.percent_possible_obs         96.8 
_reflns.pdbx_Rmerge_I_obs            0.08 
_reflns.pdbx_Rsym_value              ? 
_reflns.pdbx_netI_over_sigmaI        12.50 
_reflns.B_iso_Wilson_estimate        27.77 
_reflns.pdbx_redundancy              4.0 
# 
_reflns_shell.pdbx_diffrn_id         1 
_reflns_shell.pdbx_ordinal           1 
_reflns_shell.d_res_high             2.00 
_reflns_shell.d_res_low              2.10 
_reflns_shell.percent_possible_all   84.2 
_reflns_shell.Rmerge_I_obs           0.34 
_reflns_shell.pdbx_Rsym_value        ? 
_reflns_shell.meanI_over_sigI_obs    2.60 
_reflns_shell.pdbx_redundancy        2.8 
# 
_refine.pdbx_refine_id                           'X-RAY DIFFRACTION' 
_refine.entry_id                                 2W5Y 
_refine.pdbx_diffrn_id                           1 
_refine.pdbx_TLS_residual_ADP_flag               ? 
_refine.ls_number_reflns_obs                     26312 
_refine.ls_number_reflns_all                     ? 
_refine.pdbx_ls_sigma_I                          ? 
_refine.pdbx_ls_sigma_F                          1.450 
_refine.pdbx_data_cutoff_high_absF               ? 
_refine.pdbx_data_cutoff_low_absF                ? 
_refine.pdbx_data_cutoff_high_rms_absF           ? 
_refine.ls_d_res_low                             23.66 
_refine.ls_d_res_high                            2.00 
_refine.ls_percent_reflns_obs                    93.7 
_refine.ls_R_factor_obs                          0.191 
_refine.ls_R_factor_all                          ? 
_refine.ls_R_factor_R_work                       0.187 
_refine.ls_R_factor_R_free                       0.264 
_refine.ls_R_factor_R_free_error                 ? 
_refine.ls_R_factor_R_free_error_details         ? 
_refine.ls_percent_reflns_R_free                 4.800 
_refine.ls_number_reflns_R_free                  1268 
_refine.ls_number_parameters                     ? 
_refine.ls_number_restraints                     ? 
_refine.occupancy_min                            ? 
_refine.occupancy_max                            ? 
_refine.correlation_coeff_Fo_to_Fc               ? 
_refine.correlation_coeff_Fo_to_Fc_free          ? 
_refine.B_iso_mean                               33.94 
_refine.aniso_B[1][1]                            -8.76790 
_refine.aniso_B[2][2]                            -4.78710 
_refine.aniso_B[3][3]                            13.55500 
_refine.aniso_B[1][2]                            -0.00000 
_refine.aniso_B[1][3]                            0.00000 
_refine.aniso_B[2][3]                            -0.00000 
_refine.solvent_model_details                    'FLAT BULK SOLVENT MODEL' 
_refine.solvent_model_param_ksol                 0.40 
_refine.solvent_model_param_bsol                 75.61 
_refine.pdbx_solvent_vdw_probe_radii             1.11 
_refine.pdbx_solvent_ion_probe_radii             ? 
_refine.pdbx_solvent_shrinkage_radii             0.90 
_refine.pdbx_ls_cross_valid_method               ? 
_refine.details                                  'DISORDERED REGIONS WERE NOT INCLUDED IN THE MODEL' 
_refine.pdbx_starting_model                      'PDB ENTRY 1PEG' 
_refine.pdbx_method_to_determine_struct          'MOLECULAR REPLACEMENT' 
_refine.pdbx_isotropic_thermal_model             ? 
_refine.pdbx_stereochemistry_target_values       ML 
_refine.pdbx_stereochem_target_val_spec_case     ? 
_refine.pdbx_R_Free_selection_details            ? 
_refine.pdbx_overall_ESU_R                       ? 
_refine.pdbx_overall_ESU_R_Free                  ? 
_refine.overall_SU_ML                            0.300 
_refine.pdbx_overall_phase_error                 23.940 
_refine.overall_SU_B                             ? 
_refine.overall_SU_R_Cruickshank_DPI             ? 
_refine.pdbx_overall_SU_R_free_Cruickshank_DPI   ? 
_refine.pdbx_overall_SU_R_Blow_DPI               ? 
_refine.pdbx_overall_SU_R_free_Blow_DPI          ? 
# 
_refine_hist.pdbx_refine_id                   'X-RAY DIFFRACTION' 
_refine_hist.cycle_id                         LAST 
_refine_hist.pdbx_number_atoms_protein        1351 
_refine_hist.pdbx_number_atoms_nucleic_acid   0 
_refine_hist.pdbx_number_atoms_ligand         27 
_refine_hist.number_atoms_solvent             130 
_refine_hist.number_atoms_total               1508 
_refine_hist.d_res_high                       2.00 
_refine_hist.d_res_low                        23.66 
# 
loop_
_refine_ls_restr.type 
_refine_ls_restr.dev_ideal 
_refine_ls_restr.dev_ideal_target 
_refine_ls_restr.weight 
_refine_ls_restr.number 
_refine_ls_restr.pdbx_refine_id 
_refine_ls_restr.pdbx_restraint_function 
f_bond_d           0.008  ? ? 1418 'X-RAY DIFFRACTION' ? 
f_angle_d          1.266  ? ? 1904 'X-RAY DIFFRACTION' ? 
f_dihedral_angle_d 19.338 ? ? 536  'X-RAY DIFFRACTION' ? 
f_chiral_restr     0.081  ? ? 198  'X-RAY DIFFRACTION' ? 
f_plane_restr      0.008  ? ? 246  'X-RAY DIFFRACTION' ? 
# 
loop_
_refine_ls_shell.pdbx_refine_id 
_refine_ls_shell.pdbx_total_number_of_bins_used 
_refine_ls_shell.d_res_high 
_refine_ls_shell.d_res_low 
_refine_ls_shell.number_reflns_R_work 
_refine_ls_shell.R_factor_R_work 
_refine_ls_shell.percent_reflns_obs 
_refine_ls_shell.R_factor_R_free 
_refine_ls_shell.R_factor_R_free_error 
_refine_ls_shell.percent_reflns_R_free 
_refine_ls_shell.number_reflns_R_free 
_refine_ls_shell.number_reflns_all 
_refine_ls_shell.R_factor_all 
'X-RAY DIFFRACTION' . 2.0003 2.0803  2048 0.2297 69.00  0.2437 . . 91  . . 
'X-RAY DIFFRACTION' . 2.0803 2.1749  2394 0.2219 82.00  0.2455 . . 143 . . 
'X-RAY DIFFRACTION' . 2.1749 2.2895  2895 0.2005 98.00  0.2934 . . 148 . . 
'X-RAY DIFFRACTION' . 2.2895 2.4328  2968 0.1883 99.00  0.2743 . . 161 . . 
'X-RAY DIFFRACTION' . 2.4328 2.6204  2954 0.1890 99.00  0.2756 . . 154 . . 
'X-RAY DIFFRACTION' . 2.6204 2.8837  2961 0.1786 99.00  0.2359 . . 137 . . 
'X-RAY DIFFRACTION' . 2.8837 3.3000  2991 0.1744 100.00 0.2463 . . 136 . . 
'X-RAY DIFFRACTION' . 3.3000 4.1540  2957 0.1602 100.00 0.2555 . . 163 . . 
'X-RAY DIFFRACTION' . 4.1540 23.6592 2876 0.1950 97.00  0.2721 . . 135 . . 
# 
_struct.entry_id                  2W5Y 
_struct.title                     
'Binary Complex of the Mixed Lineage Leukaemia (MLL1) SET Domain with the cofactor product S-Adenosylhomocysteine.' 
_struct.pdbx_model_details        ? 
_struct.pdbx_CASP_flag            ? 
_struct.pdbx_model_type_details   ? 
# 
_struct_keywords.entry_id        2W5Y 
_struct_keywords.pdbx_keywords   TRANSFERASE 
_struct_keywords.text            
;TRANSCRIPTION REGULATION, CHROMOSOMAL REARRANGEMENT, PROTEIN LYSINE METHYLTRANSFERASE, PROTO-ONCOGENE, PHOSPHOPROTEIN, UBL CONJUGATION, S-ADENOSYL-L-METHIONINE, MIXED LINEAGE LEUKAEMIA, POLYMORPHISM, TRANSCRIPTION, METAL-BINDING, ZINC-FINGER, DNA-BINDING, BROMODOMAIN, TRANSFERASE, METHYLTRANSFERASE, CHROMATIN REGULATOR, ALTERNATIVE SPLICING, HISTONE MODIFICATION, MLL1, ZINC, KMT2A, NUCLEUS, APOPTOSIS, SET DOMAIN
;
# 
loop_
_struct_asym.id 
_struct_asym.pdbx_blank_PDB_chainid_flag 
_struct_asym.pdbx_modified 
_struct_asym.entity_id 
_struct_asym.details 
A N N 1 ? 
B N N 2 ? 
C N N 3 ? 
D N N 4 ? 
# 
loop_
_struct_ref.id 
_struct_ref.db_name 
_struct_ref.db_code 
_struct_ref.entity_id 
_struct_ref.pdbx_seq_one_letter_code 
_struct_ref.pdbx_align_begin 
_struct_ref.pdbx_db_accession 
_struct_ref.pdbx_db_isoform 
1 PDB 2W5Y      1 ? ? 2W5Y   ? 
2 UNP HRX_HUMAN 1 ? ? Q03164 ? 
# 
loop_
_struct_ref_seq.align_id 
_struct_ref_seq.ref_id 
_struct_ref_seq.pdbx_PDB_id_code 
_struct_ref_seq.pdbx_strand_id 
_struct_ref_seq.seq_align_beg 
_struct_ref_seq.pdbx_seq_align_beg_ins_code 
_struct_ref_seq.seq_align_end 
_struct_ref_seq.pdbx_seq_align_end_ins_code 
_struct_ref_seq.pdbx_db_accession 
_struct_ref_seq.db_align_beg 
_struct_ref_seq.pdbx_db_align_beg_ins_code 
_struct_ref_seq.db_align_end 
_struct_ref_seq.pdbx_db_align_end_ins_code 
_struct_ref_seq.pdbx_auth_seq_align_beg 
_struct_ref_seq.pdbx_auth_seq_align_end 
1 1 2W5Y A 1 ? 7   ? 2W5Y   3778 ? 3784 ? 3778 3784 
2 2 2W5Y A 8 ? 192 ? Q03164 3785 ? 3969 ? 3785 3969 
# 
_pdbx_struct_assembly.id                   1 
_pdbx_struct_assembly.details              author_and_software_defined_assembly 
_pdbx_struct_assembly.method_details       PQS 
_pdbx_struct_assembly.oligomeric_details   monomeric 
_pdbx_struct_assembly.oligomeric_count     1 
# 
_pdbx_struct_assembly_gen.assembly_id       1 
_pdbx_struct_assembly_gen.oper_expression   1 
_pdbx_struct_assembly_gen.asym_id_list      A,B,C,D 
# 
_pdbx_struct_oper_list.id                   1 
_pdbx_struct_oper_list.type                 'identity operation' 
_pdbx_struct_oper_list.name                 1_555 
_pdbx_struct_oper_list.symmetry_operation   x,y,z 
_pdbx_struct_oper_list.matrix[1][1]         1.0000000000 
_pdbx_struct_oper_list.matrix[1][2]         0.0000000000 
_pdbx_struct_oper_list.matrix[1][3]         0.0000000000 
_pdbx_struct_oper_list.vector[1]            0.0000000000 
_pdbx_struct_oper_list.matrix[2][1]         0.0000000000 
_pdbx_struct_oper_list.matrix[2][2]         1.0000000000 
_pdbx_struct_oper_list.matrix[2][3]         0.0000000000 
_pdbx_struct_oper_list.vector[2]            0.0000000000 
_pdbx_struct_oper_list.matrix[3][1]         0.0000000000 
_pdbx_struct_oper_list.matrix[3][2]         0.0000000000 
_pdbx_struct_oper_list.matrix[3][3]         1.0000000000 
_pdbx_struct_oper_list.vector[3]            0.0000000000 
# 
_struct_biol.id   1 
# 
loop_
_struct_conf.conf_type_id 
_struct_conf.id 
_struct_conf.pdbx_PDB_helix_id 
_struct_conf.beg_label_comp_id 
_struct_conf.beg_label_asym_id 
_struct_conf.beg_label_seq_id 
_struct_conf.pdbx_beg_PDB_ins_code 
_struct_conf.end_label_comp_id 
_struct_conf.end_label_asym_id 
_struct_conf.end_label_seq_id 
_struct_conf.pdbx_end_PDB_ins_code 
_struct_conf.beg_auth_comp_id 
_struct_conf.beg_auth_asym_id 
_struct_conf.beg_auth_seq_id 
_struct_conf.end_auth_comp_id 
_struct_conf.end_auth_asym_id 
_struct_conf.end_auth_seq_id 
_struct_conf.pdbx_PDB_helix_class 
_struct_conf.details 
_struct_conf.pdbx_PDB_helix_length 
HELX_P HELX_P1 1 ASP A 18  ? GLU A 23  ? ASP A 3795 GLU A 3800 5 ? 6  
HELX_P HELX_P2 2 ARG A 31  ? MET A 35  ? ARG A 3808 MET A 3812 5 ? 5  
HELX_P HELX_P3 3 PRO A 38  ? ARG A 44  ? PRO A 3815 ARG A 3821 1 ? 7  
HELX_P HELX_P4 4 HIS A 45  ? ALA A 53  ? HIS A 3822 ALA A 3830 1 ? 9  
HELX_P HELX_P5 5 GLN A 90  ? GLY A 102 ? GLN A 3867 GLY A 3879 1 ? 13 
HELX_P HELX_P6 6 ASN A 123 ? ILE A 128 ? ASN A 3900 ILE A 3905 5 ? 6  
# 
_struct_conf_type.id          HELX_P 
_struct_conf_type.criteria    ? 
_struct_conf_type.reference   ? 
# 
loop_
_struct_conn.id 
_struct_conn.conn_type_id 
_struct_conn.pdbx_leaving_atom_flag 
_struct_conn.pdbx_PDB_id 
_struct_conn.ptnr1_label_asym_id 
_struct_conn.ptnr1_label_comp_id 
_struct_conn.ptnr1_label_seq_id 
_struct_conn.ptnr1_label_atom_id 
_struct_conn.pdbx_ptnr1_label_alt_id 
_struct_conn.pdbx_ptnr1_PDB_ins_code 
_struct_conn.pdbx_ptnr1_standard_comp_id 
_struct_conn.ptnr1_symmetry 
_struct_conn.ptnr2_label_asym_id 
_struct_conn.ptnr2_label_comp_id 
_struct_conn.ptnr2_label_seq_id 
_struct_conn.ptnr2_label_atom_id 
_struct_conn.pdbx_ptnr2_label_alt_id 
_struct_conn.pdbx_ptnr2_PDB_ins_code 
_struct_conn.ptnr1_auth_asym_id 
_struct_conn.ptnr1_auth_comp_id 
_struct_conn.ptnr1_auth_seq_id 
_struct_conn.ptnr2_auth_asym_id 
_struct_conn.ptnr2_auth_comp_id 
_struct_conn.ptnr2_auth_seq_id 
_struct_conn.ptnr2_symmetry 
_struct_conn.pdbx_ptnr3_label_atom_id 
_struct_conn.pdbx_ptnr3_label_seq_id 
_struct_conn.pdbx_ptnr3_label_comp_id 
_struct_conn.pdbx_ptnr3_label_asym_id 
_struct_conn.pdbx_ptnr3_label_alt_id 
_struct_conn.pdbx_ptnr3_PDB_ins_code 
_struct_conn.details 
_struct_conn.pdbx_dist_value 
_struct_conn.pdbx_value_order 
_struct_conn.pdbx_role 
metalc1 metalc ? ? A CYS 132 SG ? ? ? 1_555 B ZN . ZN ? ? A CYS 3909 A ZN 4970 1_555 ? ? ? ? ? ? ? 2.524 ? ? 
metalc2 metalc ? ? A CYS 180 SG ? ? ? 1_555 B ZN . ZN ? ? A CYS 3957 A ZN 4970 1_555 ? ? ? ? ? ? ? 2.288 ? ? 
metalc3 metalc ? ? A CYS 182 SG ? ? ? 1_555 B ZN . ZN ? ? A CYS 3959 A ZN 4970 1_555 ? ? ? ? ? ? ? 2.418 ? ? 
# 
_struct_conn_type.id          metalc 
_struct_conn_type.criteria    ? 
_struct_conn_type.reference   ? 
# 
loop_
_pdbx_struct_conn_angle.id 
_pdbx_struct_conn_angle.ptnr1_label_atom_id 
_pdbx_struct_conn_angle.ptnr1_label_alt_id 
_pdbx_struct_conn_angle.ptnr1_label_asym_id 
_pdbx_struct_conn_angle.ptnr1_label_comp_id 
_pdbx_struct_conn_angle.ptnr1_label_seq_id 
_pdbx_struct_conn_angle.ptnr1_auth_atom_id 
_pdbx_struct_conn_angle.ptnr1_auth_asym_id 
_pdbx_struct_conn_angle.ptnr1_auth_comp_id 
_pdbx_struct_conn_angle.ptnr1_auth_seq_id 
_pdbx_struct_conn_angle.ptnr1_PDB_ins_code 
_pdbx_struct_conn_angle.ptnr1_symmetry 
_pdbx_struct_conn_angle.ptnr2_label_atom_id 
_pdbx_struct_conn_angle.ptnr2_label_alt_id 
_pdbx_struct_conn_angle.ptnr2_label_asym_id 
_pdbx_struct_conn_angle.ptnr2_label_comp_id 
_pdbx_struct_conn_angle.ptnr2_label_seq_id 
_pdbx_struct_conn_angle.ptnr2_auth_atom_id 
_pdbx_struct_conn_angle.ptnr2_auth_asym_id 
_pdbx_struct_conn_angle.ptnr2_auth_comp_id 
_pdbx_struct_conn_angle.ptnr2_auth_seq_id 
_pdbx_struct_conn_angle.ptnr2_PDB_ins_code 
_pdbx_struct_conn_angle.ptnr2_symmetry 
_pdbx_struct_conn_angle.ptnr3_label_atom_id 
_pdbx_struct_conn_angle.ptnr3_label_alt_id 
_pdbx_struct_conn_angle.ptnr3_label_asym_id 
_pdbx_struct_conn_angle.ptnr3_label_comp_id 
_pdbx_struct_conn_angle.ptnr3_label_seq_id 
_pdbx_struct_conn_angle.ptnr3_auth_atom_id 
_pdbx_struct_conn_angle.ptnr3_auth_asym_id 
_pdbx_struct_conn_angle.ptnr3_auth_comp_id 
_pdbx_struct_conn_angle.ptnr3_auth_seq_id 
_pdbx_struct_conn_angle.ptnr3_PDB_ins_code 
_pdbx_struct_conn_angle.ptnr3_symmetry 
_pdbx_struct_conn_angle.value 
_pdbx_struct_conn_angle.value_esd 
1 SG ? A CYS 132 ? A CYS 3909 ? 1_555 ZN ? B ZN . ? A ZN 4970 ? 1_555 SG ? A CYS 180 ? A CYS 3957 ? 1_555 110.3 ? 
2 SG ? A CYS 132 ? A CYS 3909 ? 1_555 ZN ? B ZN . ? A ZN 4970 ? 1_555 SG ? A CYS 182 ? A CYS 3959 ? 1_555 112.4 ? 
3 SG ? A CYS 180 ? A CYS 3957 ? 1_555 ZN ? B ZN . ? A ZN 4970 ? 1_555 SG ? A CYS 182 ? A CYS 3959 ? 1_555 108.2 ? 
# 
loop_
_struct_sheet.id 
_struct_sheet.type 
_struct_sheet.number_strands 
_struct_sheet.details 
AA ? 4 ? 
AB ? 3 ? 
AC ? 3 ? 
# 
loop_
_struct_sheet_order.sheet_id 
_struct_sheet_order.range_id_1 
_struct_sheet_order.range_id_2 
_struct_sheet_order.offset 
_struct_sheet_order.sense 
AA 1 2 ? anti-parallel 
AA 2 3 ? anti-parallel 
AA 3 4 ? parallel      
AB 1 2 ? anti-parallel 
AB 2 3 ? anti-parallel 
AC 1 2 ? anti-parallel 
AC 2 3 ? anti-parallel 
# 
loop_
_struct_sheet_range.sheet_id 
_struct_sheet_range.id 
_struct_sheet_range.beg_label_comp_id 
_struct_sheet_range.beg_label_asym_id 
_struct_sheet_range.beg_label_seq_id 
_struct_sheet_range.pdbx_beg_PDB_ins_code 
_struct_sheet_range.end_label_comp_id 
_struct_sheet_range.end_label_asym_id 
_struct_sheet_range.end_label_seq_id 
_struct_sheet_range.pdbx_end_PDB_ins_code 
_struct_sheet_range.beg_auth_comp_id 
_struct_sheet_range.beg_auth_asym_id 
_struct_sheet_range.beg_auth_seq_id 
_struct_sheet_range.end_auth_comp_id 
_struct_sheet_range.end_auth_asym_id 
_struct_sheet_range.end_auth_seq_id 
AA 1 VAL A 54  ? ARG A 58  ? VAL A 3831 ARG A 3835 
AA 2 ARG A 64  ? CYS A 68  ? ARG A 3841 CYS A 3845 
AA 3 GLU A 162 ? TYR A 165 ? GLU A 3939 TYR A 3942 
AA 4 ASN A 129 ? HIS A 130 ? ASN A 3906 HIS A 3907 
AB 1 MET A 77  ? GLU A 80  ? MET A 3854 GLU A 3857 
AB 2 GLN A 146 ? ALA A 153 ? GLN A 3923 ALA A 3930 
AB 3 CYS A 136 ? ILE A 143 ? CYS A 3913 ILE A 3920 
AC 1 ASN A 84  ? ARG A 87  ? ASN A 3861 ARG A 3864 
AC 2 GLU A 114 ? ASP A 117 ? GLU A 3891 ASP A 3894 
AC 3 MET A 107 ? ARG A 109 ? MET A 3884 ARG A 3886 
# 
loop_
_pdbx_struct_sheet_hbond.sheet_id 
_pdbx_struct_sheet_hbond.range_id_1 
_pdbx_struct_sheet_hbond.range_id_2 
_pdbx_struct_sheet_hbond.range_1_label_atom_id 
_pdbx_struct_sheet_hbond.range_1_label_comp_id 
_pdbx_struct_sheet_hbond.range_1_label_asym_id 
_pdbx_struct_sheet_hbond.range_1_label_seq_id 
_pdbx_struct_sheet_hbond.range_1_PDB_ins_code 
_pdbx_struct_sheet_hbond.range_1_auth_atom_id 
_pdbx_struct_sheet_hbond.range_1_auth_comp_id 
_pdbx_struct_sheet_hbond.range_1_auth_asym_id 
_pdbx_struct_sheet_hbond.range_1_auth_seq_id 
_pdbx_struct_sheet_hbond.range_2_label_atom_id 
_pdbx_struct_sheet_hbond.range_2_label_comp_id 
_pdbx_struct_sheet_hbond.range_2_label_asym_id 
_pdbx_struct_sheet_hbond.range_2_label_seq_id 
_pdbx_struct_sheet_hbond.range_2_PDB_ins_code 
_pdbx_struct_sheet_hbond.range_2_auth_atom_id 
_pdbx_struct_sheet_hbond.range_2_auth_comp_id 
_pdbx_struct_sheet_hbond.range_2_auth_asym_id 
_pdbx_struct_sheet_hbond.range_2_auth_seq_id 
AA 1 2 N TYR A 57  ? N TYR A 3834 O GLY A 65  ? O GLY A 3842 
AA 2 3 O LEU A 66  ? O LEU A 3843 N LEU A 163 ? N LEU A 3940 
AA 3 4 N TYR A 165 ? N TYR A 3942 O ASN A 129 ? O ASN A 3906 
AB 1 2 N VAL A 78  ? N VAL A 3855 O ILE A 151 ? O ILE A 3928 
AB 2 3 N PHE A 152 ? N PHE A 3929 O TYR A 137 ? O TYR A 3914 
AC 1 2 N ILE A 86  ? N ILE A 3863 O VAL A 115 ? O VAL A 3892 
AC 2 3 N VAL A 116 ? N VAL A 3893 O PHE A 108 ? O PHE A 3885 
# 
loop_
_struct_site.id 
_struct_site.pdbx_evidence_code 
_struct_site.pdbx_auth_asym_id 
_struct_site.pdbx_auth_comp_id 
_struct_site.pdbx_auth_seq_id 
_struct_site.pdbx_auth_ins_code 
_struct_site.pdbx_num_residues 
_struct_site.details 
AC1 Software ? ? ? ? 4  'BINDING SITE FOR RESIDUE ZN A4970'  
AC2 Software ? ? ? ? 13 'BINDING SITE FOR RESIDUE SAH A4971' 
# 
loop_
_struct_site_gen.id 
_struct_site_gen.site_id 
_struct_site_gen.pdbx_num_res 
_struct_site_gen.label_comp_id 
_struct_site_gen.label_asym_id 
_struct_site_gen.label_seq_id 
_struct_site_gen.pdbx_auth_ins_code 
_struct_site_gen.auth_comp_id 
_struct_site_gen.auth_asym_id 
_struct_site_gen.auth_seq_id 
_struct_site_gen.label_atom_id 
_struct_site_gen.label_alt_id 
_struct_site_gen.symmetry 
_struct_site_gen.details 
1  AC1 4  CYS A 132 ? CYS A 3909 . ? 1_555 ? 
2  AC1 4  CYS A 180 ? CYS A 3957 . ? 1_555 ? 
3  AC1 4  CYS A 182 ? CYS A 3959 . ? 1_555 ? 
4  AC1 4  CYS A 187 ? CYS A 3964 . ? 1_555 ? 
5  AC2 13 HOH D .   ? HOH A 2130 . ? 1_555 ? 
6  AC2 13 ILE A 61  ? ILE A 3838 . ? 1_555 ? 
7  AC2 13 HIS A 62  ? HIS A 3839 . ? 1_555 ? 
8  AC2 13 GLY A 63  ? GLY A 3840 . ? 1_555 ? 
9  AC2 13 ARG A 64  ? ARG A 3841 . ? 1_555 ? 
10 AC2 13 TYR A 106 ? TYR A 3883 . ? 1_555 ? 
11 AC2 13 ARG A 126 ? ARG A 3903 . ? 1_555 ? 
12 AC2 13 PHE A 127 ? PHE A 3904 . ? 1_555 ? 
13 AC2 13 ASN A 129 ? ASN A 3906 . ? 1_555 ? 
14 AC2 13 HIS A 130 ? HIS A 3907 . ? 1_555 ? 
15 AC2 13 TYR A 167 ? TYR A 3944 . ? 1_555 ? 
16 AC2 13 PRO A 179 ? PRO A 3956 . ? 1_555 ? 
17 AC2 13 ASN A 181 ? ASN A 3958 . ? 1_555 ? 
# 
_pdbx_entry_details.entry_id                   2W5Y 
_pdbx_entry_details.compound_details           ? 
_pdbx_entry_details.source_details             ? 
_pdbx_entry_details.nonpolymer_details         
;5'-DEOXY-S-ADENOSYL-L-HOMOCYSTEINE (SAH): ADOHCY
;
_pdbx_entry_details.sequence_details           
;CONSTRUCT USED FOR CRYSTALLISATION CONTAINS RESIDUES 3785
TO 3969
;
_pdbx_entry_details.has_ligand_of_interest     ? 
_pdbx_entry_details.has_protein_modification   N 
# 
_pdbx_validate_close_contact.id               1 
_pdbx_validate_close_contact.PDB_model_num    1 
_pdbx_validate_close_contact.auth_atom_id_1   O 
_pdbx_validate_close_contact.auth_asym_id_1   A 
_pdbx_validate_close_contact.auth_comp_id_1   HOH 
_pdbx_validate_close_contact.auth_seq_id_1    2085 
_pdbx_validate_close_contact.PDB_ins_code_1   ? 
_pdbx_validate_close_contact.label_alt_id_1   ? 
_pdbx_validate_close_contact.auth_atom_id_2   O 
_pdbx_validate_close_contact.auth_asym_id_2   A 
_pdbx_validate_close_contact.auth_comp_id_2   HOH 
_pdbx_validate_close_contact.auth_seq_id_2    2100 
_pdbx_validate_close_contact.PDB_ins_code_2   ? 
_pdbx_validate_close_contact.label_alt_id_2   ? 
_pdbx_validate_close_contact.dist             2.14 
# 
loop_
_pdbx_validate_torsion.id 
_pdbx_validate_torsion.PDB_model_num 
_pdbx_validate_torsion.auth_comp_id 
_pdbx_validate_torsion.auth_asym_id 
_pdbx_validate_torsion.auth_seq_id 
_pdbx_validate_torsion.PDB_ins_code 
_pdbx_validate_torsion.label_alt_id 
_pdbx_validate_torsion.phi 
_pdbx_validate_torsion.psi 
1 1 ASP A 3888 ? ? -160.52 -163.02 
2 1 ASN A 3900 ? ? -138.22 -158.79 
3 1 GLU A 3910 ? ? -118.83 71.74   
4 1 ALA A 3961 ? ? -20.11  133.15  
5 1 LYS A 3966 ? ? 72.66   -25.43  
# 
loop_
_pdbx_unobs_or_zero_occ_residues.id 
_pdbx_unobs_or_zero_occ_residues.PDB_model_num 
_pdbx_unobs_or_zero_occ_residues.polymer_flag 
_pdbx_unobs_or_zero_occ_residues.occupancy_flag 
_pdbx_unobs_or_zero_occ_residues.auth_asym_id 
_pdbx_unobs_or_zero_occ_residues.auth_comp_id 
_pdbx_unobs_or_zero_occ_residues.auth_seq_id 
_pdbx_unobs_or_zero_occ_residues.PDB_ins_code 
_pdbx_unobs_or_zero_occ_residues.label_asym_id 
_pdbx_unobs_or_zero_occ_residues.label_comp_id 
_pdbx_unobs_or_zero_occ_residues.label_seq_id 
1  1 Y 1 A GLY 3778 ? A GLY 1   
2  1 Y 1 A PRO 3779 ? A PRO 2   
3  1 Y 1 A LEU 3780 ? A LEU 3   
4  1 Y 1 A GLY 3781 ? A GLY 4   
5  1 Y 1 A SER 3782 ? A SER 5   
6  1 Y 1 A HIS 3783 ? A HIS 6   
7  1 Y 1 A MET 3784 ? A MET 7   
8  1 Y 1 A HIS 3785 ? A HIS 8   
9  1 Y 1 A ARG 3786 ? A ARG 9   
10 1 Y 1 A GLN 3787 ? A GLN 10  
11 1 Y 1 A PRO 3788 ? A PRO 11  
12 1 Y 1 A PRO 3789 ? A PRO 12  
13 1 Y 1 A GLU 3790 ? A GLU 13  
14 1 Y 1 A TYR 3791 ? A TYR 14  
15 1 Y 1 A ASN 3792 ? A ASN 15  
16 1 Y 1 A PRO 3947 ? A PRO 170 
17 1 Y 1 A ILE 3948 ? A ILE 171 
18 1 Y 1 A GLU 3949 ? A GLU 172 
19 1 Y 1 A ASP 3950 ? A ASP 173 
20 1 Y 1 A ALA 3951 ? A ALA 174 
21 1 Y 1 A SER 3952 ? A SER 175 
22 1 Y 1 A ASN 3953 ? A ASN 176 
# 
loop_
_chem_comp_atom.comp_id 
_chem_comp_atom.atom_id 
_chem_comp_atom.type_symbol 
_chem_comp_atom.pdbx_aromatic_flag 
_chem_comp_atom.pdbx_stereo_config 
_chem_comp_atom.pdbx_ordinal 
ALA N      N  N N 1   
ALA CA     C  N S 2   
ALA C      C  N N 3   
ALA O      O  N N 4   
ALA CB     C  N N 5   
ALA OXT    O  N N 6   
ALA H      H  N N 7   
ALA H2     H  N N 8   
ALA HA     H  N N 9   
ALA HB1    H  N N 10  
ALA HB2    H  N N 11  
ALA HB3    H  N N 12  
ALA HXT    H  N N 13  
ARG N      N  N N 14  
ARG CA     C  N S 15  
ARG C      C  N N 16  
ARG O      O  N N 17  
ARG CB     C  N N 18  
ARG CG     C  N N 19  
ARG CD     C  N N 20  
ARG NE     N  N N 21  
ARG CZ     C  N N 22  
ARG NH1    N  N N 23  
ARG NH2    N  N N 24  
ARG OXT    O  N N 25  
ARG H      H  N N 26  
ARG H2     H  N N 27  
ARG HA     H  N N 28  
ARG HB2    H  N N 29  
ARG HB3    H  N N 30  
ARG HG2    H  N N 31  
ARG HG3    H  N N 32  
ARG HD2    H  N N 33  
ARG HD3    H  N N 34  
ARG HE     H  N N 35  
ARG HH11   H  N N 36  
ARG HH12   H  N N 37  
ARG HH21   H  N N 38  
ARG HH22   H  N N 39  
ARG HXT    H  N N 40  
ASN N      N  N N 41  
ASN CA     C  N S 42  
ASN C      C  N N 43  
ASN O      O  N N 44  
ASN CB     C  N N 45  
ASN CG     C  N N 46  
ASN OD1    O  N N 47  
ASN ND2    N  N N 48  
ASN OXT    O  N N 49  
ASN H      H  N N 50  
ASN H2     H  N N 51  
ASN HA     H  N N 52  
ASN HB2    H  N N 53  
ASN HB3    H  N N 54  
ASN HD21   H  N N 55  
ASN HD22   H  N N 56  
ASN HXT    H  N N 57  
ASP N      N  N N 58  
ASP CA     C  N S 59  
ASP C      C  N N 60  
ASP O      O  N N 61  
ASP CB     C  N N 62  
ASP CG     C  N N 63  
ASP OD1    O  N N 64  
ASP OD2    O  N N 65  
ASP OXT    O  N N 66  
ASP H      H  N N 67  
ASP H2     H  N N 68  
ASP HA     H  N N 69  
ASP HB2    H  N N 70  
ASP HB3    H  N N 71  
ASP HD2    H  N N 72  
ASP HXT    H  N N 73  
CYS N      N  N N 74  
CYS CA     C  N R 75  
CYS C      C  N N 76  
CYS O      O  N N 77  
CYS CB     C  N N 78  
CYS SG     S  N N 79  
CYS OXT    O  N N 80  
CYS H      H  N N 81  
CYS H2     H  N N 82  
CYS HA     H  N N 83  
CYS HB2    H  N N 84  
CYS HB3    H  N N 85  
CYS HG     H  N N 86  
CYS HXT    H  N N 87  
GLN N      N  N N 88  
GLN CA     C  N S 89  
GLN C      C  N N 90  
GLN O      O  N N 91  
GLN CB     C  N N 92  
GLN CG     C  N N 93  
GLN CD     C  N N 94  
GLN OE1    O  N N 95  
GLN NE2    N  N N 96  
GLN OXT    O  N N 97  
GLN H      H  N N 98  
GLN H2     H  N N 99  
GLN HA     H  N N 100 
GLN HB2    H  N N 101 
GLN HB3    H  N N 102 
GLN HG2    H  N N 103 
GLN HG3    H  N N 104 
GLN HE21   H  N N 105 
GLN HE22   H  N N 106 
GLN HXT    H  N N 107 
GLU N      N  N N 108 
GLU CA     C  N S 109 
GLU C      C  N N 110 
GLU O      O  N N 111 
GLU CB     C  N N 112 
GLU CG     C  N N 113 
GLU CD     C  N N 114 
GLU OE1    O  N N 115 
GLU OE2    O  N N 116 
GLU OXT    O  N N 117 
GLU H      H  N N 118 
GLU H2     H  N N 119 
GLU HA     H  N N 120 
GLU HB2    H  N N 121 
GLU HB3    H  N N 122 
GLU HG2    H  N N 123 
GLU HG3    H  N N 124 
GLU HE2    H  N N 125 
GLU HXT    H  N N 126 
GLY N      N  N N 127 
GLY CA     C  N N 128 
GLY C      C  N N 129 
GLY O      O  N N 130 
GLY OXT    O  N N 131 
GLY H      H  N N 132 
GLY H2     H  N N 133 
GLY HA2    H  N N 134 
GLY HA3    H  N N 135 
GLY HXT    H  N N 136 
HIS N      N  N N 137 
HIS CA     C  N S 138 
HIS C      C  N N 139 
HIS O      O  N N 140 
HIS CB     C  N N 141 
HIS CG     C  Y N 142 
HIS ND1    N  Y N 143 
HIS CD2    C  Y N 144 
HIS CE1    C  Y N 145 
HIS NE2    N  Y N 146 
HIS OXT    O  N N 147 
HIS H      H  N N 148 
HIS H2     H  N N 149 
HIS HA     H  N N 150 
HIS HB2    H  N N 151 
HIS HB3    H  N N 152 
HIS HD1    H  N N 153 
HIS HD2    H  N N 154 
HIS HE1    H  N N 155 
HIS HE2    H  N N 156 
HIS HXT    H  N N 157 
HOH O      O  N N 158 
HOH H1     H  N N 159 
HOH H2     H  N N 160 
ILE N      N  N N 161 
ILE CA     C  N S 162 
ILE C      C  N N 163 
ILE O      O  N N 164 
ILE CB     C  N S 165 
ILE CG1    C  N N 166 
ILE CG2    C  N N 167 
ILE CD1    C  N N 168 
ILE OXT    O  N N 169 
ILE H      H  N N 170 
ILE H2     H  N N 171 
ILE HA     H  N N 172 
ILE HB     H  N N 173 
ILE HG12   H  N N 174 
ILE HG13   H  N N 175 
ILE HG21   H  N N 176 
ILE HG22   H  N N 177 
ILE HG23   H  N N 178 
ILE HD11   H  N N 179 
ILE HD12   H  N N 180 
ILE HD13   H  N N 181 
ILE HXT    H  N N 182 
LEU N      N  N N 183 
LEU CA     C  N S 184 
LEU C      C  N N 185 
LEU O      O  N N 186 
LEU CB     C  N N 187 
LEU CG     C  N N 188 
LEU CD1    C  N N 189 
LEU CD2    C  N N 190 
LEU OXT    O  N N 191 
LEU H      H  N N 192 
LEU H2     H  N N 193 
LEU HA     H  N N 194 
LEU HB2    H  N N 195 
LEU HB3    H  N N 196 
LEU HG     H  N N 197 
LEU HD11   H  N N 198 
LEU HD12   H  N N 199 
LEU HD13   H  N N 200 
LEU HD21   H  N N 201 
LEU HD22   H  N N 202 
LEU HD23   H  N N 203 
LEU HXT    H  N N 204 
LYS N      N  N N 205 
LYS CA     C  N S 206 
LYS C      C  N N 207 
LYS O      O  N N 208 
LYS CB     C  N N 209 
LYS CG     C  N N 210 
LYS CD     C  N N 211 
LYS CE     C  N N 212 
LYS NZ     N  N N 213 
LYS OXT    O  N N 214 
LYS H      H  N N 215 
LYS H2     H  N N 216 
LYS HA     H  N N 217 
LYS HB2    H  N N 218 
LYS HB3    H  N N 219 
LYS HG2    H  N N 220 
LYS HG3    H  N N 221 
LYS HD2    H  N N 222 
LYS HD3    H  N N 223 
LYS HE2    H  N N 224 
LYS HE3    H  N N 225 
LYS HZ1    H  N N 226 
LYS HZ2    H  N N 227 
LYS HZ3    H  N N 228 
LYS HXT    H  N N 229 
MET N      N  N N 230 
MET CA     C  N S 231 
MET C      C  N N 232 
MET O      O  N N 233 
MET CB     C  N N 234 
MET CG     C  N N 235 
MET SD     S  N N 236 
MET CE     C  N N 237 
MET OXT    O  N N 238 
MET H      H  N N 239 
MET H2     H  N N 240 
MET HA     H  N N 241 
MET HB2    H  N N 242 
MET HB3    H  N N 243 
MET HG2    H  N N 244 
MET HG3    H  N N 245 
MET HE1    H  N N 246 
MET HE2    H  N N 247 
MET HE3    H  N N 248 
MET HXT    H  N N 249 
PHE N      N  N N 250 
PHE CA     C  N S 251 
PHE C      C  N N 252 
PHE O      O  N N 253 
PHE CB     C  N N 254 
PHE CG     C  Y N 255 
PHE CD1    C  Y N 256 
PHE CD2    C  Y N 257 
PHE CE1    C  Y N 258 
PHE CE2    C  Y N 259 
PHE CZ     C  Y N 260 
PHE OXT    O  N N 261 
PHE H      H  N N 262 
PHE H2     H  N N 263 
PHE HA     H  N N 264 
PHE HB2    H  N N 265 
PHE HB3    H  N N 266 
PHE HD1    H  N N 267 
PHE HD2    H  N N 268 
PHE HE1    H  N N 269 
PHE HE2    H  N N 270 
PHE HZ     H  N N 271 
PHE HXT    H  N N 272 
PRO N      N  N N 273 
PRO CA     C  N S 274 
PRO C      C  N N 275 
PRO O      O  N N 276 
PRO CB     C  N N 277 
PRO CG     C  N N 278 
PRO CD     C  N N 279 
PRO OXT    O  N N 280 
PRO H      H  N N 281 
PRO HA     H  N N 282 
PRO HB2    H  N N 283 
PRO HB3    H  N N 284 
PRO HG2    H  N N 285 
PRO HG3    H  N N 286 
PRO HD2    H  N N 287 
PRO HD3    H  N N 288 
PRO HXT    H  N N 289 
SAH N      N  N N 290 
SAH CA     C  N S 291 
SAH CB     C  N N 292 
SAH CG     C  N N 293 
SAH SD     S  N N 294 
SAH C      C  N N 295 
SAH O      O  N N 296 
SAH OXT    O  N N 297 
SAH "C5'"  C  N N 298 
SAH "C4'"  C  N S 299 
SAH "O4'"  O  N N 300 
SAH "C3'"  C  N S 301 
SAH "O3'"  O  N N 302 
SAH "C2'"  C  N R 303 
SAH "O2'"  O  N N 304 
SAH "C1'"  C  N R 305 
SAH N9     N  Y N 306 
SAH C8     C  Y N 307 
SAH N7     N  Y N 308 
SAH C5     C  Y N 309 
SAH C6     C  Y N 310 
SAH N6     N  N N 311 
SAH N1     N  Y N 312 
SAH C2     C  Y N 313 
SAH N3     N  Y N 314 
SAH C4     C  Y N 315 
SAH HN1    H  N N 316 
SAH HN2    H  N N 317 
SAH HA     H  N N 318 
SAH HB1    H  N N 319 
SAH HB2    H  N N 320 
SAH HG1    H  N N 321 
SAH HG2    H  N N 322 
SAH HXT    H  N N 323 
SAH "H5'1" H  N N 324 
SAH "H5'2" H  N N 325 
SAH "H4'"  H  N N 326 
SAH "H3'"  H  N N 327 
SAH "HO3'" H  N N 328 
SAH "H2'"  H  N N 329 
SAH "HO2'" H  N N 330 
SAH "H1'"  H  N N 331 
SAH H8     H  N N 332 
SAH HN61   H  N N 333 
SAH HN62   H  N N 334 
SAH H2     H  N N 335 
SER N      N  N N 336 
SER CA     C  N S 337 
SER C      C  N N 338 
SER O      O  N N 339 
SER CB     C  N N 340 
SER OG     O  N N 341 
SER OXT    O  N N 342 
SER H      H  N N 343 
SER H2     H  N N 344 
SER HA     H  N N 345 
SER HB2    H  N N 346 
SER HB3    H  N N 347 
SER HG     H  N N 348 
SER HXT    H  N N 349 
THR N      N  N N 350 
THR CA     C  N S 351 
THR C      C  N N 352 
THR O      O  N N 353 
THR CB     C  N R 354 
THR OG1    O  N N 355 
THR CG2    C  N N 356 
THR OXT    O  N N 357 
THR H      H  N N 358 
THR H2     H  N N 359 
THR HA     H  N N 360 
THR HB     H  N N 361 
THR HG1    H  N N 362 
THR HG21   H  N N 363 
THR HG22   H  N N 364 
THR HG23   H  N N 365 
THR HXT    H  N N 366 
TYR N      N  N N 367 
TYR CA     C  N S 368 
TYR C      C  N N 369 
TYR O      O  N N 370 
TYR CB     C  N N 371 
TYR CG     C  Y N 372 
TYR CD1    C  Y N 373 
TYR CD2    C  Y N 374 
TYR CE1    C  Y N 375 
TYR CE2    C  Y N 376 
TYR CZ     C  Y N 377 
TYR OH     O  N N 378 
TYR OXT    O  N N 379 
TYR H      H  N N 380 
TYR H2     H  N N 381 
TYR HA     H  N N 382 
TYR HB2    H  N N 383 
TYR HB3    H  N N 384 
TYR HD1    H  N N 385 
TYR HD2    H  N N 386 
TYR HE1    H  N N 387 
TYR HE2    H  N N 388 
TYR HH     H  N N 389 
TYR HXT    H  N N 390 
VAL N      N  N N 391 
VAL CA     C  N S 392 
VAL C      C  N N 393 
VAL O      O  N N 394 
VAL CB     C  N N 395 
VAL CG1    C  N N 396 
VAL CG2    C  N N 397 
VAL OXT    O  N N 398 
VAL H      H  N N 399 
VAL H2     H  N N 400 
VAL HA     H  N N 401 
VAL HB     H  N N 402 
VAL HG11   H  N N 403 
VAL HG12   H  N N 404 
VAL HG13   H  N N 405 
VAL HG21   H  N N 406 
VAL HG22   H  N N 407 
VAL HG23   H  N N 408 
VAL HXT    H  N N 409 
ZN  ZN     ZN N N 410 
# 
loop_
_chem_comp_bond.comp_id 
_chem_comp_bond.atom_id_1 
_chem_comp_bond.atom_id_2 
_chem_comp_bond.value_order 
_chem_comp_bond.pdbx_aromatic_flag 
_chem_comp_bond.pdbx_stereo_config 
_chem_comp_bond.pdbx_ordinal 
ALA N     CA     sing N N 1   
ALA N     H      sing N N 2   
ALA N     H2     sing N N 3   
ALA CA    C      sing N N 4   
ALA CA    CB     sing N N 5   
ALA CA    HA     sing N N 6   
ALA C     O      doub N N 7   
ALA C     OXT    sing N N 8   
ALA CB    HB1    sing N N 9   
ALA CB    HB2    sing N N 10  
ALA CB    HB3    sing N N 11  
ALA OXT   HXT    sing N N 12  
ARG N     CA     sing N N 13  
ARG N     H      sing N N 14  
ARG N     H2     sing N N 15  
ARG CA    C      sing N N 16  
ARG CA    CB     sing N N 17  
ARG CA    HA     sing N N 18  
ARG C     O      doub N N 19  
ARG C     OXT    sing N N 20  
ARG CB    CG     sing N N 21  
ARG CB    HB2    sing N N 22  
ARG CB    HB3    sing N N 23  
ARG CG    CD     sing N N 24  
ARG CG    HG2    sing N N 25  
ARG CG    HG3    sing N N 26  
ARG CD    NE     sing N N 27  
ARG CD    HD2    sing N N 28  
ARG CD    HD3    sing N N 29  
ARG NE    CZ     sing N N 30  
ARG NE    HE     sing N N 31  
ARG CZ    NH1    sing N N 32  
ARG CZ    NH2    doub N N 33  
ARG NH1   HH11   sing N N 34  
ARG NH1   HH12   sing N N 35  
ARG NH2   HH21   sing N N 36  
ARG NH2   HH22   sing N N 37  
ARG OXT   HXT    sing N N 38  
ASN N     CA     sing N N 39  
ASN N     H      sing N N 40  
ASN N     H2     sing N N 41  
ASN CA    C      sing N N 42  
ASN CA    CB     sing N N 43  
ASN CA    HA     sing N N 44  
ASN C     O      doub N N 45  
ASN C     OXT    sing N N 46  
ASN CB    CG     sing N N 47  
ASN CB    HB2    sing N N 48  
ASN CB    HB3    sing N N 49  
ASN CG    OD1    doub N N 50  
ASN CG    ND2    sing N N 51  
ASN ND2   HD21   sing N N 52  
ASN ND2   HD22   sing N N 53  
ASN OXT   HXT    sing N N 54  
ASP N     CA     sing N N 55  
ASP N     H      sing N N 56  
ASP N     H2     sing N N 57  
ASP CA    C      sing N N 58  
ASP CA    CB     sing N N 59  
ASP CA    HA     sing N N 60  
ASP C     O      doub N N 61  
ASP C     OXT    sing N N 62  
ASP CB    CG     sing N N 63  
ASP CB    HB2    sing N N 64  
ASP CB    HB3    sing N N 65  
ASP CG    OD1    doub N N 66  
ASP CG    OD2    sing N N 67  
ASP OD2   HD2    sing N N 68  
ASP OXT   HXT    sing N N 69  
CYS N     CA     sing N N 70  
CYS N     H      sing N N 71  
CYS N     H2     sing N N 72  
CYS CA    C      sing N N 73  
CYS CA    CB     sing N N 74  
CYS CA    HA     sing N N 75  
CYS C     O      doub N N 76  
CYS C     OXT    sing N N 77  
CYS CB    SG     sing N N 78  
CYS CB    HB2    sing N N 79  
CYS CB    HB3    sing N N 80  
CYS SG    HG     sing N N 81  
CYS OXT   HXT    sing N N 82  
GLN N     CA     sing N N 83  
GLN N     H      sing N N 84  
GLN N     H2     sing N N 85  
GLN CA    C      sing N N 86  
GLN CA    CB     sing N N 87  
GLN CA    HA     sing N N 88  
GLN C     O      doub N N 89  
GLN C     OXT    sing N N 90  
GLN CB    CG     sing N N 91  
GLN CB    HB2    sing N N 92  
GLN CB    HB3    sing N N 93  
GLN CG    CD     sing N N 94  
GLN CG    HG2    sing N N 95  
GLN CG    HG3    sing N N 96  
GLN CD    OE1    doub N N 97  
GLN CD    NE2    sing N N 98  
GLN NE2   HE21   sing N N 99  
GLN NE2   HE22   sing N N 100 
GLN OXT   HXT    sing N N 101 
GLU N     CA     sing N N 102 
GLU N     H      sing N N 103 
GLU N     H2     sing N N 104 
GLU CA    C      sing N N 105 
GLU CA    CB     sing N N 106 
GLU CA    HA     sing N N 107 
GLU C     O      doub N N 108 
GLU C     OXT    sing N N 109 
GLU CB    CG     sing N N 110 
GLU CB    HB2    sing N N 111 
GLU CB    HB3    sing N N 112 
GLU CG    CD     sing N N 113 
GLU CG    HG2    sing N N 114 
GLU CG    HG3    sing N N 115 
GLU CD    OE1    doub N N 116 
GLU CD    OE2    sing N N 117 
GLU OE2   HE2    sing N N 118 
GLU OXT   HXT    sing N N 119 
GLY N     CA     sing N N 120 
GLY N     H      sing N N 121 
GLY N     H2     sing N N 122 
GLY CA    C      sing N N 123 
GLY CA    HA2    sing N N 124 
GLY CA    HA3    sing N N 125 
GLY C     O      doub N N 126 
GLY C     OXT    sing N N 127 
GLY OXT   HXT    sing N N 128 
HIS N     CA     sing N N 129 
HIS N     H      sing N N 130 
HIS N     H2     sing N N 131 
HIS CA    C      sing N N 132 
HIS CA    CB     sing N N 133 
HIS CA    HA     sing N N 134 
HIS C     O      doub N N 135 
HIS C     OXT    sing N N 136 
HIS CB    CG     sing N N 137 
HIS CB    HB2    sing N N 138 
HIS CB    HB3    sing N N 139 
HIS CG    ND1    sing Y N 140 
HIS CG    CD2    doub Y N 141 
HIS ND1   CE1    doub Y N 142 
HIS ND1   HD1    sing N N 143 
HIS CD2   NE2    sing Y N 144 
HIS CD2   HD2    sing N N 145 
HIS CE1   NE2    sing Y N 146 
HIS CE1   HE1    sing N N 147 
HIS NE2   HE2    sing N N 148 
HIS OXT   HXT    sing N N 149 
HOH O     H1     sing N N 150 
HOH O     H2     sing N N 151 
ILE N     CA     sing N N 152 
ILE N     H      sing N N 153 
ILE N     H2     sing N N 154 
ILE CA    C      sing N N 155 
ILE CA    CB     sing N N 156 
ILE CA    HA     sing N N 157 
ILE C     O      doub N N 158 
ILE C     OXT    sing N N 159 
ILE CB    CG1    sing N N 160 
ILE CB    CG2    sing N N 161 
ILE CB    HB     sing N N 162 
ILE CG1   CD1    sing N N 163 
ILE CG1   HG12   sing N N 164 
ILE CG1   HG13   sing N N 165 
ILE CG2   HG21   sing N N 166 
ILE CG2   HG22   sing N N 167 
ILE CG2   HG23   sing N N 168 
ILE CD1   HD11   sing N N 169 
ILE CD1   HD12   sing N N 170 
ILE CD1   HD13   sing N N 171 
ILE OXT   HXT    sing N N 172 
LEU N     CA     sing N N 173 
LEU N     H      sing N N 174 
LEU N     H2     sing N N 175 
LEU CA    C      sing N N 176 
LEU CA    CB     sing N N 177 
LEU CA    HA     sing N N 178 
LEU C     O      doub N N 179 
LEU C     OXT    sing N N 180 
LEU CB    CG     sing N N 181 
LEU CB    HB2    sing N N 182 
LEU CB    HB3    sing N N 183 
LEU CG    CD1    sing N N 184 
LEU CG    CD2    sing N N 185 
LEU CG    HG     sing N N 186 
LEU CD1   HD11   sing N N 187 
LEU CD1   HD12   sing N N 188 
LEU CD1   HD13   sing N N 189 
LEU CD2   HD21   sing N N 190 
LEU CD2   HD22   sing N N 191 
LEU CD2   HD23   sing N N 192 
LEU OXT   HXT    sing N N 193 
LYS N     CA     sing N N 194 
LYS N     H      sing N N 195 
LYS N     H2     sing N N 196 
LYS CA    C      sing N N 197 
LYS CA    CB     sing N N 198 
LYS CA    HA     sing N N 199 
LYS C     O      doub N N 200 
LYS C     OXT    sing N N 201 
LYS CB    CG     sing N N 202 
LYS CB    HB2    sing N N 203 
LYS CB    HB3    sing N N 204 
LYS CG    CD     sing N N 205 
LYS CG    HG2    sing N N 206 
LYS CG    HG3    sing N N 207 
LYS CD    CE     sing N N 208 
LYS CD    HD2    sing N N 209 
LYS CD    HD3    sing N N 210 
LYS CE    NZ     sing N N 211 
LYS CE    HE2    sing N N 212 
LYS CE    HE3    sing N N 213 
LYS NZ    HZ1    sing N N 214 
LYS NZ    HZ2    sing N N 215 
LYS NZ    HZ3    sing N N 216 
LYS OXT   HXT    sing N N 217 
MET N     CA     sing N N 218 
MET N     H      sing N N 219 
MET N     H2     sing N N 220 
MET CA    C      sing N N 221 
MET CA    CB     sing N N 222 
MET CA    HA     sing N N 223 
MET C     O      doub N N 224 
MET C     OXT    sing N N 225 
MET CB    CG     sing N N 226 
MET CB    HB2    sing N N 227 
MET CB    HB3    sing N N 228 
MET CG    SD     sing N N 229 
MET CG    HG2    sing N N 230 
MET CG    HG3    sing N N 231 
MET SD    CE     sing N N 232 
MET CE    HE1    sing N N 233 
MET CE    HE2    sing N N 234 
MET CE    HE3    sing N N 235 
MET OXT   HXT    sing N N 236 
PHE N     CA     sing N N 237 
PHE N     H      sing N N 238 
PHE N     H2     sing N N 239 
PHE CA    C      sing N N 240 
PHE CA    CB     sing N N 241 
PHE CA    HA     sing N N 242 
PHE C     O      doub N N 243 
PHE C     OXT    sing N N 244 
PHE CB    CG     sing N N 245 
PHE CB    HB2    sing N N 246 
PHE CB    HB3    sing N N 247 
PHE CG    CD1    doub Y N 248 
PHE CG    CD2    sing Y N 249 
PHE CD1   CE1    sing Y N 250 
PHE CD1   HD1    sing N N 251 
PHE CD2   CE2    doub Y N 252 
PHE CD2   HD2    sing N N 253 
PHE CE1   CZ     doub Y N 254 
PHE CE1   HE1    sing N N 255 
PHE CE2   CZ     sing Y N 256 
PHE CE2   HE2    sing N N 257 
PHE CZ    HZ     sing N N 258 
PHE OXT   HXT    sing N N 259 
PRO N     CA     sing N N 260 
PRO N     CD     sing N N 261 
PRO N     H      sing N N 262 
PRO CA    C      sing N N 263 
PRO CA    CB     sing N N 264 
PRO CA    HA     sing N N 265 
PRO C     O      doub N N 266 
PRO C     OXT    sing N N 267 
PRO CB    CG     sing N N 268 
PRO CB    HB2    sing N N 269 
PRO CB    HB3    sing N N 270 
PRO CG    CD     sing N N 271 
PRO CG    HG2    sing N N 272 
PRO CG    HG3    sing N N 273 
PRO CD    HD2    sing N N 274 
PRO CD    HD3    sing N N 275 
PRO OXT   HXT    sing N N 276 
SAH N     CA     sing N N 277 
SAH N     HN1    sing N N 278 
SAH N     HN2    sing N N 279 
SAH CA    CB     sing N N 280 
SAH CA    C      sing N N 281 
SAH CA    HA     sing N N 282 
SAH CB    CG     sing N N 283 
SAH CB    HB1    sing N N 284 
SAH CB    HB2    sing N N 285 
SAH CG    SD     sing N N 286 
SAH CG    HG1    sing N N 287 
SAH CG    HG2    sing N N 288 
SAH SD    "C5'"  sing N N 289 
SAH C     O      doub N N 290 
SAH C     OXT    sing N N 291 
SAH OXT   HXT    sing N N 292 
SAH "C5'" "C4'"  sing N N 293 
SAH "C5'" "H5'1" sing N N 294 
SAH "C5'" "H5'2" sing N N 295 
SAH "C4'" "O4'"  sing N N 296 
SAH "C4'" "C3'"  sing N N 297 
SAH "C4'" "H4'"  sing N N 298 
SAH "O4'" "C1'"  sing N N 299 
SAH "C3'" "O3'"  sing N N 300 
SAH "C3'" "C2'"  sing N N 301 
SAH "C3'" "H3'"  sing N N 302 
SAH "O3'" "HO3'" sing N N 303 
SAH "C2'" "O2'"  sing N N 304 
SAH "C2'" "C1'"  sing N N 305 
SAH "C2'" "H2'"  sing N N 306 
SAH "O2'" "HO2'" sing N N 307 
SAH "C1'" N9     sing N N 308 
SAH "C1'" "H1'"  sing N N 309 
SAH N9    C8     sing Y N 310 
SAH N9    C4     sing Y N 311 
SAH C8    N7     doub Y N 312 
SAH C8    H8     sing N N 313 
SAH N7    C5     sing Y N 314 
SAH C5    C6     sing Y N 315 
SAH C5    C4     doub Y N 316 
SAH C6    N6     sing N N 317 
SAH C6    N1     doub Y N 318 
SAH N6    HN61   sing N N 319 
SAH N6    HN62   sing N N 320 
SAH N1    C2     sing Y N 321 
SAH C2    N3     doub Y N 322 
SAH C2    H2     sing N N 323 
SAH N3    C4     sing Y N 324 
SER N     CA     sing N N 325 
SER N     H      sing N N 326 
SER N     H2     sing N N 327 
SER CA    C      sing N N 328 
SER CA    CB     sing N N 329 
SER CA    HA     sing N N 330 
SER C     O      doub N N 331 
SER C     OXT    sing N N 332 
SER CB    OG     sing N N 333 
SER CB    HB2    sing N N 334 
SER CB    HB3    sing N N 335 
SER OG    HG     sing N N 336 
SER OXT   HXT    sing N N 337 
THR N     CA     sing N N 338 
THR N     H      sing N N 339 
THR N     H2     sing N N 340 
THR CA    C      sing N N 341 
THR CA    CB     sing N N 342 
THR CA    HA     sing N N 343 
THR C     O      doub N N 344 
THR C     OXT    sing N N 345 
THR CB    OG1    sing N N 346 
THR CB    CG2    sing N N 347 
THR CB    HB     sing N N 348 
THR OG1   HG1    sing N N 349 
THR CG2   HG21   sing N N 350 
THR CG2   HG22   sing N N 351 
THR CG2   HG23   sing N N 352 
THR OXT   HXT    sing N N 353 
TYR N     CA     sing N N 354 
TYR N     H      sing N N 355 
TYR N     H2     sing N N 356 
TYR CA    C      sing N N 357 
TYR CA    CB     sing N N 358 
TYR CA    HA     sing N N 359 
TYR C     O      doub N N 360 
TYR C     OXT    sing N N 361 
TYR CB    CG     sing N N 362 
TYR CB    HB2    sing N N 363 
TYR CB    HB3    sing N N 364 
TYR CG    CD1    doub Y N 365 
TYR CG    CD2    sing Y N 366 
TYR CD1   CE1    sing Y N 367 
TYR CD1   HD1    sing N N 368 
TYR CD2   CE2    doub Y N 369 
TYR CD2   HD2    sing N N 370 
TYR CE1   CZ     doub Y N 371 
TYR CE1   HE1    sing N N 372 
TYR CE2   CZ     sing Y N 373 
TYR CE2   HE2    sing N N 374 
TYR CZ    OH     sing N N 375 
TYR OH    HH     sing N N 376 
TYR OXT   HXT    sing N N 377 
VAL N     CA     sing N N 378 
VAL N     H      sing N N 379 
VAL N     H2     sing N N 380 
VAL CA    C      sing N N 381 
VAL CA    CB     sing N N 382 
VAL CA    HA     sing N N 383 
VAL C     O      doub N N 384 
VAL C     OXT    sing N N 385 
VAL CB    CG1    sing N N 386 
VAL CB    CG2    sing N N 387 
VAL CB    HB     sing N N 388 
VAL CG1   HG11   sing N N 389 
VAL CG1   HG12   sing N N 390 
VAL CG1   HG13   sing N N 391 
VAL CG2   HG21   sing N N 392 
VAL CG2   HG22   sing N N 393 
VAL CG2   HG23   sing N N 394 
VAL OXT   HXT    sing N N 395 
# 
_pdbx_initial_refinement_model.id               1 
_pdbx_initial_refinement_model.entity_id_list   ? 
_pdbx_initial_refinement_model.type             'experimental model' 
_pdbx_initial_refinement_model.source_name      PDB 
_pdbx_initial_refinement_model.accession_code   1PEG 
_pdbx_initial_refinement_model.details          'PDB ENTRY 1PEG' 
# 
_atom_sites.entry_id                    2W5Y 
_atom_sites.fract_transf_matrix[1][1]   -0.00209793 
_atom_sites.fract_transf_matrix[1][2]   0.02029016 
_atom_sites.fract_transf_matrix[1][3]   -0.00172338 
_atom_sites.fract_transf_matrix[2][1]   0.01751243 
_atom_sites.fract_transf_matrix[2][2]   0.00201425 
_atom_sites.fract_transf_matrix[2][3]   0.00239620 
_atom_sites.fract_transf_matrix[3][1]   0.00182814 
_atom_sites.fract_transf_matrix[3][2]   -0.00088277 
_atom_sites.fract_transf_matrix[3][3]   -0.01261874 
_atom_sites.fract_transf_vector[1]      -0.606296 
_atom_sites.fract_transf_vector[2]      0.257803 
_atom_sites.fract_transf_vector[3]      0.196466 
# 
loop_
_atom_type.symbol 
C  
N  
O  
S  
ZN 
# 
loop_
_atom_site.group_PDB 
_atom_site.id 
_atom_site.type_symbol 
_atom_site.label_atom_id 
_atom_site.label_alt_id 
_atom_site.label_comp_id 
_atom_site.label_asym_id 
_atom_site.label_entity_id 
_atom_site.label_seq_id 
_atom_site.pdbx_PDB_ins_code 
_atom_site.Cartn_x 
_atom_site.Cartn_y 
_atom_site.Cartn_z 
_atom_site.occupancy 
_atom_site.B_iso_or_equiv 
_atom_site.pdbx_formal_charge 
_atom_site.auth_seq_id 
_atom_site.auth_comp_id 
_atom_site.auth_asym_id 
_atom_site.auth_atom_id 
_atom_site.pdbx_PDB_model_num 
ATOM   1    N  N     . PRO A 1 16  ? -21.020 43.715  5.361   1.00 58.09 ? 3793 PRO A N     1 
ATOM   2    C  CA    . PRO A 1 16  ? -20.819 42.412  6.011   1.00 59.30 ? 3793 PRO A CA    1 
ATOM   3    C  C     . PRO A 1 16  ? -19.374 41.939  5.884   1.00 58.88 ? 3793 PRO A C     1 
ATOM   4    O  O     . PRO A 1 16  ? -18.814 41.388  6.838   1.00 60.00 ? 3793 PRO A O     1 
ATOM   5    C  CB    . PRO A 1 16  ? -21.735 41.472  5.221   1.00 59.21 ? 3793 PRO A CB    1 
ATOM   6    C  CG    . PRO A 1 16  ? -22.698 42.357  4.500   1.00 59.32 ? 3793 PRO A CG    1 
ATOM   7    C  CD    . PRO A 1 16  ? -21.987 43.646  4.250   1.00 58.34 ? 3793 PRO A CD    1 
ATOM   8    N  N     . ASN A 1 17  ? -18.787 42.142  4.707   1.00 57.38 ? 3794 ASN A N     1 
ATOM   9    C  CA    . ASN A 1 17  ? -17.408 41.736  4.453   1.00 54.81 ? 3794 ASN A CA    1 
ATOM   10   C  C     . ASN A 1 17  ? -16.403 42.693  5.084   1.00 54.71 ? 3794 ASN A C     1 
ATOM   11   O  O     . ASN A 1 17  ? -15.196 42.501  4.953   1.00 53.06 ? 3794 ASN A O     1 
ATOM   12   C  CB    . ASN A 1 17  ? -17.148 41.631  2.946   1.00 46.86 ? 3794 ASN A CB    1 
ATOM   13   C  CG    . ASN A 1 17  ? -17.674 40.334  2.346   1.00 54.12 ? 3794 ASN A CG    1 
ATOM   14   O  OD1   . ASN A 1 17  ? -17.290 39.241  2.763   1.00 53.02 ? 3794 ASN A OD1   1 
ATOM   15   N  ND2   . ASN A 1 17  ? -18.543 40.454  1.346   1.00 49.52 ? 3794 ASN A ND2   1 
ATOM   16   N  N     . ASP A 1 18  ? -16.906 43.721  5.769   1.00 54.74 ? 3795 ASP A N     1 
ATOM   17   C  CA    . ASP A 1 18  ? -16.050 44.766  6.347   1.00 54.12 ? 3795 ASP A CA    1 
ATOM   18   C  C     . ASP A 1 18  ? -15.156 44.275  7.478   1.00 52.12 ? 3795 ASP A C     1 
ATOM   19   O  O     . ASP A 1 18  ? -13.965 44.597  7.525   1.00 48.59 ? 3795 ASP A O     1 
ATOM   20   C  CB    . ASP A 1 18  ? -16.895 45.942  6.836   1.00 53.99 ? 3795 ASP A CB    1 
ATOM   21   C  CG    . ASP A 1 18  ? -17.431 46.781  5.699   1.00 57.64 ? 3795 ASP A CG    1 
ATOM   22   O  OD1   . ASP A 1 18  ? -17.073 46.494  4.536   1.00 57.70 ? 3795 ASP A OD1   1 
ATOM   23   O  OD2   . ASP A 1 18  ? -18.204 47.729  5.965   1.00 62.54 ? 3795 ASP A OD2   1 
ATOM   24   N  N     . GLU A 1 19  ? -15.735 43.511  8.398   1.00 54.60 ? 3796 GLU A N     1 
ATOM   25   C  CA    . GLU A 1 19  ? -14.947 42.908  9.467   1.00 55.79 ? 3796 GLU A CA    1 
ATOM   26   C  C     . GLU A 1 19  ? -14.127 41.766  8.876   1.00 49.33 ? 3796 GLU A C     1 
ATOM   27   O  O     . GLU A 1 19  ? -13.089 41.387  9.411   1.00 56.58 ? 3796 GLU A O     1 
ATOM   28   C  CB    . GLU A 1 19  ? -15.852 42.407  10.596  1.00 57.68 ? 3796 GLU A CB    1 
ATOM   29   N  N     . GLU A 1 20  ? -14.597 41.247  7.746   1.00 47.34 ? 3797 GLU A N     1 
ATOM   30   C  CA    . GLU A 1 20  ? -13.941 40.147  7.051   1.00 47.01 ? 3797 GLU A CA    1 
ATOM   31   C  C     . GLU A 1 20  ? -12.769 40.581  6.160   1.00 45.26 ? 3797 GLU A C     1 
ATOM   32   O  O     . GLU A 1 20  ? -12.031 39.730  5.660   1.00 48.18 ? 3797 GLU A O     1 
ATOM   33   C  CB    . GLU A 1 20  ? -14.971 39.372  6.216   1.00 47.10 ? 3797 GLU A CB    1 
ATOM   34   N  N     . GLU A 1 21  ? -12.597 41.885  5.951   1.00 39.98 ? 3798 GLU A N     1 
ATOM   35   C  CA    . GLU A 1 21  ? -11.513 42.374  5.090   1.00 39.42 ? 3798 GLU A CA    1 
ATOM   36   C  C     . GLU A 1 21  ? -10.123 41.901  5.519   1.00 31.05 ? 3798 GLU A C     1 
ATOM   37   O  O     . GLU A 1 21  ? -9.255  41.677  4.669   1.00 31.44 ? 3798 GLU A O     1 
ATOM   38   C  CB    . GLU A 1 21  ? -11.520 43.912  4.986   1.00 33.26 ? 3798 GLU A CB    1 
ATOM   39   C  CG    . GLU A 1 21  ? -12.759 44.494  4.310   1.00 38.25 ? 3798 GLU A CG    1 
ATOM   40   C  CD    . GLU A 1 21  ? -12.678 46.002  4.096   1.00 39.95 ? 3798 GLU A CD    1 
ATOM   41   O  OE1   . GLU A 1 21  ? -11.707 46.645  4.569   1.00 36.60 ? 3798 GLU A OE1   1 
ATOM   42   O  OE2   . GLU A 1 21  ? -13.591 46.550  3.445   1.00 36.23 ? 3798 GLU A OE2   1 
ATOM   43   N  N     . GLU A 1 22  ? -9.887  41.782  6.824   1.00 32.92 ? 3799 GLU A N     1 
ATOM   44   C  CA    . GLU A 1 22  ? -8.552  41.401  7.301   1.00 33.02 ? 3799 GLU A CA    1 
ATOM   45   C  C     . GLU A 1 22  ? -8.457  39.964  7.801   1.00 35.49 ? 3799 GLU A C     1 
ATOM   46   O  O     . GLU A 1 22  ? -7.398  39.542  8.252   1.00 35.24 ? 3799 GLU A O     1 
ATOM   47   C  CB    . GLU A 1 22  ? -8.040  42.341  8.397   1.00 36.36 ? 3799 GLU A CB    1 
ATOM   48   C  CG    . GLU A 1 22  ? -7.683  43.753  7.932   1.00 37.35 ? 3799 GLU A CG    1 
ATOM   49   C  CD    . GLU A 1 22  ? -8.845  44.702  8.069   1.00 40.85 ? 3799 GLU A CD    1 
ATOM   50   O  OE1   . GLU A 1 22  ? -9.904  44.256  8.557   1.00 48.60 ? 3799 GLU A OE1   1 
ATOM   51   O  OE2   . GLU A 1 22  ? -8.705  45.892  7.705   1.00 45.07 ? 3799 GLU A OE2   1 
ATOM   52   N  N     . GLU A 1 23  ? -9.551  39.217  7.723   1.00 34.53 ? 3800 GLU A N     1 
ATOM   53   C  CA    . GLU A 1 23  ? -9.560  37.855  8.259   1.00 35.11 ? 3800 GLU A CA    1 
ATOM   54   C  C     . GLU A 1 23  ? -8.737  36.897  7.405   1.00 32.58 ? 3800 GLU A C     1 
ATOM   55   O  O     . GLU A 1 23  ? -8.602  37.078  6.192   1.00 31.38 ? 3800 GLU A O     1 
ATOM   56   C  CB    . GLU A 1 23  ? -10.990 37.316  8.385   1.00 34.59 ? 3800 GLU A CB    1 
ATOM   57   C  CG    . GLU A 1 23  ? -11.594 36.827  7.062   1.00 40.77 ? 3800 GLU A CG    1 
ATOM   58   C  CD    . GLU A 1 23  ? -12.558 35.650  7.235   1.00 51.81 ? 3800 GLU A CD    1 
ATOM   59   O  OE1   . GLU A 1 23  ? -13.769 35.808  6.943   1.00 55.80 ? 3800 GLU A OE1   1 
ATOM   60   O  OE2   . GLU A 1 23  ? -12.106 34.562  7.660   1.00 52.72 ? 3800 GLU A OE2   1 
ATOM   61   N  N     . VAL A 1 24  ? -8.200  35.868  8.049   1.00 31.15 ? 3801 VAL A N     1 
ATOM   62   C  CA    . VAL A 1 24  ? -7.492  34.807  7.345   1.00 31.27 ? 3801 VAL A CA    1 
ATOM   63   C  C     . VAL A 1 24  ? -8.487  34.008  6.520   1.00 29.22 ? 3801 VAL A C     1 
ATOM   64   O  O     . VAL A 1 24  ? -9.538  33.599  7.018   1.00 33.30 ? 3801 VAL A O     1 
ATOM   65   C  CB    . VAL A 1 24  ? -6.756  33.890  8.349   1.00 32.88 ? 3801 VAL A CB    1 
ATOM   66   C  CG1   . VAL A 1 24  ? -6.094  32.703  7.642   1.00 26.02 ? 3801 VAL A CG1   1 
ATOM   67   C  CG2   . VAL A 1 24  ? -5.723  34.703  9.138   1.00 33.00 ? 3801 VAL A CG2   1 
ATOM   68   N  N     . GLN A 1 25  ? -8.180  33.796  5.247   1.00 27.86 ? 3802 GLN A N     1 
ATOM   69   C  CA    . GLN A 1 25  ? -9.050  32.981  4.404   1.00 26.57 ? 3802 GLN A CA    1 
ATOM   70   C  C     . GLN A 1 25  ? -8.785  31.473  4.636   1.00 29.10 ? 3802 GLN A C     1 
ATOM   71   O  O     . GLN A 1 25  ? -7.638  31.043  4.689   1.00 27.85 ? 3802 GLN A O     1 
ATOM   72   C  CB    . GLN A 1 25  ? -8.861  33.352  2.942   1.00 23.21 ? 3802 GLN A CB    1 
ATOM   73   C  CG    . GLN A 1 25  ? -9.116  34.830  2.646   1.00 29.52 ? 3802 GLN A CG    1 
ATOM   74   C  CD    . GLN A 1 25  ? -10.456 35.318  3.180   1.00 34.93 ? 3802 GLN A CD    1 
ATOM   75   O  OE1   . GLN A 1 25  ? -10.518 36.126  4.112   1.00 34.48 ? 3802 GLN A OE1   1 
ATOM   76   N  NE2   . GLN A 1 25  ? -11.535 34.805  2.607   1.00 36.64 ? 3802 GLN A NE2   1 
ATOM   77   N  N     . LEU A 1 26  ? -9.846  30.687  4.777   1.00 28.53 ? 3803 LEU A N     1 
ATOM   78   C  CA    . LEU A 1 26  ? -9.711  29.268  5.084   1.00 34.85 ? 3803 LEU A CA    1 
ATOM   79   C  C     . LEU A 1 26  ? -10.113 28.394  3.915   1.00 32.27 ? 3803 LEU A C     1 
ATOM   80   O  O     . LEU A 1 26  ? -10.914 28.792  3.083   1.00 33.49 ? 3803 LEU A O     1 
ATOM   81   C  CB    . LEU A 1 26  ? -10.552 28.897  6.302   1.00 32.86 ? 3803 LEU A CB    1 
ATOM   82   C  CG    . LEU A 1 26  ? -10.201 29.617  7.606   1.00 36.67 ? 3803 LEU A CG    1 
ATOM   83   C  CD1   . LEU A 1 26  ? -11.118 29.141  8.724   1.00 41.97 ? 3803 LEU A CD1   1 
ATOM   84   C  CD2   . LEU A 1 26  ? -8.731  29.423  7.978   1.00 30.67 ? 3803 LEU A CD2   1 
ATOM   85   N  N     . LYS A 1 27  ? -9.540  27.200  3.860   1.00 33.73 ? 3804 LYS A N     1 
ATOM   86   C  CA    . LYS A 1 27  ? -9.926  26.207  2.876   1.00 34.65 ? 3804 LYS A CA    1 
ATOM   87   C  C     . LYS A 1 27  ? -9.587  24.813  3.407   1.00 37.50 ? 3804 LYS A C     1 
ATOM   88   O  O     . LYS A 1 27  ? -9.068  24.680  4.519   1.00 37.16 ? 3804 LYS A O     1 
ATOM   89   C  CB    . LYS A 1 27  ? -9.252  26.496  1.535   1.00 37.52 ? 3804 LYS A CB    1 
ATOM   90   C  CG    . LYS A 1 27  ? -7.907  27.183  1.660   1.00 39.09 ? 3804 LYS A CG    1 
ATOM   91   C  CD    . LYS A 1 27  ? -6.753  26.250  1.381   1.00 37.16 ? 3804 LYS A CD    1 
ATOM   92   C  CE    . LYS A 1 27  ? -6.262  26.394  -0.054  1.00 38.59 ? 3804 LYS A CE    1 
ATOM   93   N  NZ    . LYS A 1 27  ? -4.887  25.815  -0.202  1.00 47.69 ? 3804 LYS A NZ    1 
ATOM   94   N  N     . SER A 1 28  ? -9.898  23.779  2.630   1.00 33.14 ? 3805 SER A N     1 
ATOM   95   C  CA    . SER A 1 28  ? -9.598  22.408  3.040   1.00 38.06 ? 3805 SER A CA    1 
ATOM   96   C  C     . SER A 1 28  ? -8.098  22.193  3.206   1.00 33.23 ? 3805 SER A C     1 
ATOM   97   O  O     . SER A 1 28  ? -7.316  22.527  2.320   1.00 34.83 ? 3805 SER A O     1 
ATOM   98   C  CB    . SER A 1 28  ? -10.144 21.403  2.019   1.00 37.30 ? 3805 SER A CB    1 
ATOM   99   O  OG    . SER A 1 28  ? -11.533 21.220  2.190   1.00 50.66 ? 3805 SER A OG    1 
ATOM   100  N  N     . ALA A 1 29  ? -7.705  21.636  4.345   1.00 33.23 ? 3806 ALA A N     1 
ATOM   101  C  CA    . ALA A 1 29  ? -6.297  21.356  4.601   1.00 30.91 ? 3806 ALA A CA    1 
ATOM   102  C  C     . ALA A 1 29  ? -5.808  20.184  3.754   1.00 32.76 ? 3806 ALA A C     1 
ATOM   103  O  O     . ALA A 1 29  ? -6.509  19.185  3.589   1.00 31.36 ? 3806 ALA A O     1 
ATOM   104  C  CB    . ALA A 1 29  ? -6.069  21.077  6.076   1.00 29.89 ? 3806 ALA A CB    1 
ATOM   105  N  N     . ARG A 1 30  ? -4.599  20.308  3.218   1.00 26.54 ? 3807 ARG A N     1 
ATOM   106  C  CA    . ARG A 1 30  ? -4.012  19.229  2.454   1.00 28.94 ? 3807 ARG A CA    1 
ATOM   107  C  C     . ARG A 1 30  ? -3.295  18.240  3.389   1.00 30.26 ? 3807 ARG A C     1 
ATOM   108  O  O     . ARG A 1 30  ? -2.569  18.640  4.303   1.00 29.29 ? 3807 ARG A O     1 
ATOM   109  C  CB    . ARG A 1 30  ? -3.062  19.792  1.402   1.00 37.48 ? 3807 ARG A CB    1 
ATOM   110  C  CG    . ARG A 1 30  ? -2.516  18.745  0.461   1.00 37.35 ? 3807 ARG A CG    1 
ATOM   111  C  CD    . ARG A 1 30  ? -2.291  19.295  -0.930  1.00 41.18 ? 3807 ARG A CD    1 
ATOM   112  N  NE    . ARG A 1 30  ? -2.078  18.203  -1.874  1.00 49.35 ? 3807 ARG A NE    1 
ATOM   113  C  CZ    . ARG A 1 30  ? -1.455  18.326  -3.042  1.00 57.10 ? 3807 ARG A CZ    1 
ATOM   114  N  NH1   . ARG A 1 30  ? -0.971  19.505  -3.421  1.00 56.35 ? 3807 ARG A NH1   1 
ATOM   115  N  NH2   . ARG A 1 30  ? -1.309  17.264  -3.828  1.00 57.51 ? 3807 ARG A NH2   1 
ATOM   116  N  N     . ARG A 1 31  ? -3.504  16.949  3.164   1.00 23.43 ? 3808 ARG A N     1 
ATOM   117  C  CA    . ARG A 1 31  ? -2.874  15.931  3.998   1.00 24.20 ? 3808 ARG A CA    1 
ATOM   118  C  C     . ARG A 1 31  ? -1.360  15.878  3.748   1.00 24.98 ? 3808 ARG A C     1 
ATOM   119  O  O     . ARG A 1 31  ? -0.906  15.973  2.617   1.00 25.00 ? 3808 ARG A O     1 
ATOM   120  C  CB    . ARG A 1 31  ? -3.507  14.551  3.746   1.00 22.17 ? 3808 ARG A CB    1 
ATOM   121  C  CG    . ARG A 1 31  ? -4.933  14.390  4.282   1.00 27.53 ? 3808 ARG A CG    1 
ATOM   122  C  CD    . ARG A 1 31  ? -5.483  12.987  3.992   1.00 24.56 ? 3808 ARG A CD    1 
ATOM   123  N  NE    . ARG A 1 31  ? -5.435  12.645  2.570   1.00 22.79 ? 3808 ARG A NE    1 
ATOM   124  C  CZ    . ARG A 1 31  ? -6.423  12.893  1.716   1.00 28.38 ? 3808 ARG A CZ    1 
ATOM   125  N  NH1   . ARG A 1 31  ? -7.534  13.479  2.143   1.00 27.82 ? 3808 ARG A NH1   1 
ATOM   126  N  NH2   . ARG A 1 31  ? -6.305  12.560  0.443   1.00 26.69 ? 3808 ARG A NH2   1 
ATOM   127  N  N     . ALA A 1 32  ? -0.591  15.714  4.812   1.00 22.32 ? 3809 ALA A N     1 
ATOM   128  C  CA    . ALA A 1 32  ? 0.861   15.607  4.699   1.00 26.18 ? 3809 ALA A CA    1 
ATOM   129  C  C     . ALA A 1 32  ? 1.298   14.412  3.831   1.00 29.71 ? 3809 ALA A C     1 
ATOM   130  O  O     . ALA A 1 32  ? 2.294   14.498  3.111   1.00 27.23 ? 3809 ALA A O     1 
ATOM   131  C  CB    . ALA A 1 32  ? 1.477   15.518  6.074   1.00 26.13 ? 3809 ALA A CB    1 
ATOM   132  N  N     . THR A 1 33  ? 0.550   13.307  3.893   1.00 25.52 ? 3810 THR A N     1 
ATOM   133  C  CA    . THR A 1 33  ? 0.852   12.142  3.062   1.00 23.80 ? 3810 THR A CA    1 
ATOM   134  C  C     . THR A 1 33  ? 0.778   12.474  1.571   1.00 22.74 ? 3810 THR A C     1 
ATOM   135  O  O     . THR A 1 33  ? 1.390   11.806  0.734   1.00 22.45 ? 3810 THR A O     1 
ATOM   136  C  CB    . THR A 1 33  ? -0.099  10.942  3.357   1.00 26.65 ? 3810 THR A CB    1 
ATOM   137  O  OG1   . THR A 1 33  ? -1.464  11.390  3.393   1.00 23.37 ? 3810 THR A OG1   1 
ATOM   138  C  CG2   . THR A 1 33  ? 0.246   10.289  4.682   1.00 26.53 ? 3810 THR A CG2   1 
ATOM   139  N  N     . SER A 1 34  ? 0.013   13.508  1.247   1.00 23.49 ? 3811 SER A N     1 
ATOM   140  C  CA    . SER A 1 34  ? -0.213  13.917  -0.128  1.00 24.93 ? 3811 SER A CA    1 
ATOM   141  C  C     . SER A 1 34  ? 0.642   15.138  -0.568  1.00 30.91 ? 3811 SER A C     1 
ATOM   142  O  O     . SER A 1 34  ? 0.724   15.461  -1.753  1.00 28.96 ? 3811 SER A O     1 
ATOM   143  C  CB    . SER A 1 34  ? -1.720  14.180  -0.321  1.00 25.46 ? 3811 SER A CB    1 
ATOM   144  O  OG    . SER A 1 34  ? -1.938  15.389  -1.008  1.00 39.77 ? 3811 SER A OG    1 
ATOM   145  N  N     . MET A 1 35  ? 1.300   15.792  0.381   1.00 29.02 ? 3812 MET A N     1 
ATOM   146  C  CA    . MET A 1 35  ? 2.040   17.015  0.062   1.00 35.06 ? 3812 MET A CA    1 
ATOM   147  C  C     . MET A 1 35  ? 3.453   16.793  -0.477  1.00 32.59 ? 3812 MET A C     1 
ATOM   148  O  O     . MET A 1 35  ? 4.061   15.748  -0.252  1.00 27.60 ? 3812 MET A O     1 
ATOM   149  C  CB    . MET A 1 35  ? 2.085   17.940  1.271   1.00 28.85 ? 3812 MET A CB    1 
ATOM   150  C  CG    . MET A 1 35  ? 0.799   18.713  1.460   1.00 31.14 ? 3812 MET A CG    1 
ATOM   151  S  SD    . MET A 1 35  ? 0.843   19.731  2.937   1.00 38.39 ? 3812 MET A SD    1 
ATOM   152  C  CE    . MET A 1 35  ? 2.179   20.861  2.535   1.00 28.34 ? 3812 MET A CE    1 
ATOM   153  N  N     . ASP A 1 36  ? 3.951   17.798  -1.195  1.00 33.03 ? 3813 ASP A N     1 
ATOM   154  C  CA    . ASP A 1 36  ? 5.299   17.791  -1.750  1.00 37.84 ? 3813 ASP A CA    1 
ATOM   155  C  C     . ASP A 1 36  ? 6.276   18.129  -0.638  1.00 34.15 ? 3813 ASP A C     1 
ATOM   156  O  O     . ASP A 1 36  ? 6.814   19.238  -0.578  1.00 36.11 ? 3813 ASP A O     1 
ATOM   157  C  CB    . ASP A 1 36  ? 5.398   18.808  -2.891  1.00 41.79 ? 3813 ASP A CB    1 
ATOM   158  C  CG    . ASP A 1 36  ? 6.801   18.910  -3.479  1.00 41.97 ? 3813 ASP A CG    1 
ATOM   159  O  OD1   . ASP A 1 36  ? 7.535   17.894  -3.474  1.00 42.23 ? 3813 ASP A OD1   1 
ATOM   160  O  OD2   . ASP A 1 36  ? 7.160   20.011  -3.956  1.00 41.02 ? 3813 ASP A OD2   1 
ATOM   161  N  N     . LEU A 1 37  ? 6.460   17.168  0.260   1.00 24.92 ? 3814 LEU A N     1 
ATOM   162  C  CA    . LEU A 1 37  ? 7.377   17.282  1.383   1.00 27.82 ? 3814 LEU A CA    1 
ATOM   163  C  C     . LEU A 1 37  ? 8.394   16.156  1.309   1.00 28.60 ? 3814 LEU A C     1 
ATOM   164  O  O     . LEU A 1 37  ? 8.176   15.181  0.586   1.00 26.86 ? 3814 LEU A O     1 
ATOM   165  C  CB    . LEU A 1 37  ? 6.616   17.160  2.703   1.00 26.91 ? 3814 LEU A CB    1 
ATOM   166  C  CG    . LEU A 1 37  ? 5.494   18.174  2.963   1.00 29.60 ? 3814 LEU A CG    1 
ATOM   167  C  CD1   . LEU A 1 37  ? 4.674   17.737  4.183   1.00 31.92 ? 3814 LEU A CD1   1 
ATOM   168  C  CD2   . LEU A 1 37  ? 6.039   19.596  3.144   1.00 28.29 ? 3814 LEU A CD2   1 
ATOM   169  N  N     . PRO A 1 38  ? 9.510   16.295  2.047   1.00 28.07 ? 3815 PRO A N     1 
ATOM   170  C  CA    . PRO A 1 38  ? 10.462  15.200  2.239   1.00 33.17 ? 3815 PRO A CA    1 
ATOM   171  C  C     . PRO A 1 38  ? 9.775   13.977  2.851   1.00 30.85 ? 3815 PRO A C     1 
ATOM   172  O  O     . PRO A 1 38  ? 8.894   14.106  3.713   1.00 29.90 ? 3815 PRO A O     1 
ATOM   173  C  CB    . PRO A 1 38  ? 11.481  15.793  3.216   1.00 31.55 ? 3815 PRO A CB    1 
ATOM   174  C  CG    . PRO A 1 38  ? 11.440  17.264  2.937   1.00 31.62 ? 3815 PRO A CG    1 
ATOM   175  C  CD    . PRO A 1 38  ? 9.988   17.550  2.657   1.00 32.03 ? 3815 PRO A CD    1 
ATOM   176  N  N     . MET A 1 39  ? 10.188  12.804  2.388   1.00 26.74 ? 3816 MET A N     1 
ATOM   177  C  CA    . MET A 1 39  ? 9.583   11.534  2.767   1.00 25.23 ? 3816 MET A CA    1 
ATOM   178  C  C     . MET A 1 39  ? 9.333   11.326  4.276   1.00 29.47 ? 3816 MET A C     1 
ATOM   179  O  O     . MET A 1 39  ? 8.262   10.858  4.658   1.00 26.94 ? 3816 MET A O     1 
ATOM   180  C  CB    . MET A 1 39  ? 10.385  10.377  2.165   1.00 33.33 ? 3816 MET A CB    1 
ATOM   181  C  CG    . MET A 1 39  ? 10.228  10.251  0.653   1.00 32.79 ? 3816 MET A CG    1 
ATOM   182  S  SD    . MET A 1 39  ? 8.501   9.962   0.184   1.00 35.24 ? 3816 MET A SD    1 
ATOM   183  C  CE    . MET A 1 39  ? 8.626   9.726   -1.588  1.00 28.13 ? 3816 MET A CE    1 
ATOM   184  N  N     . PRO A 1 40  ? 10.306  11.675  5.140   1.00 31.41 ? 3817 PRO A N     1 
ATOM   185  C  CA    . PRO A 1 40  ? 10.041  11.485  6.576   1.00 29.55 ? 3817 PRO A CA    1 
ATOM   186  C  C     . PRO A 1 40  ? 8.891   12.358  7.107   1.00 28.90 ? 3817 PRO A C     1 
ATOM   187  O  O     . PRO A 1 40  ? 8.210   11.946  8.036   1.00 33.71 ? 3817 PRO A O     1 
ATOM   188  C  CB    . PRO A 1 40  ? 11.365  11.899  7.249   1.00 35.22 ? 3817 PRO A CB    1 
ATOM   189  C  CG    . PRO A 1 40  ? 12.404  11.806  6.169   1.00 29.99 ? 3817 PRO A CG    1 
ATOM   190  C  CD    . PRO A 1 40  ? 11.682  12.142  4.882   1.00 28.64 ? 3817 PRO A CD    1 
ATOM   191  N  N     . MET A 1 41  ? 8.680   13.543  6.550   1.00 26.56 ? 3818 MET A N     1 
ATOM   192  C  CA    . MET A 1 41  ? 7.556   14.352  6.994   1.00 34.07 ? 3818 MET A CA    1 
ATOM   193  C  C     . MET A 1 41  ? 6.259   13.696  6.524   1.00 34.49 ? 3818 MET A C     1 
ATOM   194  O  O     . MET A 1 41  ? 5.269   13.647  7.262   1.00 32.62 ? 3818 MET A O     1 
ATOM   195  C  CB    . MET A 1 41  ? 7.666   15.793  6.485   1.00 31.01 ? 3818 MET A CB    1 
ATOM   196  C  CG    . MET A 1 41  ? 9.020   16.415  6.743   1.00 40.07 ? 3818 MET A CG    1 
ATOM   197  S  SD    . MET A 1 41  ? 8.988   18.214  6.736   1.00 57.37 ? 3818 MET A SD    1 
ATOM   198  C  CE    . MET A 1 41  ? 7.972   18.553  8.181   1.00 54.92 ? 3818 MET A CE    1 
ATOM   199  N  N     . ARG A 1 42  ? 6.279   13.165  5.306   1.00 27.13 ? 3819 ARG A N     1 
ATOM   200  C  CA    . ARG A 1 42  ? 5.102   12.490  4.756   1.00 27.94 ? 3819 ARG A CA    1 
ATOM   201  C  C     . ARG A 1 42  ? 4.754   11.199  5.510   1.00 30.28 ? 3819 ARG A C     1 
ATOM   202  O  O     . ARG A 1 42  ? 3.588   10.942  5.831   1.00 30.49 ? 3819 ARG A O     1 
ATOM   203  C  CB    . ARG A 1 42  ? 5.297   12.223  3.267   1.00 23.70 ? 3819 ARG A CB    1 
ATOM   204  C  CG    . ARG A 1 42  ? 5.459   13.503  2.462   1.00 24.82 ? 3819 ARG A CG    1 
ATOM   205  C  CD    . ARG A 1 42  ? 5.664   13.220  0.986   1.00 23.53 ? 3819 ARG A CD    1 
ATOM   206  N  NE    . ARG A 1 42  ? 4.468   12.664  0.355   1.00 27.10 ? 3819 ARG A NE    1 
ATOM   207  C  CZ    . ARG A 1 42  ? 4.458   12.156  -0.871  1.00 27.98 ? 3819 ARG A CZ    1 
ATOM   208  N  NH1   . ARG A 1 42  ? 5.585   12.111  -1.575  1.00 22.84 ? 3819 ARG A NH1   1 
ATOM   209  N  NH2   . ARG A 1 42  ? 3.336   11.684  -1.387  1.00 26.63 ? 3819 ARG A NH2   1 
ATOM   210  N  N     . PHE A 1 43  ? 5.778   10.405  5.795   1.00 29.76 ? 3820 PHE A N     1 
ATOM   211  C  CA    . PHE A 1 43  ? 5.636   9.117   6.462   1.00 30.12 ? 3820 PHE A CA    1 
ATOM   212  C  C     . PHE A 1 43  ? 5.152   9.223   7.909   1.00 30.02 ? 3820 PHE A C     1 
ATOM   213  O  O     . PHE A 1 43  ? 4.547   8.288   8.431   1.00 27.51 ? 3820 PHE A O     1 
ATOM   214  C  CB    . PHE A 1 43  ? 6.977   8.364   6.409   1.00 27.45 ? 3820 PHE A CB    1 
ATOM   215  C  CG    . PHE A 1 43  ? 6.931   6.991   7.015   1.00 27.28 ? 3820 PHE A CG    1 
ATOM   216  C  CD1   . PHE A 1 43  ? 6.437   5.911   6.294   1.00 26.22 ? 3820 PHE A CD1   1 
ATOM   217  C  CD2   . PHE A 1 43  ? 7.381   6.776   8.305   1.00 31.76 ? 3820 PHE A CD2   1 
ATOM   218  C  CE1   . PHE A 1 43  ? 6.395   4.640   6.854   1.00 27.34 ? 3820 PHE A CE1   1 
ATOM   219  C  CE2   . PHE A 1 43  ? 7.340   5.505   8.872   1.00 31.98 ? 3820 PHE A CE2   1 
ATOM   220  C  CZ    . PHE A 1 43  ? 6.842   4.438   8.143   1.00 30.79 ? 3820 PHE A CZ    1 
ATOM   221  N  N     . ARG A 1 44  ? 5.405   10.360  8.558   1.00 38.47 ? 3821 ARG A N     1 
ATOM   222  C  CA    . ARG A 1 44  ? 5.143   10.471  9.999   1.00 37.93 ? 3821 ARG A CA    1 
ATOM   223  C  C     . ARG A 1 44  ? 3.690   10.210  10.397  1.00 32.36 ? 3821 ARG A C     1 
ATOM   224  O  O     . ARG A 1 44  ? 3.435   9.600   11.428  1.00 33.93 ? 3821 ARG A O     1 
ATOM   225  C  CB    . ARG A 1 44  ? 5.622   11.809  10.584  1.00 38.65 ? 3821 ARG A CB    1 
ATOM   226  C  CG    . ARG A 1 44  ? 5.250   11.940  12.059  1.00 47.29 ? 3821 ARG A CG    1 
ATOM   227  C  CD    . ARG A 1 44  ? 5.800   13.184  12.743  1.00 55.82 ? 3821 ARG A CD    1 
ATOM   228  N  NE    . ARG A 1 44  ? 5.335   13.249  14.131  1.00 67.52 ? 3821 ARG A NE    1 
ATOM   229  C  CZ    . ARG A 1 44  ? 5.782   14.110  15.042  1.00 69.05 ? 3821 ARG A CZ    1 
ATOM   230  N  NH1   . ARG A 1 44  ? 6.716   14.994  14.723  1.00 71.76 ? 3821 ARG A NH1   1 
ATOM   231  N  NH2   . ARG A 1 44  ? 5.297   14.084  16.279  1.00 66.65 ? 3821 ARG A NH2   1 
ATOM   232  N  N     . HIS A 1 45  ? 2.735   10.659  9.594   1.00 32.34 ? 3822 HIS A N     1 
ATOM   233  C  CA    . HIS A 1 45  ? 1.334   10.392  9.917   1.00 34.70 ? 3822 HIS A CA    1 
ATOM   234  C  C     . HIS A 1 45  ? 0.665   9.373   8.997   1.00 33.47 ? 3822 HIS A C     1 
ATOM   235  O  O     . HIS A 1 45  ? -0.569  9.312   8.926   1.00 28.50 ? 3822 HIS A O     1 
ATOM   236  C  CB    . HIS A 1 45  ? 0.512   11.682  9.948   1.00 41.85 ? 3822 HIS A CB    1 
ATOM   237  C  CG    . HIS A 1 45  ? 0.817   12.561  11.121  1.00 44.46 ? 3822 HIS A CG    1 
ATOM   238  N  ND1   . HIS A 1 45  ? 1.084   13.908  10.993  1.00 44.09 ? 3822 HIS A ND1   1 
ATOM   239  C  CD2   . HIS A 1 45  ? 0.906   12.283  12.443  1.00 43.62 ? 3822 HIS A CD2   1 
ATOM   240  C  CE1   . HIS A 1 45  ? 1.324   14.422  12.187  1.00 51.63 ? 3822 HIS A CE1   1 
ATOM   241  N  NE2   . HIS A 1 45  ? 1.222   13.457  13.083  1.00 53.77 ? 3822 HIS A NE2   1 
ATOM   242  N  N     . LEU A 1 46  ? 1.473   8.573   8.307   1.00 30.64 ? 3823 LEU A N     1 
ATOM   243  C  CA    . LEU A 1 46  ? 0.947   7.551   7.402   1.00 28.75 ? 3823 LEU A CA    1 
ATOM   244  C  C     . LEU A 1 46  ? 0.079   6.517   8.127   1.00 25.53 ? 3823 LEU A C     1 
ATOM   245  O  O     . LEU A 1 46  ? -0.957  6.117   7.628   1.00 23.49 ? 3823 LEU A O     1 
ATOM   246  C  CB    . LEU A 1 46  ? 2.084   6.849   6.641   1.00 23.19 ? 3823 LEU A CB    1 
ATOM   247  C  CG    . LEU A 1 46  ? 1.688   5.753   5.637   1.00 22.29 ? 3823 LEU A CG    1 
ATOM   248  C  CD1   . LEU A 1 46  ? 0.646   6.282   4.624   1.00 22.25 ? 3823 LEU A CD1   1 
ATOM   249  C  CD2   . LEU A 1 46  ? 2.928   5.212   4.910   1.00 20.22 ? 3823 LEU A CD2   1 
ATOM   250  N  N     . LYS A 1 47  ? 0.499   6.076   9.301   1.00 28.75 ? 3824 LYS A N     1 
ATOM   251  C  CA    . LYS A 1 47  ? -0.236  5.012   9.973   1.00 29.43 ? 3824 LYS A CA    1 
ATOM   252  C  C     . LYS A 1 47  ? -1.690  5.416   10.239  1.00 31.29 ? 3824 LYS A C     1 
ATOM   253  O  O     . LYS A 1 47  ? -2.615  4.689   9.894   1.00 28.97 ? 3824 LYS A O     1 
ATOM   254  C  CB    . LYS A 1 47  ? 0.460   4.614   11.273  1.00 32.45 ? 3824 LYS A CB    1 
ATOM   255  C  CG    . LYS A 1 47  ? 0.075   3.245   11.795  1.00 38.90 ? 3824 LYS A CG    1 
ATOM   256  C  CD    . LYS A 1 47  ? 1.007   2.849   12.941  1.00 44.57 ? 3824 LYS A CD    1 
ATOM   257  C  CE    . LYS A 1 47  ? 0.670   1.472   13.497  1.00 47.41 ? 3824 LYS A CE    1 
ATOM   258  N  NZ    . LYS A 1 47  ? -0.705  1.432   14.059  1.00 51.31 ? 3824 LYS A NZ    1 
ATOM   259  N  N     . LYS A 1 48  ? -1.880  6.579   10.851  1.00 30.38 ? 3825 LYS A N     1 
ATOM   260  C  CA    . LYS A 1 48  ? -3.208  7.070   11.181  1.00 32.59 ? 3825 LYS A CA    1 
ATOM   261  C  C     . LYS A 1 48  ? -4.009  7.408   9.924   1.00 29.53 ? 3825 LYS A C     1 
ATOM   262  O  O     . LYS A 1 48  ? -5.197  7.095   9.824   1.00 30.82 ? 3825 LYS A O     1 
ATOM   263  C  CB    . LYS A 1 48  ? -3.087  8.320   12.070  1.00 31.45 ? 3825 LYS A CB    1 
ATOM   264  C  CG    . LYS A 1 48  ? -4.361  9.132   12.167  1.00 40.63 ? 3825 LYS A CG    1 
ATOM   265  C  CD    . LYS A 1 48  ? -4.105  10.475  12.854  1.00 45.66 ? 3825 LYS A CD    1 
ATOM   266  C  CE    . LYS A 1 48  ? -2.755  11.044  12.443  1.00 43.47 ? 3825 LYS A CE    1 
ATOM   267  N  NZ    . LYS A 1 48  ? -2.765  12.537  12.412  1.00 52.02 ? 3825 LYS A NZ    1 
ATOM   268  N  N     . THR A 1 49  ? -3.358  8.068   8.971   1.00 25.31 ? 3826 THR A N     1 
ATOM   269  C  CA    . THR A 1 49  ? -4.019  8.490   7.740   1.00 25.28 ? 3826 THR A CA    1 
ATOM   270  C  C     . THR A 1 49  ? -4.467  7.280   6.915   1.00 25.34 ? 3826 THR A C     1 
ATOM   271  O  O     . THR A 1 49  ? -5.557  7.263   6.343   1.00 23.68 ? 3826 THR A O     1 
ATOM   272  C  CB    . THR A 1 49  ? -3.073  9.374   6.898   1.00 22.89 ? 3826 THR A CB    1 
ATOM   273  O  OG1   . THR A 1 49  ? -2.620  10.474  7.695   1.00 28.53 ? 3826 THR A OG1   1 
ATOM   274  C  CG2   . THR A 1 49  ? -3.772  9.902   5.671   1.00 24.71 ? 3826 THR A CG2   1 
ATOM   275  N  N     . SER A 1 50  ? -3.615  6.264   6.861   1.00 23.16 ? 3827 SER A N     1 
ATOM   276  C  CA    . SER A 1 50  ? -3.933  5.047   6.120   1.00 25.89 ? 3827 SER A CA    1 
ATOM   277  C  C     . SER A 1 50  ? -5.201  4.343   6.611   1.00 24.75 ? 3827 SER A C     1 
ATOM   278  O  O     . SER A 1 50  ? -5.954  3.800   5.813   1.00 22.92 ? 3827 SER A O     1 
ATOM   279  C  CB    . SER A 1 50  ? -2.768  4.071   6.167   1.00 22.17 ? 3827 SER A CB    1 
ATOM   280  O  OG    . SER A 1 50  ? -2.953  3.089   5.170   1.00 32.55 ? 3827 SER A OG    1 
ATOM   281  N  N     . LYS A 1 51  ? -5.408  4.328   7.924   1.00 26.78 ? 3828 LYS A N     1 
ATOM   282  C  CA    . LYS A 1 51  ? -6.609  3.742   8.508   1.00 27.92 ? 3828 LYS A CA    1 
ATOM   283  C  C     . LYS A 1 51  ? -7.876  4.436   8.025   1.00 31.41 ? 3828 LYS A C     1 
ATOM   284  O  O     . LYS A 1 51  ? -8.927  3.806   7.917   1.00 28.03 ? 3828 LYS A O     1 
ATOM   285  C  CB    . LYS A 1 51  ? -6.554  3.804   10.034  1.00 29.59 ? 3828 LYS A CB    1 
ATOM   286  C  CG    . LYS A 1 51  ? -5.645  2.765   10.663  1.00 37.72 ? 3828 LYS A CG    1 
ATOM   287  C  CD    . LYS A 1 51  ? -6.260  1.375   10.571  1.00 35.60 ? 3828 LYS A CD    1 
ATOM   288  C  CE    . LYS A 1 51  ? -5.287  0.324   11.103  1.00 44.28 ? 3828 LYS A CE    1 
ATOM   289  N  NZ    . LYS A 1 51  ? -5.773  -1.069  10.867  1.00 41.14 ? 3828 LYS A NZ    1 
ATOM   290  N  N     . GLU A 1 52  ? -7.782  5.732   7.746   1.00 27.20 ? 3829 GLU A N     1 
ATOM   291  C  CA    . GLU A 1 52  ? -8.943  6.487   7.282   1.00 27.38 ? 3829 GLU A CA    1 
ATOM   292  C  C     . GLU A 1 52  ? -9.153  6.296   5.783   1.00 25.12 ? 3829 GLU A C     1 
ATOM   293  O  O     . GLU A 1 52  ? -10.275 6.403   5.281   1.00 26.44 ? 3829 GLU A O     1 
ATOM   294  C  CB    . GLU A 1 52  ? -8.784  7.985   7.592   1.00 30.49 ? 3829 GLU A CB    1 
ATOM   295  C  CG    . GLU A 1 52  ? -8.052  8.289   8.896   1.00 36.28 ? 3829 GLU A CG    1 
ATOM   296  C  CD    . GLU A 1 52  ? -8.060  9.766   9.268   1.00 43.11 ? 3829 GLU A CD    1 
ATOM   297  O  OE1   . GLU A 1 52  ? -9.116  10.255  9.714   1.00 54.96 ? 3829 GLU A OE1   1 
ATOM   298  O  OE2   . GLU A 1 52  ? -7.012  10.438  9.133   1.00 44.09 ? 3829 GLU A OE2   1 
ATOM   299  N  N     . ALA A 1 53  ? -8.067  5.998   5.077   1.00 20.49 ? 3830 ALA A N     1 
ATOM   300  C  CA    . ALA A 1 53  ? -8.059  5.998   3.616   1.00 19.52 ? 3830 ALA A CA    1 
ATOM   301  C  C     . ALA A 1 53  ? -8.470  4.676   2.945   1.00 21.03 ? 3830 ALA A C     1 
ATOM   302  O  O     . ALA A 1 53  ? -9.016  4.693   1.843   1.00 19.41 ? 3830 ALA A O     1 
ATOM   303  C  CB    . ALA A 1 53  ? -6.676  6.433   3.102   1.00 20.87 ? 3830 ALA A CB    1 
ATOM   304  N  N     . VAL A 1 54  ? -8.165  3.551   3.590   1.00 18.17 ? 3831 VAL A N     1 
ATOM   305  C  CA    . VAL A 1 54  ? -8.334  2.225   2.990   1.00 24.20 ? 3831 VAL A CA    1 
ATOM   306  C  C     . VAL A 1 54  ? -8.891  1.183   3.951   1.00 20.35 ? 3831 VAL A C     1 
ATOM   307  O  O     . VAL A 1 54  ? -8.714  1.270   5.173   1.00 21.46 ? 3831 VAL A O     1 
ATOM   308  C  CB    . VAL A 1 54  ? -7.011  1.673   2.387   1.00 21.12 ? 3831 VAL A CB    1 
ATOM   309  C  CG1   . VAL A 1 54  ? -6.569  2.516   1.175   1.00 19.47 ? 3831 VAL A CG1   1 
ATOM   310  C  CG2   . VAL A 1 54  ? -5.909  1.592   3.460   1.00 20.06 ? 3831 VAL A CG2   1 
ATOM   311  N  N     . GLY A 1 55  ? -9.563  0.190   3.382   1.00 19.34 ? 3832 GLY A N     1 
ATOM   312  C  CA    . GLY A 1 55  ? -10.085 -0.914  4.156   1.00 22.30 ? 3832 GLY A CA    1 
ATOM   313  C  C     . GLY A 1 55  ? -10.128 -2.198  3.346   1.00 20.99 ? 3832 GLY A C     1 
ATOM   314  O  O     . GLY A 1 55  ? -10.049 -2.188  2.111   1.00 23.16 ? 3832 GLY A O     1 
ATOM   315  N  N     . VAL A 1 56  ? -10.288 -3.309  4.046   1.00 22.85 ? 3833 VAL A N     1 
ATOM   316  C  CA    . VAL A 1 56  ? -10.311 -4.623  3.414   1.00 22.23 ? 3833 VAL A CA    1 
ATOM   317  C  C     . VAL A 1 56  ? -11.735 -5.125  3.233   1.00 24.81 ? 3833 VAL A C     1 
ATOM   318  O  O     . VAL A 1 56  ? -12.508 -5.182  4.186   1.00 25.39 ? 3833 VAL A O     1 
ATOM   319  C  CB    . VAL A 1 56  ? -9.500  -5.627  4.234   1.00 29.40 ? 3833 VAL A CB    1 
ATOM   320  C  CG1   . VAL A 1 56  ? -9.443  -6.990  3.535   1.00 25.96 ? 3833 VAL A CG1   1 
ATOM   321  C  CG2   . VAL A 1 56  ? -8.107  -5.086  4.441   1.00 25.17 ? 3833 VAL A CG2   1 
ATOM   322  N  N     . TYR A 1 57  ? -12.070 -5.475  1.998   1.00 20.60 ? 3834 TYR A N     1 
ATOM   323  C  CA    . TYR A 1 57  ? -13.400 -5.980  1.654   1.00 27.37 ? 3834 TYR A CA    1 
ATOM   324  C  C     . TYR A 1 57  ? -13.256 -7.108  0.645   1.00 30.52 ? 3834 TYR A C     1 
ATOM   325  O  O     . TYR A 1 57  ? -12.177 -7.296  0.083   1.00 25.61 ? 3834 TYR A O     1 
ATOM   326  C  CB    . TYR A 1 57  ? -14.244 -4.861  1.049   1.00 23.74 ? 3834 TYR A CB    1 
ATOM   327  C  CG    . TYR A 1 57  ? -14.399 -3.670  1.961   1.00 28.86 ? 3834 TYR A CG    1 
ATOM   328  C  CD1   . TYR A 1 57  ? -15.461 -3.588  2.855   1.00 33.75 ? 3834 TYR A CD1   1 
ATOM   329  C  CD2   . TYR A 1 57  ? -13.480 -2.630  1.934   1.00 28.53 ? 3834 TYR A CD2   1 
ATOM   330  C  CE1   . TYR A 1 57  ? -15.607 -2.497  3.687   1.00 36.92 ? 3834 TYR A CE1   1 
ATOM   331  C  CE2   . TYR A 1 57  ? -13.605 -1.541  2.763   1.00 27.18 ? 3834 TYR A CE2   1 
ATOM   332  C  CZ    . TYR A 1 57  ? -14.670 -1.472  3.636   1.00 38.69 ? 3834 TYR A CZ    1 
ATOM   333  O  OH    . TYR A 1 57  ? -14.798 -0.377  4.461   1.00 36.28 ? 3834 TYR A OH    1 
ATOM   334  N  N     . ARG A 1 58  ? -14.335 -7.848  0.394   1.00 29.43 ? 3835 ARG A N     1 
ATOM   335  C  CA    . ARG A 1 58  ? -14.269 -8.908  -0.601  1.00 25.73 ? 3835 ARG A CA    1 
ATOM   336  C  C     . ARG A 1 58  ? -14.060 -8.275  -1.970  1.00 27.54 ? 3835 ARG A C     1 
ATOM   337  O  O     . ARG A 1 58  ? -14.589 -7.207  -2.252  1.00 25.60 ? 3835 ARG A O     1 
ATOM   338  C  CB    . ARG A 1 58  ? -15.544 -9.763  -0.588  1.00 32.39 ? 3835 ARG A CB    1 
ATOM   339  C  CG    . ARG A 1 58  ? -16.728 -9.096  -1.249  1.00 38.56 ? 3835 ARG A CG    1 
ATOM   340  C  CD    . ARG A 1 58  ? -17.912 -10.054 -1.348  1.00 55.60 ? 3835 ARG A CD    1 
ATOM   341  N  NE    . ARG A 1 58  ? -19.071 -9.411  -1.962  1.00 58.64 ? 3835 ARG A NE    1 
ATOM   342  C  CZ    . ARG A 1 58  ? -19.373 -9.495  -3.255  1.00 62.13 ? 3835 ARG A CZ    1 
ATOM   343  N  NH1   . ARG A 1 58  ? -18.605 -10.200 -4.079  1.00 59.49 ? 3835 ARG A NH1   1 
ATOM   344  N  NH2   . ARG A 1 58  ? -20.448 -8.875  -3.724  1.00 64.09 ? 3835 ARG A NH2   1 
ATOM   345  N  N     . SER A 1 59  ? -13.282 -8.936  -2.818  1.00 29.25 ? 3836 SER A N     1 
ATOM   346  C  CA    . SER A 1 59  ? -12.879 -8.360  -4.095  1.00 26.79 ? 3836 SER A CA    1 
ATOM   347  C  C     . SER A 1 59  ? -13.293 -9.254  -5.251  1.00 27.42 ? 3836 SER A C     1 
ATOM   348  O  O     . SER A 1 59  ? -13.169 -10.461 -5.155  1.00 29.25 ? 3836 SER A O     1 
ATOM   349  C  CB    . SER A 1 59  ? -11.353 -8.214  -4.111  1.00 23.55 ? 3836 SER A CB    1 
ATOM   350  O  OG    . SER A 1 59  ? -10.845 -8.283  -5.426  1.00 22.45 ? 3836 SER A OG    1 
ATOM   351  N  N     . PRO A 1 60  ? -13.764 -8.660  -6.356  1.00 28.73 ? 3837 PRO A N     1 
ATOM   352  C  CA    . PRO A 1 60  ? -14.067 -9.415  -7.578  1.00 27.81 ? 3837 PRO A CA    1 
ATOM   353  C  C     . PRO A 1 60  ? -12.824 -9.978  -8.270  1.00 33.67 ? 3837 PRO A C     1 
ATOM   354  O  O     . PRO A 1 60  ? -12.953 -10.853 -9.121  1.00 35.39 ? 3837 PRO A O     1 
ATOM   355  C  CB    . PRO A 1 60  ? -14.708 -8.356  -8.483  1.00 32.38 ? 3837 PRO A CB    1 
ATOM   356  C  CG    . PRO A 1 60  ? -14.155 -7.032  -7.951  1.00 33.63 ? 3837 PRO A CG    1 
ATOM   357  C  CD    . PRO A 1 60  ? -14.187 -7.251  -6.470  1.00 30.77 ? 3837 PRO A CD    1 
ATOM   358  N  N     . ILE A 1 61  ? -11.638 -9.473  -7.938  1.00 28.84 ? 3838 ILE A N     1 
ATOM   359  C  CA    . ILE A 1 61  ? -10.414 -9.999  -8.530  1.00 28.63 ? 3838 ILE A CA    1 
ATOM   360  C  C     . ILE A 1 61  ? -10.069 -11.314 -7.844  1.00 30.04 ? 3838 ILE A C     1 
ATOM   361  O  O     . ILE A 1 61  ? -9.967  -12.360 -8.487  1.00 33.58 ? 3838 ILE A O     1 
ATOM   362  C  CB    . ILE A 1 61  ? -9.238  -8.992  -8.409  1.00 29.48 ? 3838 ILE A CB    1 
ATOM   363  C  CG1   . ILE A 1 61  ? -9.527  -7.732  -9.236  1.00 31.74 ? 3838 ILE A CG1   1 
ATOM   364  C  CG2   . ILE A 1 61  ? -7.915  -9.632  -8.836  1.00 32.19 ? 3838 ILE A CG2   1 
ATOM   365  C  CD1   . ILE A 1 61  ? -8.594  -6.562  -8.920  1.00 29.39 ? 3838 ILE A CD1   1 
ATOM   366  N  N     . HIS A 1 62  ? -9.916  -11.267 -6.525  1.00 30.01 ? 3839 HIS A N     1 
ATOM   367  C  CA    . HIS A 1 62  ? -9.608  -12.469 -5.760  1.00 30.26 ? 3839 HIS A CA    1 
ATOM   368  C  C     . HIS A 1 62  ? -9.851  -12.300 -4.266  1.00 32.28 ? 3839 HIS A C     1 
ATOM   369  O  O     . HIS A 1 62  ? -9.397  -11.329 -3.664  1.00 27.93 ? 3839 HIS A O     1 
ATOM   370  C  CB    . HIS A 1 62  ? -8.151  -12.900 -5.965  1.00 32.29 ? 3839 HIS A CB    1 
ATOM   371  C  CG    . HIS A 1 62  ? -7.781  -14.112 -5.167  1.00 34.20 ? 3839 HIS A CG    1 
ATOM   372  N  ND1   . HIS A 1 62  ? -7.315  -14.037 -3.871  1.00 29.40 ? 3839 HIS A ND1   1 
ATOM   373  C  CD2   . HIS A 1 62  ? -7.859  -15.433 -5.463  1.00 36.28 ? 3839 HIS A CD2   1 
ATOM   374  C  CE1   . HIS A 1 62  ? -7.097  -15.258 -3.412  1.00 36.88 ? 3839 HIS A CE1   1 
ATOM   375  N  NE2   . HIS A 1 62  ? -7.423  -16.124 -4.357  1.00 33.90 ? 3839 HIS A NE2   1 
ATOM   376  N  N     . GLY A 1 63  ? -10.544 -13.265 -3.665  1.00 31.17 ? 3840 GLY A N     1 
ATOM   377  C  CA    . GLY A 1 63  ? -10.697 -13.307 -2.218  1.00 29.84 ? 3840 GLY A CA    1 
ATOM   378  C  C     . GLY A 1 63  ? -10.975 -11.943 -1.602  1.00 29.78 ? 3840 GLY A C     1 
ATOM   379  O  O     . GLY A 1 63  ? -11.983 -11.304 -1.905  1.00 26.90 ? 3840 GLY A O     1 
ATOM   380  N  N     . ARG A 1 64  ? -10.085 -11.501 -0.724  1.00 26.25 ? 3841 ARG A N     1 
ATOM   381  C  CA    . ARG A 1 64  ? -10.205 -10.168 -0.149  1.00 31.39 ? 3841 ARG A CA    1 
ATOM   382  C  C     . ARG A 1 64  ? -9.238  -9.186  -0.812  1.00 26.67 ? 3841 ARG A C     1 
ATOM   383  O  O     . ARG A 1 64  ? -8.148  -9.570  -1.261  1.00 25.63 ? 3841 ARG A O     1 
ATOM   384  C  CB    . ARG A 1 64  ? -10.021 -10.220 1.369   1.00 28.29 ? 3841 ARG A CB    1 
ATOM   385  C  CG    . ARG A 1 64  ? -11.243 -10.818 2.086   1.00 38.79 ? 3841 ARG A CG    1 
ATOM   386  C  CD    . ARG A 1 64  ? -11.090 -10.785 3.597   1.00 43.39 ? 3841 ARG A CD    1 
ATOM   387  N  NE    . ARG A 1 64  ? -9.957  -11.588 4.038   1.00 42.48 ? 3841 ARG A NE    1 
ATOM   388  C  CZ    . ARG A 1 64  ? -9.480  -11.594 5.279   1.00 46.67 ? 3841 ARG A CZ    1 
ATOM   389  N  NH1   . ARG A 1 64  ? -10.033 -10.837 6.218   1.00 50.28 ? 3841 ARG A NH1   1 
ATOM   390  N  NH2   . ARG A 1 64  ? -8.443  -12.360 5.578   1.00 44.08 ? 3841 ARG A NH2   1 
ATOM   391  N  N     . GLY A 1 65  ? -9.654  -7.924  -0.899  1.00 27.17 ? 3842 GLY A N     1 
ATOM   392  C  CA    . GLY A 1 65  ? -8.819  -6.881  -1.483  1.00 21.50 ? 3842 GLY A CA    1 
ATOM   393  C  C     . GLY A 1 65  ? -8.778  -5.611  -0.655  1.00 20.97 ? 3842 GLY A C     1 
ATOM   394  O  O     . GLY A 1 65  ? -9.524  -5.473  0.307   1.00 20.25 ? 3842 GLY A O     1 
ATOM   395  N  N     . LEU A 1 66  ? -7.876  -4.697  -1.010  1.00 21.66 ? 3843 LEU A N     1 
ATOM   396  C  CA    . LEU A 1 66  ? -7.785  -3.402  -0.353  1.00 21.77 ? 3843 LEU A CA    1 
ATOM   397  C  C     . LEU A 1 66  ? -8.574  -2.374  -1.164  1.00 20.36 ? 3843 LEU A C     1 
ATOM   398  O  O     . LEU A 1 66  ? -8.363  -2.264  -2.367  1.00 22.09 ? 3843 LEU A O     1 
ATOM   399  C  CB    . LEU A 1 66  ? -6.320  -2.961  -0.277  1.00 17.53 ? 3843 LEU A CB    1 
ATOM   400  C  CG    . LEU A 1 66  ? -6.000  -1.827  0.690   1.00 19.98 ? 3843 LEU A CG    1 
ATOM   401  C  CD1   . LEU A 1 66  ? -6.270  -2.264  2.119   1.00 19.67 ? 3843 LEU A CD1   1 
ATOM   402  C  CD2   . LEU A 1 66  ? -4.552  -1.326  0.534   1.00 20.09 ? 3843 LEU A CD2   1 
ATOM   403  N  N     . PHE A 1 67  ? -9.456  -1.618  -0.504  1.00 17.02 ? 3844 PHE A N     1 
ATOM   404  C  CA    . PHE A 1 67  ? -10.308 -0.628  -1.175  1.00 21.52 ? 3844 PHE A CA    1 
ATOM   405  C  C     . PHE A 1 67  ? -10.166 0.793   -0.595  1.00 18.83 ? 3844 PHE A C     1 
ATOM   406  O  O     . PHE A 1 67  ? -9.904  0.983   0.595   1.00 19.53 ? 3844 PHE A O     1 
ATOM   407  C  CB    . PHE A 1 67  ? -11.800 -1.049  -1.138  1.00 16.87 ? 3844 PHE A CB    1 
ATOM   408  C  CG    . PHE A 1 67  ? -12.132 -2.186  -2.053  1.00 20.16 ? 3844 PHE A CG    1 
ATOM   409  C  CD1   . PHE A 1 67  ? -12.727 -1.950  -3.286  1.00 23.16 ? 3844 PHE A CD1   1 
ATOM   410  C  CD2   . PHE A 1 67  ? -11.834 -3.500  -1.696  1.00 20.09 ? 3844 PHE A CD2   1 
ATOM   411  C  CE1   . PHE A 1 67  ? -13.047 -3.005  -4.139  1.00 24.05 ? 3844 PHE A CE1   1 
ATOM   412  C  CE2   . PHE A 1 67  ? -12.148 -4.557  -2.545  1.00 23.44 ? 3844 PHE A CE2   1 
ATOM   413  C  CZ    . PHE A 1 67  ? -12.752 -4.312  -3.769  1.00 24.25 ? 3844 PHE A CZ    1 
ATOM   414  N  N     . CYS A 1 68  ? -10.350 1.787   -1.447  1.00 19.24 ? 3845 CYS A N     1 
ATOM   415  C  CA    . CYS A 1 68  ? -10.332 3.177   -1.019  1.00 18.07 ? 3845 CYS A CA    1 
ATOM   416  C  C     . CYS A 1 68  ? -11.639 3.527   -0.310  1.00 21.67 ? 3845 CYS A C     1 
ATOM   417  O  O     . CYS A 1 68  ? -12.719 3.303   -0.861  1.00 17.96 ? 3845 CYS A O     1 
ATOM   418  C  CB    . CYS A 1 68  ? -10.161 4.070   -2.244  1.00 21.95 ? 3845 CYS A CB    1 
ATOM   419  S  SG    . CYS A 1 68  ? -10.203 5.822   -1.921  1.00 21.44 ? 3845 CYS A SG    1 
ATOM   420  N  N     . LYS A 1 69  ? -11.532 4.073   0.900   1.00 22.71 ? 3846 LYS A N     1 
ATOM   421  C  CA    . LYS A 1 69  ? -12.694 4.529   1.673   1.00 26.23 ? 3846 LYS A CA    1 
ATOM   422  C  C     . LYS A 1 69  ? -12.937 6.035   1.564   1.00 26.63 ? 3846 LYS A C     1 
ATOM   423  O  O     . LYS A 1 69  ? -14.018 6.517   1.870   1.00 24.01 ? 3846 LYS A O     1 
ATOM   424  C  CB    . LYS A 1 69  ? -12.536 4.170   3.156   1.00 22.58 ? 3846 LYS A CB    1 
ATOM   425  C  CG    . LYS A 1 69  ? -12.349 2.700   3.422   1.00 29.09 ? 3846 LYS A CG    1 
ATOM   426  C  CD    . LYS A 1 69  ? -12.461 2.397   4.907   1.00 31.98 ? 3846 LYS A CD    1 
ATOM   427  C  CE    . LYS A 1 69  ? -11.446 3.165   5.735   1.00 31.78 ? 3846 LYS A CE    1 
ATOM   428  N  NZ    . LYS A 1 69  ? -11.124 2.379   6.974   1.00 38.09 ? 3846 LYS A NZ    1 
ATOM   429  N  N     . ARG A 1 70  ? -11.916 6.766   1.133   1.00 23.37 ? 3847 ARG A N     1 
ATOM   430  C  CA    . ARG A 1 70  ? -11.936 8.222   1.083   1.00 23.45 ? 3847 ARG A CA    1 
ATOM   431  C  C     . ARG A 1 70  ? -10.897 8.616   0.023   1.00 25.70 ? 3847 ARG A C     1 
ATOM   432  O  O     . ARG A 1 70  ? -9.774  8.101   0.031   1.00 24.75 ? 3847 ARG A O     1 
ATOM   433  C  CB    . ARG A 1 70  ? -11.568 8.783   2.467   1.00 27.01 ? 3847 ARG A CB    1 
ATOM   434  C  CG    . ARG A 1 70  ? -11.572 10.292  2.598   1.00 27.47 ? 3847 ARG A CG    1 
ATOM   435  C  CD    . ARG A 1 70  ? -10.187 10.913  2.326   1.00 27.11 ? 3847 ARG A CD    1 
ATOM   436  N  NE    . ARG A 1 70  ? -9.196  10.638  3.367   1.00 25.08 ? 3847 ARG A NE    1 
ATOM   437  C  CZ    . ARG A 1 70  ? -7.994  10.111  3.139   1.00 27.76 ? 3847 ARG A CZ    1 
ATOM   438  N  NH1   . ARG A 1 70  ? -7.165  9.895   4.154   1.00 30.08 ? 3847 ARG A NH1   1 
ATOM   439  N  NH2   . ARG A 1 70  ? -7.614  9.802   1.899   1.00 21.41 ? 3847 ARG A NH2   1 
ATOM   440  N  N     . ASN A 1 71  ? -11.287 9.482   -0.904  1.00 20.66 ? 3848 ASN A N     1 
ATOM   441  C  CA    . ASN A 1 71  ? -10.468 9.796   -2.065  1.00 23.12 ? 3848 ASN A CA    1 
ATOM   442  C  C     . ASN A 1 71  ? -8.980  9.978   -1.723  1.00 23.10 ? 3848 ASN A C     1 
ATOM   443  O  O     . ASN A 1 71  ? -8.625  10.622  -0.737  1.00 20.39 ? 3848 ASN A O     1 
ATOM   444  C  CB    . ASN A 1 71  ? -10.976 11.054  -2.790  1.00 19.90 ? 3848 ASN A CB    1 
ATOM   445  C  CG    . ASN A 1 71  ? -12.418 10.906  -3.327  1.00 21.86 ? 3848 ASN A CG    1 
ATOM   446  O  OD1   . ASN A 1 71  ? -12.993 9.812   -3.357  1.00 20.31 ? 3848 ASN A OD1   1 
ATOM   447  N  ND2   . ASN A 1 71  ? -12.995 12.021  -3.739  1.00 18.59 ? 3848 ASN A ND2   1 
ATOM   448  N  N     . ILE A 1 72  ? -8.136  9.414   -2.573  1.00 20.38 ? 3849 ILE A N     1 
ATOM   449  C  CA    . ILE A 1 72  ? -6.685  9.463   -2.402  1.00 19.50 ? 3849 ILE A CA    1 
ATOM   450  C  C     . ILE A 1 72  ? -6.085  10.294  -3.542  1.00 21.72 ? 3849 ILE A C     1 
ATOM   451  O  O     . ILE A 1 72  ? -6.438  10.097  -4.703  1.00 24.71 ? 3849 ILE A O     1 
ATOM   452  C  CB    . ILE A 1 72  ? -6.106  8.028   -2.381  1.00 20.30 ? 3849 ILE A CB    1 
ATOM   453  C  CG1   . ILE A 1 72  ? -6.563  7.295   -1.114  1.00 19.49 ? 3849 ILE A CG1   1 
ATOM   454  C  CG2   . ILE A 1 72  ? -4.554  8.030   -2.499  1.00 20.93 ? 3849 ILE A CG2   1 
ATOM   455  C  CD1   . ILE A 1 72  ? -6.402  5.746   -1.185  1.00 19.91 ? 3849 ILE A CD1   1 
ATOM   456  N  N     . ASP A 1 73  ? -5.205  11.242  -3.214  1.00 21.06 ? 3850 ASP A N     1 
ATOM   457  C  CA    . ASP A 1 73  ? -4.605  12.094  -4.248  1.00 25.19 ? 3850 ASP A CA    1 
ATOM   458  C  C     . ASP A 1 73  ? -3.566  11.358  -5.095  1.00 22.93 ? 3850 ASP A C     1 
ATOM   459  O  O     . ASP A 1 73  ? -2.935  10.409  -4.628  1.00 23.25 ? 3850 ASP A O     1 
ATOM   460  C  CB    . ASP A 1 73  ? -3.997  13.345  -3.613  1.00 27.95 ? 3850 ASP A CB    1 
ATOM   461  C  CG    . ASP A 1 73  ? -5.043  14.199  -2.893  1.00 38.55 ? 3850 ASP A CG    1 
ATOM   462  O  OD1   . ASP A 1 73  ? -6.240  14.082  -3.242  1.00 38.28 ? 3850 ASP A OD1   1 
ATOM   463  O  OD2   . ASP A 1 73  ? -4.674  14.982  -1.984  1.00 41.23 ? 3850 ASP A OD2   1 
ATOM   464  N  N     . ALA A 1 74  ? -3.362  11.799  -6.337  1.00 22.17 ? 3851 ALA A N     1 
ATOM   465  C  CA    . ALA A 1 74  ? -2.289  11.210  -7.148  1.00 24.30 ? 3851 ALA A CA    1 
ATOM   466  C  C     . ALA A 1 74  ? -0.942  11.407  -6.442  1.00 24.30 ? 3851 ALA A C     1 
ATOM   467  O  O     . ALA A 1 74  ? -0.669  12.481  -5.949  1.00 23.76 ? 3851 ALA A O     1 
ATOM   468  C  CB    . ALA A 1 74  ? -2.250  11.840  -8.538  1.00 24.02 ? 3851 ALA A CB    1 
ATOM   469  N  N     . GLY A 1 75  ? -0.121  10.365  -6.366  1.00 26.49 ? 3852 GLY A N     1 
ATOM   470  C  CA    . GLY A 1 75  ? 1.203   10.491  -5.769  1.00 25.27 ? 3852 GLY A CA    1 
ATOM   471  C  C     . GLY A 1 75  ? 1.200   10.369  -4.257  1.00 26.95 ? 3852 GLY A C     1 
ATOM   472  O  O     . GLY A 1 75  ? 2.264   10.379  -3.616  1.00 20.68 ? 3852 GLY A O     1 
ATOM   473  N  N     . GLU A 1 76  ? 0.009   10.249  -3.673  1.00 18.50 ? 3853 GLU A N     1 
ATOM   474  C  CA    . GLU A 1 76  ? -0.115  10.209  -2.218  1.00 21.90 ? 3853 GLU A CA    1 
ATOM   475  C  C     . GLU A 1 76  ? 0.382   8.881   -1.626  1.00 21.51 ? 3853 GLU A C     1 
ATOM   476  O  O     . GLU A 1 76  ? 0.254   7.833   -2.264  1.00 22.34 ? 3853 GLU A O     1 
ATOM   477  C  CB    . GLU A 1 76  ? -1.577  10.487  -1.780  1.00 21.27 ? 3853 GLU A CB    1 
ATOM   478  C  CG    . GLU A 1 76  ? -1.743  10.513  -0.271  1.00 19.04 ? 3853 GLU A CG    1 
ATOM   479  C  CD    . GLU A 1 76  ? -3.102  11.022  0.196   1.00 29.21 ? 3853 GLU A CD    1 
ATOM   480  O  OE1   . GLU A 1 76  ? -3.998  11.290  -0.650  1.00 23.37 ? 3853 GLU A OE1   1 
ATOM   481  O  OE2   . GLU A 1 76  ? -3.263  11.163  1.430   1.00 24.91 ? 3853 GLU A OE2   1 
ATOM   482  N  N     . MET A 1 77  ? 0.942   8.936   -0.414  1.00 21.67 ? 3854 MET A N     1 
ATOM   483  C  CA    . MET A 1 77  ? 1.316   7.730   0.343   1.00 22.90 ? 3854 MET A CA    1 
ATOM   484  C  C     . MET A 1 77  ? 0.032   7.094   0.817   1.00 25.29 ? 3854 MET A C     1 
ATOM   485  O  O     . MET A 1 77  ? -0.718  7.726   1.557   1.00 26.92 ? 3854 MET A O     1 
ATOM   486  C  CB    . MET A 1 77  ? 2.105   8.070   1.616   1.00 23.33 ? 3854 MET A CB    1 
ATOM   487  C  CG    . MET A 1 77  ? 3.558   8.466   1.466   1.00 29.69 ? 3854 MET A CG    1 
ATOM   488  S  SD    . MET A 1 77  ? 4.444   8.373   3.059   1.00 30.11 ? 3854 MET A SD    1 
ATOM   489  C  CE    . MET A 1 77  ? 6.086   8.814   2.493   1.00 30.85 ? 3854 MET A CE    1 
ATOM   490  N  N     . VAL A 1 78  ? -0.201  5.846   0.431   1.00 21.74 ? 3855 VAL A N     1 
ATOM   491  C  CA    . VAL A 1 78  ? -1.445  5.153   0.756   1.00 22.98 ? 3855 VAL A CA    1 
ATOM   492  C  C     . VAL A 1 78  ? -1.357  4.379   2.061   1.00 21.88 ? 3855 VAL A C     1 
ATOM   493  O  O     . VAL A 1 78  ? -2.178  4.583   2.958   1.00 22.00 ? 3855 VAL A O     1 
ATOM   494  C  CB    . VAL A 1 78  ? -1.889  4.220   -0.391  1.00 23.12 ? 3855 VAL A CB    1 
ATOM   495  C  CG1   . VAL A 1 78  ? -3.191  3.499   -0.022  1.00 27.11 ? 3855 VAL A CG1   1 
ATOM   496  C  CG2   . VAL A 1 78  ? -2.091  5.033   -1.663  1.00 24.69 ? 3855 VAL A CG2   1 
ATOM   497  N  N     . ILE A 1 79  ? -0.344  3.517   2.169   1.00 18.68 ? 3856 ILE A N     1 
ATOM   498  C  CA    . ILE A 1 79  ? -0.186  2.619   3.305   1.00 19.98 ? 3856 ILE A CA    1 
ATOM   499  C  C     . ILE A 1 79  ? 1.236   2.040   3.283   1.00 19.99 ? 3856 ILE A C     1 
ATOM   500  O  O     . ILE A 1 79  ? 1.842   1.929   2.228   1.00 16.97 ? 3856 ILE A O     1 
ATOM   501  C  CB    . ILE A 1 79  ? -1.203  1.448   3.237   1.00 18.90 ? 3856 ILE A CB    1 
ATOM   502  C  CG1   . ILE A 1 79  ? -1.231  0.635   4.534   1.00 17.61 ? 3856 ILE A CG1   1 
ATOM   503  C  CG2   . ILE A 1 79  ? -0.923  0.537   2.037   1.00 18.70 ? 3856 ILE A CG2   1 
ATOM   504  C  CD1   . ILE A 1 79  ? -2.443  -0.350  4.608   1.00 19.12 ? 3856 ILE A CD1   1 
ATOM   505  N  N     . GLU A 1 80  ? 1.754   1.690   4.450   1.00 19.60 ? 3857 GLU A N     1 
ATOM   506  C  CA    . GLU A 1 80  ? 3.022   0.987   4.545   1.00 19.21 ? 3857 GLU A CA    1 
ATOM   507  C  C     . GLU A 1 80  ? 2.763   -0.518  4.399   1.00 18.80 ? 3857 GLU A C     1 
ATOM   508  O  O     . GLU A 1 80  ? 1.762   -1.035  4.904   1.00 19.65 ? 3857 GLU A O     1 
ATOM   509  C  CB    . GLU A 1 80  ? 3.689   1.249   5.892   1.00 22.04 ? 3857 GLU A CB    1 
ATOM   510  C  CG    . GLU A 1 80  ? 4.976   0.438   6.065   1.00 24.84 ? 3857 GLU A CG    1 
ATOM   511  C  CD    . GLU A 1 80  ? 5.607   0.570   7.434   1.00 30.38 ? 3857 GLU A CD    1 
ATOM   512  O  OE1   . GLU A 1 80  ? 5.048   1.289   8.293   1.00 32.67 ? 3857 GLU A OE1   1 
ATOM   513  O  OE2   . GLU A 1 80  ? 6.677   -0.050  7.643   1.00 30.98 ? 3857 GLU A OE2   1 
ATOM   514  N  N     . TYR A 1 81  ? 3.619   -1.217  3.673   1.00 19.72 ? 3858 TYR A N     1 
ATOM   515  C  CA    . TYR A 1 81  ? 3.551   -2.685  3.706   1.00 21.41 ? 3858 TYR A CA    1 
ATOM   516  C  C     . TYR A 1 81  ? 4.265   -3.127  4.982   1.00 26.79 ? 3858 TYR A C     1 
ATOM   517  O  O     . TYR A 1 81  ? 5.485   -3.347  5.001   1.00 25.19 ? 3858 TYR A O     1 
ATOM   518  C  CB    . TYR A 1 81  ? 4.138   -3.336  2.450   1.00 19.92 ? 3858 TYR A CB    1 
ATOM   519  C  CG    . TYR A 1 81  ? 3.953   -4.860  2.418   1.00 23.50 ? 3858 TYR A CG    1 
ATOM   520  C  CD1   . TYR A 1 81  ? 2.936   -5.465  1.661   1.00 26.10 ? 3858 TYR A CD1   1 
ATOM   521  C  CD2   . TYR A 1 81  ? 4.786   -5.678  3.158   1.00 22.38 ? 3858 TYR A CD2   1 
ATOM   522  C  CE1   . TYR A 1 81  ? 2.782   -6.865  1.654   1.00 26.72 ? 3858 TYR A CE1   1 
ATOM   523  C  CE2   . TYR A 1 81  ? 4.648   -7.050  3.155   1.00 24.18 ? 3858 TYR A CE2   1 
ATOM   524  C  CZ    . TYR A 1 81  ? 3.648   -7.642  2.408   1.00 31.61 ? 3858 TYR A CZ    1 
ATOM   525  O  OH    . TYR A 1 81  ? 3.540   -9.023  2.436   1.00 33.93 ? 3858 TYR A OH    1 
ATOM   526  N  N     . ALA A 1 82  ? 3.487   -3.218  6.060   1.00 24.52 ? 3859 ALA A N     1 
ATOM   527  C  CA    . ALA A 1 82  ? 4.036   -3.414  7.399   1.00 24.54 ? 3859 ALA A CA    1 
ATOM   528  C  C     . ALA A 1 82  ? 4.547   -4.839  7.656   1.00 24.33 ? 3859 ALA A C     1 
ATOM   529  O  O     . ALA A 1 82  ? 3.993   -5.811  7.135   1.00 23.69 ? 3859 ALA A O     1 
ATOM   530  C  CB    . ALA A 1 82  ? 2.989   -3.056  8.430   1.00 22.40 ? 3859 ALA A CB    1 
ATOM   531  N  N     . GLY A 1 83  ? 5.584   -4.952  8.488   1.00 25.27 ? 3860 GLY A N     1 
ATOM   532  C  CA    . GLY A 1 83  ? 6.110   -6.245  8.909   1.00 25.84 ? 3860 GLY A CA    1 
ATOM   533  C  C     . GLY A 1 83  ? 7.513   -6.108  9.483   1.00 29.03 ? 3860 GLY A C     1 
ATOM   534  O  O     . GLY A 1 83  ? 8.014   -5.005  9.628   1.00 31.72 ? 3860 GLY A O     1 
ATOM   535  N  N     . ASN A 1 84  ? 8.142   -7.224  9.827   1.00 27.57 ? 3861 ASN A N     1 
ATOM   536  C  CA    . ASN A 1 84  ? 9.522   -7.193  10.307  1.00 31.42 ? 3861 ASN A CA    1 
ATOM   537  C  C     . ASN A 1 84  ? 10.503  -7.418  9.170   1.00 27.78 ? 3861 ASN A C     1 
ATOM   538  O  O     . ASN A 1 84  ? 10.332  -8.337  8.372   1.00 23.38 ? 3861 ASN A O     1 
ATOM   539  C  CB    . ASN A 1 84  ? 9.739   -8.235  11.402  1.00 27.46 ? 3861 ASN A CB    1 
ATOM   540  C  CG    . ASN A 1 84  ? 8.861   -7.996  12.615  1.00 37.38 ? 3861 ASN A CG    1 
ATOM   541  O  OD1   . ASN A 1 84  ? 8.806   -6.889  13.145  1.00 39.70 ? 3861 ASN A OD1   1 
ATOM   542  N  ND2   . ASN A 1 84  ? 8.166   -9.036  13.058  1.00 41.43 ? 3861 ASN A ND2   1 
ATOM   543  N  N     . VAL A 1 85  ? 11.514  -6.559  9.082   1.00 27.96 ? 3862 VAL A N     1 
ATOM   544  C  CA    . VAL A 1 85  ? 12.585  -6.749  8.113   1.00 26.30 ? 3862 VAL A CA    1 
ATOM   545  C  C     . VAL A 1 85  ? 13.440  -7.946  8.551   1.00 27.83 ? 3862 VAL A C     1 
ATOM   546  O  O     . VAL A 1 85  ? 13.886  -8.023  9.699   1.00 30.58 ? 3862 VAL A O     1 
ATOM   547  C  CB    . VAL A 1 85  ? 13.461  -5.474  7.976   1.00 28.43 ? 3862 VAL A CB    1 
ATOM   548  C  CG1   . VAL A 1 85  ? 14.685  -5.730  7.089   1.00 29.26 ? 3862 VAL A CG1   1 
ATOM   549  C  CG2   . VAL A 1 85  ? 12.627  -4.280  7.447   1.00 28.40 ? 3862 VAL A CG2   1 
ATOM   550  N  N     . ILE A 1 86  ? 13.645  -8.886  7.642   1.00 28.18 ? 3863 ILE A N     1 
ATOM   551  C  CA    . ILE A 1 86  ? 14.484  -10.050 7.933   1.00 30.28 ? 3863 ILE A CA    1 
ATOM   552  C  C     . ILE A 1 86  ? 15.467  -10.301 6.803   1.00 34.46 ? 3863 ILE A C     1 
ATOM   553  O  O     . ILE A 1 86  ? 15.266  -9.824  5.679   1.00 30.03 ? 3863 ILE A O     1 
ATOM   554  C  CB    . ILE A 1 86  ? 13.645  -11.311 8.134   1.00 32.52 ? 3863 ILE A CB    1 
ATOM   555  C  CG1   . ILE A 1 86  ? 12.900  -11.671 6.839   1.00 32.24 ? 3863 ILE A CG1   1 
ATOM   556  C  CG2   . ILE A 1 86  ? 12.675  -11.130 9.301   1.00 31.58 ? 3863 ILE A CG2   1 
ATOM   557  C  CD1   . ILE A 1 86  ? 12.116  -12.984 6.928   1.00 32.30 ? 3863 ILE A CD1   1 
ATOM   558  N  N     . ARG A 1 87  ? 16.530  -11.048 7.102   1.00 34.20 ? 3864 ARG A N     1 
ATOM   559  C  CA    . ARG A 1 87  ? 17.472  -11.479 6.078   1.00 35.55 ? 3864 ARG A CA    1 
ATOM   560  C  C     . ARG A 1 87  ? 16.831  -12.429 5.080   1.00 35.64 ? 3864 ARG A C     1 
ATOM   561  O  O     . ARG A 1 87  ? 15.993  -13.271 5.435   1.00 34.48 ? 3864 ARG A O     1 
ATOM   562  C  CB    . ARG A 1 87  ? 18.685  -12.181 6.694   1.00 43.74 ? 3864 ARG A CB    1 
ATOM   563  C  CG    . ARG A 1 87  ? 19.575  -11.315 7.563   1.00 45.17 ? 3864 ARG A CG    1 
ATOM   564  C  CD    . ARG A 1 87  ? 20.942  -11.981 7.709   1.00 52.92 ? 3864 ARG A CD    1 
ATOM   565  N  NE    . ARG A 1 87  ? 21.388  -12.044 9.096   1.00 60.25 ? 3864 ARG A NE    1 
ATOM   566  C  CZ    . ARG A 1 87  ? 21.072  -13.028 9.938   1.00 65.41 ? 3864 ARG A CZ    1 
ATOM   567  N  NH1   . ARG A 1 87  ? 20.301  -14.030 9.533   1.00 59.98 ? 3864 ARG A NH1   1 
ATOM   568  N  NH2   . ARG A 1 87  ? 21.524  -13.009 11.187  1.00 67.33 ? 3864 ARG A NH2   1 
ATOM   569  N  N     . SER A 1 88  ? 17.260  -12.300 3.832   1.00 32.53 ? 3865 SER A N     1 
ATOM   570  C  CA    . SER A 1 88  ? 16.758  -13.108 2.740   1.00 30.84 ? 3865 SER A CA    1 
ATOM   571  C  C     . SER A 1 88  ? 16.978  -14.598 3.021   1.00 42.15 ? 3865 SER A C     1 
ATOM   572  O  O     . SER A 1 88  ? 16.190  -15.449 2.597   1.00 37.62 ? 3865 SER A O     1 
ATOM   573  C  CB    . SER A 1 88  ? 17.470  -12.705 1.455   1.00 35.10 ? 3865 SER A CB    1 
ATOM   574  O  OG    . SER A 1 88  ? 16.787  -13.171 0.310   1.00 43.75 ? 3865 SER A OG    1 
ATOM   575  N  N     . ILE A 1 89  ? 18.045  -14.912 3.750   1.00 37.07 ? 3866 ILE A N     1 
ATOM   576  C  CA    . ILE A 1 89  ? 18.359  -16.308 4.032   1.00 37.81 ? 3866 ILE A CA    1 
ATOM   577  C  C     . ILE A 1 89  ? 17.547  -16.904 5.184   1.00 42.65 ? 3866 ILE A C     1 
ATOM   578  O  O     . ILE A 1 89  ? 17.711  -18.084 5.491   1.00 40.32 ? 3866 ILE A O     1 
ATOM   579  C  CB    . ILE A 1 89  ? 19.859  -16.517 4.332   1.00 42.70 ? 3866 ILE A CB    1 
ATOM   580  C  CG1   . ILE A 1 89  ? 20.218  -15.916 5.694   1.00 44.55 ? 3866 ILE A CG1   1 
ATOM   581  C  CG2   . ILE A 1 89  ? 20.719  -15.945 3.208   1.00 40.19 ? 3866 ILE A CG2   1 
ATOM   582  C  CD1   . ILE A 1 89  ? 21.578  -16.317 6.189   1.00 47.83 ? 3866 ILE A CD1   1 
ATOM   583  N  N     . GLN A 1 90  ? 16.690  -16.110 5.834   1.00 37.17 ? 3867 GLN A N     1 
ATOM   584  C  CA    . GLN A 1 90  ? 15.854  -16.653 6.909   1.00 36.09 ? 3867 GLN A CA    1 
ATOM   585  C  C     . GLN A 1 90  ? 14.509  -17.054 6.342   1.00 34.16 ? 3867 GLN A C     1 
ATOM   586  O  O     . GLN A 1 90  ? 13.645  -17.574 7.050   1.00 35.39 ? 3867 GLN A O     1 
ATOM   587  C  CB    . GLN A 1 90  ? 15.623  -15.634 8.017   1.00 36.34 ? 3867 GLN A CB    1 
ATOM   588  C  CG    . GLN A 1 90  ? 16.861  -15.036 8.648   1.00 39.21 ? 3867 GLN A CG    1 
ATOM   589  C  CD    . GLN A 1 90  ? 16.501  -13.933 9.629   1.00 42.94 ? 3867 GLN A CD    1 
ATOM   590  O  OE1   . GLN A 1 90  ? 16.791  -12.760 9.396   1.00 42.55 ? 3867 GLN A OE1   1 
ATOM   591  N  NE2   . GLN A 1 90  ? 15.836  -14.303 10.720  1.00 44.68 ? 3867 GLN A NE2   1 
ATOM   592  N  N     . THR A 1 91  ? 14.353  -16.816 5.047   1.00 35.85 ? 3868 THR A N     1 
ATOM   593  C  CA    . THR A 1 91  ? 13.057  -16.847 4.394   1.00 36.78 ? 3868 THR A CA    1 
ATOM   594  C  C     . THR A 1 91  ? 12.508  -18.270 4.236   1.00 40.84 ? 3868 THR A C     1 
ATOM   595  O  O     . THR A 1 91  ? 11.334  -18.535 4.510   1.00 35.72 ? 3868 THR A O     1 
ATOM   596  C  CB    . THR A 1 91  ? 13.145  -16.123 3.031   1.00 39.03 ? 3868 THR A CB    1 
ATOM   597  O  OG1   . THR A 1 91  ? 12.113  -15.135 2.935   1.00 47.69 ? 3868 THR A OG1   1 
ATOM   598  C  CG2   . THR A 1 91  ? 13.063  -17.086 1.872   1.00 40.12 ? 3868 THR A CG2   1 
ATOM   599  N  N     . ASP A 1 92  ? 13.359  -19.194 3.816   1.00 39.00 ? 3869 ASP A N     1 
ATOM   600  C  CA    . ASP A 1 92  ? 12.884  -20.544 3.545   1.00 38.87 ? 3869 ASP A CA    1 
ATOM   601  C  C     . ASP A 1 92  ? 12.437  -21.231 4.828   1.00 34.56 ? 3869 ASP A C     1 
ATOM   602  O  O     . ASP A 1 92  ? 11.367  -21.845 4.872   1.00 38.54 ? 3869 ASP A O     1 
ATOM   603  C  CB    . ASP A 1 92  ? 13.946  -21.370 2.823   1.00 45.15 ? 3869 ASP A CB    1 
ATOM   604  C  CG    . ASP A 1 92  ? 13.391  -22.068 1.598   1.00 52.68 ? 3869 ASP A CG    1 
ATOM   605  O  OD1   . ASP A 1 92  ? 12.759  -21.372 0.771   1.00 56.07 ? 3869 ASP A OD1   1 
ATOM   606  O  OD2   . ASP A 1 92  ? 13.577  -23.296 1.459   1.00 49.65 ? 3869 ASP A OD2   1 
ATOM   607  N  N     . LYS A 1 93  ? 13.247  -21.107 5.874   1.00 30.17 ? 3870 LYS A N     1 
ATOM   608  C  CA    . LYS A 1 93  ? 12.911  -21.672 7.172   1.00 33.68 ? 3870 LYS A CA    1 
ATOM   609  C  C     . LYS A 1 93  ? 11.592  -21.143 7.738   1.00 35.03 ? 3870 LYS A C     1 
ATOM   610  O  O     . LYS A 1 93  ? 10.824  -21.894 8.336   1.00 31.92 ? 3870 LYS A O     1 
ATOM   611  C  CB    . LYS A 1 93  ? 14.029  -21.409 8.181   1.00 34.32 ? 3870 LYS A CB    1 
ATOM   612  C  CG    . LYS A 1 93  ? 13.811  -22.116 9.505   1.00 46.33 ? 3870 LYS A CG    1 
ATOM   613  C  CD    . LYS A 1 93  ? 14.793  -21.659 10.576  1.00 51.96 ? 3870 LYS A CD    1 
ATOM   614  C  CE    . LYS A 1 93  ? 16.095  -22.457 10.550  1.00 48.97 ? 3870 LYS A CE    1 
ATOM   615  N  NZ    . LYS A 1 93  ? 17.068  -21.921 11.556  1.00 53.15 ? 3870 LYS A NZ    1 
ATOM   616  N  N     . ARG A 1 94  ? 11.336  -19.847 7.566   1.00 32.77 ? 3871 ARG A N     1 
ATOM   617  C  CA    . ARG A 1 94  ? 10.126  -19.262 8.118   1.00 27.98 ? 3871 ARG A CA    1 
ATOM   618  C  C     . ARG A 1 94  ? 8.917   -19.758 7.365   1.00 25.06 ? 3871 ARG A C     1 
ATOM   619  O  O     . ARG A 1 94  ? 7.908   -20.085 7.981   1.00 24.14 ? 3871 ARG A O     1 
ATOM   620  C  CB    . ARG A 1 94  ? 10.176  -17.729 8.097   1.00 29.81 ? 3871 ARG A CB    1 
ATOM   621  C  CG    . ARG A 1 94  ? 10.977  -17.163 9.234   1.00 36.54 ? 3871 ARG A CG    1 
ATOM   622  C  CD    . ARG A 1 94  ? 10.577  -15.747 9.559   1.00 28.86 ? 3871 ARG A CD    1 
ATOM   623  N  NE    . ARG A 1 94  ? 11.376  -15.231 10.662  1.00 31.21 ? 3871 ARG A NE    1 
ATOM   624  C  CZ    . ARG A 1 94  ? 11.113  -14.100 11.302  1.00 37.59 ? 3871 ARG A CZ    1 
ATOM   625  N  NH1   . ARG A 1 94  ? 10.068  -13.367 10.939  1.00 34.77 ? 3871 ARG A NH1   1 
ATOM   626  N  NH2   . ARG A 1 94  ? 11.893  -13.700 12.299  1.00 35.22 ? 3871 ARG A NH2   1 
ATOM   627  N  N     . GLU A 1 95  ? 9.020   -19.821 6.041   1.00 26.11 ? 3872 GLU A N     1 
ATOM   628  C  CA    . GLU A 1 95  ? 7.949   -20.386 5.228   1.00 30.49 ? 3872 GLU A CA    1 
ATOM   629  C  C     . GLU A 1 95  ? 7.625   -21.812 5.690   1.00 30.38 ? 3872 GLU A C     1 
ATOM   630  O  O     . GLU A 1 95  ? 6.455   -22.140 5.921   1.00 28.25 ? 3872 GLU A O     1 
ATOM   631  C  CB    . GLU A 1 95  ? 8.324   -20.409 3.750   1.00 34.82 ? 3872 GLU A CB    1 
ATOM   632  C  CG    . GLU A 1 95  ? 8.401   -19.064 3.079   1.00 46.78 ? 3872 GLU A CG    1 
ATOM   633  C  CD    . GLU A 1 95  ? 8.625   -19.187 1.582   1.00 56.17 ? 3872 GLU A CD    1 
ATOM   634  O  OE1   . GLU A 1 95  ? 8.148   -20.185 0.990   1.00 54.31 ? 3872 GLU A OE1   1 
ATOM   635  O  OE2   . GLU A 1 95  ? 9.281   -18.292 1.003   1.00 53.59 ? 3872 GLU A OE2   1 
ATOM   636  N  N     . LYS A 1 96  ? 8.667   -22.639 5.822   1.00 28.25 ? 3873 LYS A N     1 
ATOM   637  C  CA    . LYS A 1 96  ? 8.534   -23.999 6.343   1.00 33.21 ? 3873 LYS A CA    1 
ATOM   638  C  C     . LYS A 1 96  ? 7.788   -23.950 7.671   1.00 29.70 ? 3873 LYS A C     1 
ATOM   639  O  O     . LYS A 1 96  ? 6.808   -24.669 7.869   1.00 32.87 ? 3873 LYS A O     1 
ATOM   640  C  CB    . LYS A 1 96  ? 9.912   -24.641 6.564   1.00 32.15 ? 3873 LYS A CB    1 
ATOM   641  C  CG    . LYS A 1 96  ? 10.554  -25.324 5.351   1.00 38.88 ? 3873 LYS A CG    1 
ATOM   642  C  CD    . LYS A 1 96  ? 9.958   -24.866 4.034   1.00 38.59 ? 3873 LYS A CD    1 
ATOM   643  C  CE    . LYS A 1 96  ? 10.534  -25.672 2.867   1.00 44.28 ? 3873 LYS A CE    1 
ATOM   644  N  NZ    . LYS A 1 96  ? 9.837   -25.389 1.568   1.00 39.68 ? 3873 LYS A NZ    1 
ATOM   645  N  N     . TYR A 1 97  ? 8.242   -23.092 8.580   1.00 24.83 ? 3874 TYR A N     1 
ATOM   646  C  CA    . TYR A 1 97  ? 7.628   -23.034 9.902   1.00 28.75 ? 3874 TYR A CA    1 
ATOM   647  C  C     . TYR A 1 97  ? 6.141   -22.630 9.828   1.00 28.94 ? 3874 TYR A C     1 
ATOM   648  O  O     . TYR A 1 97  ? 5.280   -23.270 10.440  1.00 28.68 ? 3874 TYR A O     1 
ATOM   649  C  CB    . TYR A 1 97  ? 8.418   -22.116 10.837  1.00 29.93 ? 3874 TYR A CB    1 
ATOM   650  C  CG    . TYR A 1 97  ? 7.687   -21.810 12.121  1.00 35.64 ? 3874 TYR A CG    1 
ATOM   651  C  CD1   . TYR A 1 97  ? 7.908   -22.565 13.265  1.00 36.88 ? 3874 TYR A CD1   1 
ATOM   652  C  CD2   . TYR A 1 97  ? 6.759   -20.779 12.183  1.00 34.44 ? 3874 TYR A CD2   1 
ATOM   653  C  CE1   . TYR A 1 97  ? 7.228   -22.294 14.444  1.00 38.31 ? 3874 TYR A CE1   1 
ATOM   654  C  CE2   . TYR A 1 97  ? 6.069   -20.503 13.355  1.00 38.98 ? 3874 TYR A CE2   1 
ATOM   655  C  CZ    . TYR A 1 97  ? 6.312   -21.261 14.483  1.00 43.37 ? 3874 TYR A CZ    1 
ATOM   656  O  OH    . TYR A 1 97  ? 5.631   -20.989 15.653  1.00 46.36 ? 3874 TYR A OH    1 
ATOM   657  N  N     . TYR A 1 98  ? 5.842   -21.576 9.072   1.00 28.54 ? 3875 TYR A N     1 
ATOM   658  C  CA    . TYR A 1 98  ? 4.451   -21.142 8.893   1.00 27.78 ? 3875 TYR A CA    1 
ATOM   659  C  C     . TYR A 1 98  ? 3.577   -22.248 8.294   1.00 26.79 ? 3875 TYR A C     1 
ATOM   660  O  O     . TYR A 1 98  ? 2.459   -22.487 8.752   1.00 26.17 ? 3875 TYR A O     1 
ATOM   661  C  CB    . TYR A 1 98  ? 4.376   -19.873 8.030   1.00 25.04 ? 3875 TYR A CB    1 
ATOM   662  C  CG    . TYR A 1 98  ? 5.036   -18.634 8.636   1.00 22.67 ? 3875 TYR A CG    1 
ATOM   663  C  CD1   . TYR A 1 98  ? 4.902   -18.335 9.986   1.00 21.93 ? 3875 TYR A CD1   1 
ATOM   664  C  CD2   . TYR A 1 98  ? 5.750   -17.745 7.839   1.00 25.14 ? 3875 TYR A CD2   1 
ATOM   665  C  CE1   . TYR A 1 98  ? 5.474   -17.186 10.531  1.00 25.94 ? 3875 TYR A CE1   1 
ATOM   666  C  CE2   . TYR A 1 98  ? 6.329   -16.590 8.375   1.00 25.19 ? 3875 TYR A CE2   1 
ATOM   667  C  CZ    . TYR A 1 98  ? 6.188   -16.323 9.721   1.00 24.53 ? 3875 TYR A CZ    1 
ATOM   668  O  OH    . TYR A 1 98  ? 6.765   -15.195 10.253  1.00 27.66 ? 3875 TYR A OH    1 
ATOM   669  N  N     . ASP A 1 99  ? 4.077   -22.898 7.251   1.00 28.09 ? 3876 ASP A N     1 
ATOM   670  C  CA    . ASP A 1 99  ? 3.431   -24.079 6.669   1.00 29.61 ? 3876 ASP A CA    1 
ATOM   671  C  C     . ASP A 1 99  ? 3.006   -25.114 7.716   1.00 30.30 ? 3876 ASP A C     1 
ATOM   672  O  O     . ASP A 1 99  ? 1.860   -25.579 7.724   1.00 27.11 ? 3876 ASP A O     1 
ATOM   673  C  CB    . ASP A 1 99  ? 4.397   -24.776 5.717   1.00 33.91 ? 3876 ASP A CB    1 
ATOM   674  C  CG    . ASP A 1 99  ? 4.082   -24.516 4.273   1.00 42.86 ? 3876 ASP A CG    1 
ATOM   675  O  OD1   . ASP A 1 99  ? 3.716   -23.367 3.937   1.00 45.15 ? 3876 ASP A OD1   1 
ATOM   676  O  OD2   . ASP A 1 99  ? 4.197   -25.472 3.471   1.00 52.78 ? 3876 ASP A OD2   1 
ATOM   677  N  N     . SER A 1 100 ? 3.944   -25.469 8.588   1.00 25.90 ? 3877 SER A N     1 
ATOM   678  C  CA    . SER A 1 100 ? 3.729   -26.528 9.565   1.00 31.34 ? 3877 SER A CA    1 
ATOM   679  C  C     . SER A 1 100 ? 2.727   -26.100 10.629  1.00 32.72 ? 3877 SER A C     1 
ATOM   680  O  O     . SER A 1 100 ? 2.112   -26.932 11.284  1.00 29.98 ? 3877 SER A O     1 
ATOM   681  C  CB    . SER A 1 100 ? 5.057   -26.942 10.215  1.00 29.27 ? 3877 SER A CB    1 
ATOM   682  O  OG    . SER A 1 100 ? 5.478   -25.990 11.179  1.00 30.53 ? 3877 SER A OG    1 
ATOM   683  N  N     . LYS A 1 101 ? 2.542   -24.793 10.786  1.00 32.24 ? 3878 LYS A N     1 
ATOM   684  C  CA    . LYS A 1 101 ? 1.657   -24.287 11.825  1.00 29.24 ? 3878 LYS A CA    1 
ATOM   685  C  C     . LYS A 1 101 ? 0.285   -23.920 11.282  1.00 29.37 ? 3878 LYS A C     1 
ATOM   686  O  O     . LYS A 1 101 ? -0.594  -23.537 12.045  1.00 34.97 ? 3878 LYS A O     1 
ATOM   687  C  CB    . LYS A 1 101 ? 2.276   -23.067 12.523  1.00 36.32 ? 3878 LYS A CB    1 
ATOM   688  C  CG    . LYS A 1 101 ? 3.477   -23.376 13.404  1.00 36.42 ? 3878 LYS A CG    1 
ATOM   689  C  CD    . LYS A 1 101 ? 3.092   -24.327 14.517  1.00 39.88 ? 3878 LYS A CD    1 
ATOM   690  C  CE    . LYS A 1 101 ? 4.333   -24.856 15.229  1.00 53.46 ? 3878 LYS A CE    1 
ATOM   691  N  NZ    . LYS A 1 101 ? 3.993   -25.766 16.364  1.00 60.16 ? 3878 LYS A NZ    1 
ATOM   692  N  N     . GLY A 1 102 ? 0.101   -24.017 9.969   1.00 26.09 ? 3879 GLY A N     1 
ATOM   693  C  CA    . GLY A 1 102 ? -1.136  -23.577 9.365   1.00 27.00 ? 3879 GLY A CA    1 
ATOM   694  C  C     . GLY A 1 102 ? -1.274  -22.053 9.441   1.00 33.92 ? 3879 GLY A C     1 
ATOM   695  O  O     . GLY A 1 102 ? -2.347  -21.528 9.716   1.00 29.77 ? 3879 GLY A O     1 
ATOM   696  N  N     . ILE A 1 103 ? -0.171  -21.355 9.190   1.00 27.73 ? 3880 ILE A N     1 
ATOM   697  C  CA    . ILE A 1 103 ? -0.144  -19.904 9.134   1.00 27.17 ? 3880 ILE A CA    1 
ATOM   698  C  C     . ILE A 1 103 ? 0.074   -19.492 7.683   1.00 28.24 ? 3880 ILE A C     1 
ATOM   699  O  O     . ILE A 1 103 ? 0.917   -20.059 6.992   1.00 29.66 ? 3880 ILE A O     1 
ATOM   700  C  CB    . ILE A 1 103 ? 0.981   -19.347 10.033  1.00 29.33 ? 3880 ILE A CB    1 
ATOM   701  C  CG1   . ILE A 1 103 ? 0.646   -19.602 11.508  1.00 31.46 ? 3880 ILE A CG1   1 
ATOM   702  C  CG2   . ILE A 1 103 ? 1.180   -17.847 9.804   1.00 26.50 ? 3880 ILE A CG2   1 
ATOM   703  C  CD1   . ILE A 1 103 ? 1.848   -19.559 12.439  1.00 33.68 ? 3880 ILE A CD1   1 
ATOM   704  N  N     . GLY A 1 104 ? -0.703  -18.521 7.218   1.00 29.87 ? 3881 GLY A N     1 
ATOM   705  C  CA    . GLY A 1 104 ? -0.547  -17.984 5.876   1.00 25.22 ? 3881 GLY A CA    1 
ATOM   706  C  C     . GLY A 1 104 ? 0.587   -16.974 5.822   1.00 25.67 ? 3881 GLY A C     1 
ATOM   707  O  O     . GLY A 1 104 ? 0.603   -16.007 6.572   1.00 25.71 ? 3881 GLY A O     1 
ATOM   708  N  N     . CYS A 1 105 ? 1.527   -17.208 4.912   1.00 25.20 ? 3882 CYS A N     1 
ATOM   709  C  CA    . CYS A 1 105 ? 2.769   -16.449 4.821   1.00 24.98 ? 3882 CYS A CA    1 
ATOM   710  C  C     . CYS A 1 105 ? 2.620   -15.259 3.880   1.00 24.80 ? 3882 CYS A C     1 
ATOM   711  O  O     . CYS A 1 105 ? 2.136   -15.403 2.764   1.00 28.20 ? 3882 CYS A O     1 
ATOM   712  C  CB    . CYS A 1 105 ? 3.890   -17.367 4.322   1.00 22.12 ? 3882 CYS A CB    1 
ATOM   713  S  SG    . CYS A 1 105 ? 5.555   -16.608 4.290   1.00 32.45 ? 3882 CYS A SG    1 
ATOM   714  N  N     . TYR A 1 106 ? 3.019   -14.077 4.338   1.00 22.37 ? 3883 TYR A N     1 
ATOM   715  C  CA    . TYR A 1 106 ? 3.020   -12.888 3.483   1.00 26.65 ? 3883 TYR A CA    1 
ATOM   716  C  C     . TYR A 1 106 ? 4.378   -12.212 3.603   1.00 28.18 ? 3883 TYR A C     1 
ATOM   717  O  O     . TYR A 1 106 ? 4.797   -11.827 4.697   1.00 24.14 ? 3883 TYR A O     1 
ATOM   718  C  CB    . TYR A 1 106 ? 1.918   -11.901 3.877   1.00 22.79 ? 3883 TYR A CB    1 
ATOM   719  C  CG    . TYR A 1 106 ? 0.500   -12.403 3.655   1.00 24.70 ? 3883 TYR A CG    1 
ATOM   720  C  CD1   . TYR A 1 106 ? -0.228  -12.036 2.523   1.00 20.65 ? 3883 TYR A CD1   1 
ATOM   721  C  CD2   . TYR A 1 106 ? -0.102  -13.247 4.578   1.00 25.24 ? 3883 TYR A CD2   1 
ATOM   722  C  CE1   . TYR A 1 106 ? -1.527  -12.507 2.324   1.00 25.53 ? 3883 TYR A CE1   1 
ATOM   723  C  CE2   . TYR A 1 106 ? -1.389  -13.718 4.391   1.00 28.67 ? 3883 TYR A CE2   1 
ATOM   724  C  CZ    . TYR A 1 106 ? -2.098  -13.343 3.267   1.00 31.56 ? 3883 TYR A CZ    1 
ATOM   725  O  OH    . TYR A 1 106 ? -3.381  -13.806 3.097   1.00 33.28 ? 3883 TYR A OH    1 
ATOM   726  N  N     . MET A 1 107 ? 5.082   -12.106 2.485   1.00 27.29 ? 3884 MET A N     1 
ATOM   727  C  CA    . MET A 1 107 ? 6.392   -11.469 2.489   1.00 26.78 ? 3884 MET A CA    1 
ATOM   728  C  C     . MET A 1 107 ? 6.544   -10.601 1.255   1.00 30.55 ? 3884 MET A C     1 
ATOM   729  O  O     . MET A 1 107 ? 5.947   -10.882 0.218   1.00 28.61 ? 3884 MET A O     1 
ATOM   730  C  CB    . MET A 1 107 ? 7.504   -12.509 2.539   1.00 26.56 ? 3884 MET A CB    1 
ATOM   731  C  CG    . MET A 1 107 ? 7.617   -13.254 3.867   1.00 31.38 ? 3884 MET A CG    1 
ATOM   732  S  SD    . MET A 1 107 ? 8.896   -14.518 3.764   1.00 35.64 ? 3884 MET A SD    1 
ATOM   733  C  CE    . MET A 1 107 ? 8.718   -15.345 5.347   1.00 33.10 ? 3884 MET A CE    1 
ATOM   734  N  N     . PHE A 1 108 ? 7.336   -9.540  1.389   1.00 26.42 ? 3885 PHE A N     1 
ATOM   735  C  CA    . PHE A 1 108 ? 7.588   -8.604  0.302   1.00 25.35 ? 3885 PHE A CA    1 
ATOM   736  C  C     . PHE A 1 108 ? 9.102   -8.365  0.266   1.00 25.61 ? 3885 PHE A C     1 
ATOM   737  O  O     . PHE A 1 108 ? 9.698   -7.928  1.254   1.00 23.51 ? 3885 PHE A O     1 
ATOM   738  C  CB    . PHE A 1 108 ? 6.852   -7.289  0.581   1.00 25.53 ? 3885 PHE A CB    1 
ATOM   739  C  CG    . PHE A 1 108 ? 6.581   -6.444  -0.645  1.00 28.37 ? 3885 PHE A CG    1 
ATOM   740  C  CD1   . PHE A 1 108 ? 5.378   -5.760  -0.771  1.00 30.49 ? 3885 PHE A CD1   1 
ATOM   741  C  CD2   . PHE A 1 108 ? 7.526   -6.306  -1.648  1.00 28.88 ? 3885 PHE A CD2   1 
ATOM   742  C  CE1   . PHE A 1 108 ? 5.114   -4.962  -1.882  1.00 27.75 ? 3885 PHE A CE1   1 
ATOM   743  C  CE2   . PHE A 1 108 ? 7.273   -5.514  -2.763  1.00 30.21 ? 3885 PHE A CE2   1 
ATOM   744  C  CZ    . PHE A 1 108 ? 6.063   -4.836  -2.877  1.00 34.16 ? 3885 PHE A CZ    1 
ATOM   745  N  N     . ARG A 1 109 ? 9.726   -8.667  -0.860  1.00 22.61 ? 3886 ARG A N     1 
ATOM   746  C  CA    . ARG A 1 109 ? 11.175  -8.505  -0.969  1.00 24.84 ? 3886 ARG A CA    1 
ATOM   747  C  C     . ARG A 1 109 ? 11.553  -7.027  -1.078  1.00 27.11 ? 3886 ARG A C     1 
ATOM   748  O  O     . ARG A 1 109 ? 10.953  -6.283  -1.865  1.00 29.08 ? 3886 ARG A O     1 
ATOM   749  C  CB    . ARG A 1 109 ? 11.711  -9.287  -2.169  1.00 29.58 ? 3886 ARG A CB    1 
ATOM   750  C  CG    . ARG A 1 109 ? 13.208  -9.133  -2.389  1.00 38.69 ? 3886 ARG A CG    1 
ATOM   751  C  CD    . ARG A 1 109 ? 13.752  -10.186 -3.353  1.00 48.19 ? 3886 ARG A CD    1 
ATOM   752  N  NE    . ARG A 1 109 ? 13.543  -11.551 -2.875  1.00 42.76 ? 3886 ARG A NE    1 
ATOM   753  C  CZ    . ARG A 1 109 ? 14.303  -12.156 -1.966  1.00 38.44 ? 3886 ARG A CZ    1 
ATOM   754  N  NH1   . ARG A 1 109 ? 15.324  -11.517 -1.411  1.00 39.42 ? 3886 ARG A NH1   1 
ATOM   755  N  NH2   . ARG A 1 109 ? 14.027  -13.400 -1.593  1.00 48.39 ? 3886 ARG A NH2   1 
ATOM   756  N  N     . ILE A 1 110 ? 12.523  -6.608  -0.263  1.00 26.07 ? 3887 ILE A N     1 
ATOM   757  C  CA    . ILE A 1 110 ? 13.116  -5.270  -0.348  1.00 26.86 ? 3887 ILE A CA    1 
ATOM   758  C  C     . ILE A 1 110 ? 14.208  -5.242  -1.415  1.00 31.35 ? 3887 ILE A C     1 
ATOM   759  O  O     . ILE A 1 110 ? 14.219  -4.364  -2.279  1.00 29.82 ? 3887 ILE A O     1 
ATOM   760  C  CB    . ILE A 1 110 ? 13.716  -4.850  1.002   1.00 28.65 ? 3887 ILE A CB    1 
ATOM   761  C  CG1   . ILE A 1 110 ? 12.600  -4.545  1.995   1.00 29.12 ? 3887 ILE A CG1   1 
ATOM   762  C  CG2   . ILE A 1 110 ? 14.669  -3.649  0.843   1.00 27.79 ? 3887 ILE A CG2   1 
ATOM   763  C  CD1   . ILE A 1 110 ? 13.095  -4.376  3.409   1.00 31.09 ? 3887 ILE A CD1   1 
ATOM   764  N  N     . ASP A 1 111 ? 15.121  -6.209  -1.340  1.00 27.41 ? 3888 ASP A N     1 
ATOM   765  C  CA    . ASP A 1 111 ? 16.148  -6.411  -2.358  1.00 35.13 ? 3888 ASP A CA    1 
ATOM   766  C  C     . ASP A 1 111 ? 16.689  -7.836  -2.229  1.00 42.65 ? 3888 ASP A C     1 
ATOM   767  O  O     . ASP A 1 111 ? 16.065  -8.684  -1.578  1.00 34.92 ? 3888 ASP A O     1 
ATOM   768  C  CB    . ASP A 1 111 ? 17.276  -5.375  -2.224  1.00 30.50 ? 3888 ASP A CB    1 
ATOM   769  C  CG    . ASP A 1 111 ? 17.913  -5.367  -0.838  1.00 37.84 ? 3888 ASP A CG    1 
ATOM   770  O  OD1   . ASP A 1 111 ? 17.776  -6.372  -0.107  1.00 35.05 ? 3888 ASP A OD1   1 
ATOM   771  O  OD2   . ASP A 1 111 ? 18.556  -4.354  -0.471  1.00 37.03 ? 3888 ASP A OD2   1 
ATOM   772  N  N     . ASP A 1 112 ? 17.852  -8.099  -2.823  1.00 35.65 ? 3889 ASP A N     1 
ATOM   773  C  CA    . ASP A 1 112 ? 18.368  -9.462  -2.865  1.00 39.36 ? 3889 ASP A CA    1 
ATOM   774  C  C     . ASP A 1 112 ? 18.756  -9.988  -1.485  1.00 39.24 ? 3889 ASP A C     1 
ATOM   775  O  O     . ASP A 1 112 ? 18.961  -11.180 -1.307  1.00 44.96 ? 3889 ASP A O     1 
ATOM   776  C  CB    . ASP A 1 112 ? 19.542  -9.576  -3.845  1.00 45.76 ? 3889 ASP A CB    1 
ATOM   777  C  CG    . ASP A 1 112 ? 19.083  -9.668  -5.294  1.00 50.04 ? 3889 ASP A CG    1 
ATOM   778  O  OD1   . ASP A 1 112 ? 17.875  -9.463  -5.559  1.00 51.63 ? 3889 ASP A OD1   1 
ATOM   779  O  OD2   . ASP A 1 112 ? 19.933  -9.946  -6.170  1.00 55.72 ? 3889 ASP A OD2   1 
ATOM   780  N  N     . SER A 1 113 ? 18.820  -9.097  -0.505  1.00 38.36 ? 3890 SER A N     1 
ATOM   781  C  CA    . SER A 1 113 ? 19.331  -9.449  0.814   1.00 35.10 ? 3890 SER A CA    1 
ATOM   782  C  C     . SER A 1 113 ? 18.313  -9.374  1.948   1.00 33.85 ? 3890 SER A C     1 
ATOM   783  O  O     . SER A 1 113 ? 18.556  -9.912  3.030   1.00 32.59 ? 3890 SER A O     1 
ATOM   784  C  CB    . SER A 1 113 ? 20.508  -8.530  1.162   1.00 39.33 ? 3890 SER A CB    1 
ATOM   785  O  OG    . SER A 1 113 ? 21.650  -8.873  0.401   1.00 51.08 ? 3890 SER A OG    1 
ATOM   786  N  N     . GLU A 1 114 ? 17.201  -8.678  1.720   1.00 30.74 ? 3891 GLU A N     1 
ATOM   787  C  CA    . GLU A 1 114 ? 16.264  -8.367  2.799   1.00 30.18 ? 3891 GLU A CA    1 
ATOM   788  C  C     . GLU A 1 114 ? 14.824  -8.455  2.306   1.00 28.29 ? 3891 GLU A C     1 
ATOM   789  O  O     . GLU A 1 114 ? 14.529  -8.161  1.154   1.00 24.83 ? 3891 GLU A O     1 
ATOM   790  C  CB    . GLU A 1 114 ? 16.516  -6.959  3.366   1.00 34.57 ? 3891 GLU A CB    1 
ATOM   791  C  CG    . GLU A 1 114 ? 17.767  -6.810  4.229   1.00 39.89 ? 3891 GLU A CG    1 
ATOM   792  C  CD    . GLU A 1 114 ? 17.947  -5.389  4.758   1.00 48.57 ? 3891 GLU A CD    1 
ATOM   793  O  OE1   . GLU A 1 114 ? 17.816  -4.431  3.964   1.00 52.75 ? 3891 GLU A OE1   1 
ATOM   794  O  OE2   . GLU A 1 114 ? 18.220  -5.227  5.969   1.00 52.83 ? 3891 GLU A OE2   1 
ATOM   795  N  N     . VAL A 1 115 ? 13.934  -8.883  3.184   1.00 25.42 ? 3892 VAL A N     1 
ATOM   796  C  CA    . VAL A 1 115 ? 12.533  -8.911  2.837   1.00 23.64 ? 3892 VAL A CA    1 
ATOM   797  C  C     . VAL A 1 115 ? 11.734  -8.442  4.043   1.00 26.35 ? 3892 VAL A C     1 
ATOM   798  O  O     . VAL A 1 115 ? 12.189  -8.549  5.187   1.00 26.63 ? 3892 VAL A O     1 
ATOM   799  C  CB    . VAL A 1 115 ? 12.060  -10.331 2.417   1.00 30.41 ? 3892 VAL A CB    1 
ATOM   800  C  CG1   . VAL A 1 115 ? 13.217  -11.174 1.878   1.00 33.15 ? 3892 VAL A CG1   1 
ATOM   801  C  CG2   . VAL A 1 115 ? 11.337  -11.025 3.560   1.00 28.63 ? 3892 VAL A CG2   1 
ATOM   802  N  N     . VAL A 1 116 ? 10.543  -7.917  3.794   1.00 23.12 ? 3893 VAL A N     1 
ATOM   803  C  CA    . VAL A 1 116 ? 9.638   -7.635  4.895   1.00 22.63 ? 3893 VAL A CA    1 
ATOM   804  C  C     . VAL A 1 116 ? 8.754   -8.857  5.135   1.00 23.79 ? 3893 VAL A C     1 
ATOM   805  O  O     . VAL A 1 116 ? 8.144   -9.385  4.199   1.00 23.90 ? 3893 VAL A O     1 
ATOM   806  C  CB    . VAL A 1 116 ? 8.777   -6.396  4.625   1.00 21.64 ? 3893 VAL A CB    1 
ATOM   807  C  CG1   . VAL A 1 116 ? 7.724   -6.240  5.729   1.00 22.35 ? 3893 VAL A CG1   1 
ATOM   808  C  CG2   . VAL A 1 116 ? 9.667   -5.141  4.538   1.00 22.07 ? 3893 VAL A CG2   1 
ATOM   809  N  N     . ASP A 1 117 ? 8.698   -9.313  6.382   1.00 20.53 ? 3894 ASP A N     1 
ATOM   810  C  CA    . ASP A 1 117 ? 7.847   -10.442 6.725   1.00 25.36 ? 3894 ASP A CA    1 
ATOM   811  C  C     . ASP A 1 117 ? 6.615   -9.911  7.429   1.00 23.43 ? 3894 ASP A C     1 
ATOM   812  O  O     . ASP A 1 117 ? 6.694   -9.496  8.583   1.00 25.67 ? 3894 ASP A O     1 
ATOM   813  C  CB    . ASP A 1 117 ? 8.582   -11.464 7.617   1.00 19.94 ? 3894 ASP A CB    1 
ATOM   814  C  CG    . ASP A 1 117 ? 7.729   -12.701 7.916   1.00 26.77 ? 3894 ASP A CG    1 
ATOM   815  O  OD1   . ASP A 1 117 ? 6.617   -12.803 7.355   1.00 25.59 ? 3894 ASP A OD1   1 
ATOM   816  O  OD2   . ASP A 1 117 ? 8.174   -13.587 8.695   1.00 27.00 ? 3894 ASP A OD2   1 
ATOM   817  N  N     . ALA A 1 118 ? 5.486   -9.922  6.724   1.00 23.33 ? 3895 ALA A N     1 
ATOM   818  C  CA    . ALA A 1 118 ? 4.234   -9.343  7.233   1.00 22.62 ? 3895 ALA A CA    1 
ATOM   819  C  C     . ALA A 1 118 ? 3.314   -10.411 7.835   1.00 25.26 ? 3895 ALA A C     1 
ATOM   820  O  O     . ALA A 1 118 ? 2.137   -10.163 8.098   1.00 25.27 ? 3895 ALA A O     1 
ATOM   821  C  CB    . ALA A 1 118 ? 3.513   -8.635  6.127   1.00 18.44 ? 3895 ALA A CB    1 
ATOM   822  N  N     . THR A 1 119 ? 3.842   -11.609 8.031   1.00 23.42 ? 3896 THR A N     1 
ATOM   823  C  CA    . THR A 1 119 ? 3.001   -12.724 8.436   1.00 23.46 ? 3896 THR A CA    1 
ATOM   824  C  C     . THR A 1 119 ? 2.395   -12.515 9.811   1.00 24.39 ? 3896 THR A C     1 
ATOM   825  O  O     . THR A 1 119 ? 1.193   -12.661 9.996   1.00 24.02 ? 3896 THR A O     1 
ATOM   826  C  CB    . THR A 1 119 ? 3.789   -14.050 8.418   1.00 21.83 ? 3896 THR A CB    1 
ATOM   827  O  OG1   . THR A 1 119 ? 4.316   -14.252 7.106   1.00 23.38 ? 3896 THR A OG1   1 
ATOM   828  C  CG2   . THR A 1 119 ? 2.881   -15.202 8.778   1.00 22.70 ? 3896 THR A CG2   1 
ATOM   829  N  N     . MET A 1 120 ? 3.242   -12.172 10.772  1.00 25.01 ? 3897 MET A N     1 
ATOM   830  C  CA    . MET A 1 120 ? 2.864   -12.135 12.180  1.00 29.40 ? 3897 MET A CA    1 
ATOM   831  C  C     . MET A 1 120 ? 2.579   -10.713 12.662  1.00 29.51 ? 3897 MET A C     1 
ATOM   832  O  O     . MET A 1 120 ? 1.799   -10.507 13.593  1.00 28.06 ? 3897 MET A O     1 
ATOM   833  C  CB    . MET A 1 120 ? 3.976   -12.768 13.025  1.00 29.18 ? 3897 MET A CB    1 
ATOM   834  C  CG    . MET A 1 120 ? 4.310   -14.216 12.629  1.00 31.76 ? 3897 MET A CG    1 
ATOM   835  S  SD    . MET A 1 120 ? 2.873   -15.281 12.829  1.00 35.06 ? 3897 MET A SD    1 
ATOM   836  C  CE    . MET A 1 120 ? 2.653   -15.211 14.604  1.00 35.18 ? 3897 MET A CE    1 
ATOM   837  N  N     . HIS A 1 121 ? 3.219   -9.736  12.031  1.00 27.64 ? 3898 HIS A N     1 
ATOM   838  C  CA    . HIS A 1 121 ? 2.999   -8.336  12.393  1.00 29.92 ? 3898 HIS A CA    1 
ATOM   839  C  C     . HIS A 1 121 ? 2.710   -7.476  11.183  1.00 28.29 ? 3898 HIS A C     1 
ATOM   840  O  O     . HIS A 1 121 ? 3.320   -6.425  11.007  1.00 26.80 ? 3898 HIS A O     1 
ATOM   841  C  CB    . HIS A 1 121 ? 4.200   -7.776  13.169  1.00 29.98 ? 3898 HIS A CB    1 
ATOM   842  C  CG    . HIS A 1 121 ? 4.436   -8.480  14.464  1.00 35.44 ? 3898 HIS A CG    1 
ATOM   843  N  ND1   . HIS A 1 121 ? 5.483   -9.356  14.652  1.00 39.83 ? 3898 HIS A ND1   1 
ATOM   844  C  CD2   . HIS A 1 121 ? 3.723   -8.485  15.615  1.00 34.32 ? 3898 HIS A CD2   1 
ATOM   845  C  CE1   . HIS A 1 121 ? 5.417   -9.854  15.877  1.00 44.23 ? 3898 HIS A CE1   1 
ATOM   846  N  NE2   . HIS A 1 121 ? 4.357   -9.344  16.479  1.00 44.95 ? 3898 HIS A NE2   1 
ATOM   847  N  N     . GLY A 1 122 ? 1.781   -7.927  10.349  1.00 25.14 ? 3899 GLY A N     1 
ATOM   848  C  CA    . GLY A 1 122 ? 1.460   -7.209  9.132   1.00 25.20 ? 3899 GLY A CA    1 
ATOM   849  C  C     . GLY A 1 122 ? 0.228   -6.327  9.258   1.00 26.09 ? 3899 GLY A C     1 
ATOM   850  O  O     . GLY A 1 122 ? -0.344  -6.171  10.343  1.00 26.65 ? 3899 GLY A O     1 
ATOM   851  N  N     . ASN A 1 123 ? -0.179  -5.741  8.138   1.00 23.74 ? 3900 ASN A N     1 
ATOM   852  C  CA    . ASN A 1 123 ? -1.350  -4.885  8.134   1.00 23.12 ? 3900 ASN A CA    1 
ATOM   853  C  C     . ASN A 1 123 ? -2.205  -5.143  6.900   1.00 24.82 ? 3900 ASN A C     1 
ATOM   854  O  O     . ASN A 1 123 ? -2.118  -6.218  6.275   1.00 19.81 ? 3900 ASN A O     1 
ATOM   855  C  CB    . ASN A 1 123 ? -0.972  -3.390  8.312   1.00 20.69 ? 3900 ASN A CB    1 
ATOM   856  C  CG    . ASN A 1 123 ? -0.234  -2.797  7.095   1.00 22.43 ? 3900 ASN A CG    1 
ATOM   857  O  OD1   . ASN A 1 123 ? 0.020   -3.488  6.111   1.00 19.88 ? 3900 ASN A OD1   1 
ATOM   858  N  ND2   . ASN A 1 123 ? 0.099   -1.501  7.168   1.00 20.16 ? 3900 ASN A ND2   1 
ATOM   859  N  N     . ALA A 1 124 ? -3.032  -4.161  6.559   1.00 18.99 ? 3901 ALA A N     1 
ATOM   860  C  CA    . ALA A 1 124 ? -3.998  -4.304  5.475   1.00 20.31 ? 3901 ALA A CA    1 
ATOM   861  C  C     . ALA A 1 124 ? -3.349  -4.402  4.101   1.00 19.78 ? 3901 ALA A C     1 
ATOM   862  O  O     . ALA A 1 124 ? -3.980  -4.862  3.171   1.00 20.14 ? 3901 ALA A O     1 
ATOM   863  C  CB    . ALA A 1 124 ? -5.025  -3.146  5.499   1.00 19.19 ? 3901 ALA A CB    1 
ATOM   864  N  N     . ALA A 1 125 ? -2.090  -3.978  3.973   1.00 20.64 ? 3902 ALA A N     1 
ATOM   865  C  CA    . ALA A 1 125 ? -1.408  -3.975  2.677   1.00 20.87 ? 3902 ALA A CA    1 
ATOM   866  C  C     . ALA A 1 125 ? -1.205  -5.386  2.124   1.00 19.65 ? 3902 ALA A C     1 
ATOM   867  O  O     . ALA A 1 125 ? -1.042  -5.577  0.925   1.00 18.38 ? 3902 ALA A O     1 
ATOM   868  C  CB    . ALA A 1 125 ? -0.063  -3.276  2.795   1.00 20.08 ? 3902 ALA A CB    1 
ATOM   869  N  N     . ARG A 1 126 ? -1.197  -6.373  3.004   1.00 16.59 ? 3903 ARG A N     1 
ATOM   870  C  CA    . ARG A 1 126 ? -1.121  -7.767  2.550   1.00 20.85 ? 3903 ARG A CA    1 
ATOM   871  C  C     . ARG A 1 126 ? -2.250  -8.136  1.580   1.00 22.40 ? 3903 ARG A C     1 
ATOM   872  O  O     . ARG A 1 126 ? -2.144  -9.110  0.842   1.00 18.69 ? 3903 ARG A O     1 
ATOM   873  C  CB    . ARG A 1 126 ? -1.181  -8.713  3.743   1.00 22.31 ? 3903 ARG A CB    1 
ATOM   874  C  CG    . ARG A 1 126 ? -0.024  -8.573  4.711   1.00 20.86 ? 3903 ARG A CG    1 
ATOM   875  C  CD    . ARG A 1 126 ? -0.279  -9.445  5.920   1.00 19.94 ? 3903 ARG A CD    1 
ATOM   876  N  NE    . ARG A 1 126 ? -1.325  -8.888  6.781   1.00 24.15 ? 3903 ARG A NE    1 
ATOM   877  C  CZ    . ARG A 1 126 ? -1.950  -9.585  7.727   1.00 29.38 ? 3903 ARG A CZ    1 
ATOM   878  N  NH1   . ARG A 1 126 ? -1.622  -10.854 7.924   1.00 27.42 ? 3903 ARG A NH1   1 
ATOM   879  N  NH2   . ARG A 1 126 ? -2.887  -9.018  8.481   1.00 26.19 ? 3903 ARG A NH2   1 
ATOM   880  N  N     . PHE A 1 127 ? -3.325  -7.351  1.566   1.00 21.90 ? 3904 PHE A N     1 
ATOM   881  C  CA    . PHE A 1 127 ? -4.508  -7.748  0.801   1.00 20.54 ? 3904 PHE A CA    1 
ATOM   882  C  C     . PHE A 1 127 ? -4.628  -7.077  -0.554  1.00 22.35 ? 3904 PHE A C     1 
ATOM   883  O  O     . PHE A 1 127 ? -5.630  -7.241  -1.261  1.00 23.01 ? 3904 PHE A O     1 
ATOM   884  C  CB    . PHE A 1 127 ? -5.763  -7.556  1.648   1.00 22.21 ? 3904 PHE A CB    1 
ATOM   885  C  CG    . PHE A 1 127 ? -5.716  -8.335  2.926   1.00 22.36 ? 3904 PHE A CG    1 
ATOM   886  C  CD1   . PHE A 1 127 ? -5.982  -9.691  2.927   1.00 34.53 ? 3904 PHE A CD1   1 
ATOM   887  C  CD2   . PHE A 1 127 ? -5.331  -7.731  4.110   1.00 25.47 ? 3904 PHE A CD2   1 
ATOM   888  C  CE1   . PHE A 1 127 ? -5.900  -10.424 4.099   1.00 39.93 ? 3904 PHE A CE1   1 
ATOM   889  C  CE2   . PHE A 1 127 ? -5.244  -8.453  5.284   1.00 31.05 ? 3904 PHE A CE2   1 
ATOM   890  C  CZ    . PHE A 1 127 ? -5.530  -9.797  5.283   1.00 37.96 ? 3904 PHE A CZ    1 
ATOM   891  N  N     . ILE A 1 128 ? -3.587  -6.355  -0.932  1.00 16.67 ? 3905 ILE A N     1 
ATOM   892  C  CA    . ILE A 1 128 ? -3.548  -5.720  -2.242  1.00 20.41 ? 3905 ILE A CA    1 
ATOM   893  C  C     . ILE A 1 128 ? -3.370  -6.741  -3.370  1.00 22.61 ? 3905 ILE A C     1 
ATOM   894  O  O     . ILE A 1 128 ? -2.331  -7.392  -3.470  1.00 20.37 ? 3905 ILE A O     1 
ATOM   895  C  CB    . ILE A 1 128 ? -2.434  -4.665  -2.310  1.00 22.53 ? 3905 ILE A CB    1 
ATOM   896  C  CG1   . ILE A 1 128 ? -2.694  -3.579  -1.262  1.00 19.73 ? 3905 ILE A CG1   1 
ATOM   897  C  CG2   . ILE A 1 128 ? -2.369  -4.044  -3.696  1.00 21.01 ? 3905 ILE A CG2   1 
ATOM   898  C  CD1   . ILE A 1 128 ? -1.507  -2.654  -1.049  1.00 21.93 ? 3905 ILE A CD1   1 
ATOM   899  N  N     . ASN A 1 129 ? -4.389  -6.851  -4.217  1.00 18.64 ? 3906 ASN A N     1 
ATOM   900  C  CA    . ASN A 1 129 ? -4.397  -7.773  -5.343  1.00 23.34 ? 3906 ASN A CA    1 
ATOM   901  C  C     . ASN A 1 129 ? -3.539  -7.295  -6.498  1.00 24.03 ? 3906 ASN A C     1 
ATOM   902  O  O     . ASN A 1 129 ? -3.226  -6.113  -6.600  1.00 21.71 ? 3906 ASN A O     1 
ATOM   903  C  CB    . ASN A 1 129 ? -5.837  -8.031  -5.817  1.00 19.51 ? 3906 ASN A CB    1 
ATOM   904  C  CG    . ASN A 1 129 ? -6.565  -8.998  -4.910  1.00 26.41 ? 3906 ASN A CG    1 
ATOM   905  O  OD1   . ASN A 1 129 ? -7.765  -8.849  -4.628  1.00 26.15 ? 3906 ASN A OD1   1 
ATOM   906  N  ND2   . ASN A 1 129 ? -5.835  -9.997  -4.435  1.00 21.94 ? 3906 ASN A ND2   1 
ATOM   907  N  N     . HIS A 1 130 ? -3.145  -8.235  -7.352  1.00 26.53 ? 3907 HIS A N     1 
ATOM   908  C  CA    . HIS A 1 130 ? -2.385  -7.910  -8.538  1.00 28.38 ? 3907 HIS A CA    1 
ATOM   909  C  C     . HIS A 1 130 ? -3.300  -7.387  -9.635  1.00 28.28 ? 3907 HIS A C     1 
ATOM   910  O  O     . HIS A 1 130 ? -4.452  -7.791  -9.739  1.00 31.01 ? 3907 HIS A O     1 
ATOM   911  C  CB    . HIS A 1 130 ? -1.619  -9.130  -9.066  1.00 31.05 ? 3907 HIS A CB    1 
ATOM   912  C  CG    . HIS A 1 130 ? -1.161  -8.968  -10.483 1.00 31.29 ? 3907 HIS A CG    1 
ATOM   913  N  ND1   . HIS A 1 130 ? 0.079   -8.472  -10.812 1.00 33.77 ? 3907 HIS A ND1   1 
ATOM   914  C  CD2   . HIS A 1 130 ? -1.803  -9.189  -11.655 1.00 34.97 ? 3907 HIS A CD2   1 
ATOM   915  C  CE1   . HIS A 1 130 ? 0.194   -8.412  -12.128 1.00 35.03 ? 3907 HIS A CE1   1 
ATOM   916  N  NE2   . HIS A 1 130 ? -0.936  -8.839  -12.661 1.00 37.48 ? 3907 HIS A NE2   1 
ATOM   917  N  N     . SER A 1 131 ? -2.775  -6.486  -10.451 1.00 28.13 ? 3908 SER A N     1 
ATOM   918  C  CA    . SER A 1 131 ? -3.450  -6.081  -11.675 1.00 34.15 ? 3908 SER A CA    1 
ATOM   919  C  C     . SER A 1 131 ? -2.441  -5.694  -12.739 1.00 36.25 ? 3908 SER A C     1 
ATOM   920  O  O     . SER A 1 131 ? -1.427  -5.050  -12.453 1.00 31.29 ? 3908 SER A O     1 
ATOM   921  C  CB    . SER A 1 131 ? -4.404  -4.916  -11.440 1.00 34.32 ? 3908 SER A CB    1 
ATOM   922  O  OG    . SER A 1 131 ? -4.905  -4.459  -12.681 1.00 36.03 ? 3908 SER A OG    1 
ATOM   923  N  N     . CYS A 1 132 ? -2.728  -6.087  -13.972 1.00 39.08 ? 3909 CYS A N     1 
ATOM   924  C  CA    . CYS A 1 132 ? -1.884  -5.712  -15.093 1.00 36.28 ? 3909 CYS A CA    1 
ATOM   925  C  C     . CYS A 1 132 ? -2.048  -4.225  -15.426 1.00 42.14 ? 3909 CYS A C     1 
ATOM   926  O  O     . CYS A 1 132 ? -1.183  -3.640  -16.078 1.00 47.44 ? 3909 CYS A O     1 
ATOM   927  C  CB    . CYS A 1 132 ? -2.187  -6.605  -16.298 1.00 46.53 ? 3909 CYS A CB    1 
ATOM   928  S  SG    . CYS A 1 132 ? -1.939  -8.377  -15.961 1.00 47.83 ? 3909 CYS A SG    1 
ATOM   929  N  N     . GLU A 1 133 ? -3.147  -3.617  -14.967 1.00 40.37 ? 3910 GLU A N     1 
ATOM   930  C  CA    . GLU A 1 133 ? -3.372  -2.165  -15.090 1.00 40.81 ? 3910 GLU A CA    1 
ATOM   931  C  C     . GLU A 1 133 ? -3.502  -1.508  -13.710 1.00 35.09 ? 3910 GLU A C     1 
ATOM   932  O  O     . GLU A 1 133 ? -4.583  -1.084  -13.312 1.00 35.05 ? 3910 GLU A O     1 
ATOM   933  C  CB    . GLU A 1 133 ? -4.638  -1.876  -15.902 1.00 39.72 ? 3910 GLU A CB    1 
ATOM   934  C  CG    . GLU A 1 133 ? -4.740  -2.651  -17.203 1.00 52.54 ? 3910 GLU A CG    1 
ATOM   935  C  CD    . GLU A 1 133 ? -4.573  -1.793  -18.445 1.00 61.26 ? 3910 GLU A CD    1 
ATOM   936  O  OE1   . GLU A 1 133 ? -3.417  -1.476  -18.807 1.00 60.89 ? 3910 GLU A OE1   1 
ATOM   937  O  OE2   . GLU A 1 133 ? -5.604  -1.464  -19.077 1.00 61.81 ? 3910 GLU A OE2   1 
ATOM   938  N  N     . PRO A 1 134 ? -2.386  -1.405  -12.980 1.00 33.11 ? 3911 PRO A N     1 
ATOM   939  C  CA    . PRO A 1 134 ? -2.431  -1.036  -11.557 1.00 28.80 ? 3911 PRO A CA    1 
ATOM   940  C  C     . PRO A 1 134 ? -2.738  0.435   -11.329 1.00 27.52 ? 3911 PRO A C     1 
ATOM   941  O  O     . PRO A 1 134 ? -2.593  1.244   -12.227 1.00 27.56 ? 3911 PRO A O     1 
ATOM   942  C  CB    . PRO A 1 134 ? -1.013  -1.345  -11.069 1.00 29.04 ? 3911 PRO A CB    1 
ATOM   943  C  CG    . PRO A 1 134 ? -0.150  -1.242  -12.294 1.00 32.61 ? 3911 PRO A CG    1 
ATOM   944  C  CD    . PRO A 1 134 ? -1.014  -1.569  -13.489 1.00 31.15 ? 3911 PRO A CD    1 
ATOM   945  N  N     . ASN A 1 135 ? -3.156  0.778   -10.120 1.00 22.24 ? 3912 ASN A N     1 
ATOM   946  C  CA    . ASN A 1 135 ? -3.251  2.174   -9.762  1.00 23.18 ? 3912 ASN A CA    1 
ATOM   947  C  C     . ASN A 1 135 ? -2.321  2.560   -8.606  1.00 18.97 ? 3912 ASN A C     1 
ATOM   948  O  O     . ASN A 1 135 ? -2.388  3.674   -8.125  1.00 23.38 ? 3912 ASN A O     1 
ATOM   949  C  CB    . ASN A 1 135 ? -4.705  2.580   -9.472  1.00 21.14 ? 3912 ASN A CB    1 
ATOM   950  C  CG    . ASN A 1 135 ? -5.361  1.705   -8.435  1.00 25.25 ? 3912 ASN A CG    1 
ATOM   951  O  OD1   . ASN A 1 135 ? -4.690  1.078   -7.610  1.00 18.86 ? 3912 ASN A OD1   1 
ATOM   952  N  ND2   . ASN A 1 135 ? -6.693  1.661   -8.464  1.00 23.75 ? 3912 ASN A ND2   1 
ATOM   953  N  N     . CYS A 1 136 ? -1.454  1.635   -8.194  1.00 22.96 ? 3913 CYS A N     1 
ATOM   954  C  CA    . CYS A 1 136 ? -0.509  1.849   -7.086  1.00 20.91 ? 3913 CYS A CA    1 
ATOM   955  C  C     . CYS A 1 136 ? 0.870   1.348   -7.466  1.00 22.56 ? 3913 CYS A C     1 
ATOM   956  O  O     . CYS A 1 136 ? 1.007   0.488   -8.328  1.00 21.10 ? 3913 CYS A O     1 
ATOM   957  C  CB    . CYS A 1 136 ? -0.955  1.103   -5.815  1.00 20.70 ? 3913 CYS A CB    1 
ATOM   958  S  SG    . CYS A 1 136 ? -2.405  1.831   -4.998  1.00 28.40 ? 3913 CYS A SG    1 
ATOM   959  N  N     . TYR A 1 137 ? 1.891   1.895   -6.815  1.00 20.31 ? 3914 TYR A N     1 
ATOM   960  C  CA    . TYR A 1 137 ? 3.272   1.430   -7.002  1.00 21.94 ? 3914 TYR A CA    1 
ATOM   961  C  C     . TYR A 1 137 ? 3.975   1.473   -5.649  1.00 23.47 ? 3914 TYR A C     1 
ATOM   962  O  O     . TYR A 1 137 ? 3.447   2.069   -4.702  1.00 21.65 ? 3914 TYR A O     1 
ATOM   963  C  CB    . TYR A 1 137 ? 4.012   2.276   -8.055  1.00 19.06 ? 3914 TYR A CB    1 
ATOM   964  C  CG    . TYR A 1 137 ? 4.194   3.722   -7.687  1.00 19.58 ? 3914 TYR A CG    1 
ATOM   965  C  CD1   . TYR A 1 137 ? 5.375   4.159   -7.083  1.00 27.35 ? 3914 TYR A CD1   1 
ATOM   966  C  CD2   . TYR A 1 137 ? 3.211   4.666   -7.967  1.00 21.92 ? 3914 TYR A CD2   1 
ATOM   967  C  CE1   . TYR A 1 137 ? 5.557   5.475   -6.738  1.00 25.07 ? 3914 TYR A CE1   1 
ATOM   968  C  CE2   . TYR A 1 137 ? 3.389   6.000   -7.629  1.00 25.60 ? 3914 TYR A CE2   1 
ATOM   969  C  CZ    . TYR A 1 137 ? 4.571   6.394   -7.027  1.00 26.69 ? 3914 TYR A CZ    1 
ATOM   970  O  OH    . TYR A 1 137 ? 4.761   7.694   -6.691  1.00 19.75 ? 3914 TYR A OH    1 
ATOM   971  N  N     . SER A 1 138 ? 5.143   0.830   -5.550  1.00 21.49 ? 3915 SER A N     1 
ATOM   972  C  CA    . SER A 1 138 ? 5.853   0.713   -4.278  1.00 20.02 ? 3915 SER A CA    1 
ATOM   973  C  C     . SER A 1 138 ? 7.257   1.325   -4.303  1.00 20.58 ? 3915 SER A C     1 
ATOM   974  O  O     . SER A 1 138 ? 7.873   1.430   -5.352  1.00 20.99 ? 3915 SER A O     1 
ATOM   975  C  CB    . SER A 1 138 ? 5.940   -0.758  -3.845  1.00 25.30 ? 3915 SER A CB    1 
ATOM   976  O  OG    . SER A 1 138 ? 6.694   -1.536  -4.760  1.00 28.46 ? 3915 SER A OG    1 
ATOM   977  N  N     . ARG A 1 139 ? 7.744   1.719   -3.133  1.00 21.13 ? 3916 ARG A N     1 
ATOM   978  C  CA    . ARG A 1 139 ? 9.083   2.268   -2.974  1.00 20.15 ? 3916 ARG A CA    1 
ATOM   979  C  C     . ARG A 1 139 ? 9.631   1.817   -1.640  1.00 20.43 ? 3916 ARG A C     1 
ATOM   980  O  O     . ARG A 1 139 ? 8.867   1.557   -0.706  1.00 20.20 ? 3916 ARG A O     1 
ATOM   981  C  CB    . ARG A 1 139 ? 9.062   3.807   -2.975  1.00 22.52 ? 3916 ARG A CB    1 
ATOM   982  C  CG    . ARG A 1 139 ? 8.714   4.455   -4.294  1.00 25.13 ? 3916 ARG A CG    1 
ATOM   983  C  CD    . ARG A 1 139 ? 9.892   4.465   -5.245  1.00 30.21 ? 3916 ARG A CD    1 
ATOM   984  N  NE    . ARG A 1 139 ? 9.582   5.225   -6.457  1.00 36.21 ? 3916 ARG A NE    1 
ATOM   985  C  CZ    . ARG A 1 139 ? 9.275   4.661   -7.621  1.00 38.30 ? 3916 ARG A CZ    1 
ATOM   986  N  NH1   . ARG A 1 139 ? 9.243   3.342   -7.727  1.00 35.60 ? 3916 ARG A NH1   1 
ATOM   987  N  NH2   . ARG A 1 139 ? 9.000   5.411   -8.677  1.00 39.00 ? 3916 ARG A NH2   1 
ATOM   988  N  N     . VAL A 1 140 ? 10.958  1.743   -1.548  1.00 19.46 ? 3917 VAL A N     1 
ATOM   989  C  CA    . VAL A 1 140 ? 11.631  1.501   -0.282  1.00 23.10 ? 3917 VAL A CA    1 
ATOM   990  C  C     . VAL A 1 140 ? 12.215  2.830   0.206   1.00 22.38 ? 3917 VAL A C     1 
ATOM   991  O  O     . VAL A 1 140 ? 12.869  3.552   -0.546  1.00 20.95 ? 3917 VAL A O     1 
ATOM   992  C  CB    . VAL A 1 140 ? 12.770  0.460   -0.423  1.00 24.30 ? 3917 VAL A CB    1 
ATOM   993  C  CG1   . VAL A 1 140 ? 13.499  0.288   0.909   1.00 20.24 ? 3917 VAL A CG1   1 
ATOM   994  C  CG2   . VAL A 1 140 ? 12.215  -0.889  -0.951  1.00 23.61 ? 3917 VAL A CG2   1 
ATOM   995  N  N     . ILE A 1 141 ? 11.933  3.161   1.456   1.00 19.61 ? 3918 ILE A N     1 
ATOM   996  C  CA    . ILE A 1 141 ? 12.382  4.410   2.027   1.00 22.23 ? 3918 ILE A CA    1 
ATOM   997  C  C     . ILE A 1 141 ? 13.012  4.151   3.379   1.00 25.64 ? 3918 ILE A C     1 
ATOM   998  O  O     . ILE A 1 141 ? 12.578  3.271   4.123   1.00 29.43 ? 3918 ILE A O     1 
ATOM   999  C  CB    . ILE A 1 141 ? 11.242  5.434   2.174   1.00 28.32 ? 3918 ILE A CB    1 
ATOM   1000 C  CG1   . ILE A 1 141 ? 10.189  4.937   3.175   1.00 28.21 ? 3918 ILE A CG1   1 
ATOM   1001 C  CG2   . ILE A 1 141 ? 10.616  5.729   0.819   1.00 29.35 ? 3918 ILE A CG2   1 
ATOM   1002 C  CD1   . ILE A 1 141 ? 9.225   6.009   3.633   1.00 32.28 ? 3918 ILE A CD1   1 
ATOM   1003 N  N     . ASN A 1 142 ? 14.064  4.904   3.680   1.00 27.82 ? 3919 ASN A N     1 
ATOM   1004 C  CA    . ASN A 1 142 ? 14.734  4.781   4.964   1.00 28.81 ? 3919 ASN A CA    1 
ATOM   1005 C  C     . ASN A 1 142 ? 14.338  5.932   5.867   1.00 30.26 ? 3919 ASN A C     1 
ATOM   1006 O  O     . ASN A 1 142 ? 14.541  7.092   5.518   1.00 33.23 ? 3919 ASN A O     1 
ATOM   1007 C  CB    . ASN A 1 142 ? 16.258  4.738   4.780   1.00 32.51 ? 3919 ASN A CB    1 
ATOM   1008 C  CG    . ASN A 1 142 ? 16.989  4.358   6.065   1.00 32.96 ? 3919 ASN A CG    1 
ATOM   1009 O  OD1   . ASN A 1 142 ? 16.785  4.977   7.106   1.00 37.65 ? 3919 ASN A OD1   1 
ATOM   1010 N  ND2   . ASN A 1 142 ? 17.820  3.324   5.999   1.00 30.79 ? 3919 ASN A ND2   1 
ATOM   1011 N  N     . ILE A 1 143 ? 13.737  5.621   7.009   1.00 31.64 ? 3920 ILE A N     1 
ATOM   1012 C  CA    . ILE A 1 143 ? 13.329  6.657   7.957   1.00 36.20 ? 3920 ILE A CA    1 
ATOM   1013 C  C     . ILE A 1 143 ? 13.971  6.392   9.304   1.00 37.83 ? 3920 ILE A C     1 
ATOM   1014 O  O     . ILE A 1 143 ? 13.714  5.365   9.921   1.00 39.87 ? 3920 ILE A O     1 
ATOM   1015 C  CB    . ILE A 1 143 ? 11.803  6.686   8.177   1.00 43.34 ? 3920 ILE A CB    1 
ATOM   1016 C  CG1   . ILE A 1 143 ? 11.079  7.390   7.029   1.00 40.77 ? 3920 ILE A CG1   1 
ATOM   1017 C  CG2   . ILE A 1 143 ? 11.480  7.431   9.468   1.00 44.55 ? 3920 ILE A CG2   1 
ATOM   1018 C  CD1   . ILE A 1 143 ? 11.472  6.907   5.666   1.00 39.72 ? 3920 ILE A CD1   1 
ATOM   1019 N  N     . ASP A 1 144 ? 14.816  7.311   9.757   1.00 45.01 ? 3921 ASP A N     1 
ATOM   1020 C  CA    . ASP A 1 144 ? 15.474  7.159   11.051  1.00 41.69 ? 3921 ASP A CA    1 
ATOM   1021 C  C     . ASP A 1 144 ? 16.242  5.845   11.162  1.00 40.78 ? 3921 ASP A C     1 
ATOM   1022 O  O     . ASP A 1 144 ? 16.263  5.216   12.220  1.00 43.04 ? 3921 ASP A O     1 
ATOM   1023 C  CB    . ASP A 1 144 ? 14.447  7.272   12.180  1.00 45.22 ? 3921 ASP A CB    1 
ATOM   1024 C  CG    . ASP A 1 144 ? 13.785  8.638   12.227  1.00 53.68 ? 3921 ASP A CG    1 
ATOM   1025 O  OD1   . ASP A 1 144 ? 14.486  9.655   12.011  1.00 56.71 ? 3921 ASP A OD1   1 
ATOM   1026 O  OD2   . ASP A 1 144 ? 12.560  8.695   12.478  1.00 57.64 ? 3921 ASP A OD2   1 
ATOM   1027 N  N     . GLY A 1 145 ? 16.864  5.429   10.064  1.00 40.97 ? 3922 GLY A N     1 
ATOM   1028 C  CA    . GLY A 1 145 ? 17.692  4.237   10.064  1.00 36.14 ? 3922 GLY A CA    1 
ATOM   1029 C  C     . GLY A 1 145 ? 16.965  2.932   9.787   1.00 42.35 ? 3922 GLY A C     1 
ATOM   1030 O  O     . GLY A 1 145 ? 17.583  1.865   9.757   1.00 36.89 ? 3922 GLY A O     1 
ATOM   1031 N  N     . GLN A 1 146 ? 15.656  3.008   9.572   1.00 36.25 ? 3923 GLN A N     1 
ATOM   1032 C  CA    . GLN A 1 146 ? 14.855  1.810   9.344   1.00 36.51 ? 3923 GLN A CA    1 
ATOM   1033 C  C     . GLN A 1 146 ? 14.229  1.791   7.949   1.00 33.12 ? 3923 GLN A C     1 
ATOM   1034 O  O     . GLN A 1 146 ? 13.730  2.806   7.472   1.00 30.31 ? 3923 GLN A O     1 
ATOM   1035 C  CB    . GLN A 1 146 ? 13.746  1.708   10.397  1.00 41.70 ? 3923 GLN A CB    1 
ATOM   1036 C  CG    . GLN A 1 146 ? 14.238  1.703   11.839  1.00 48.59 ? 3923 GLN A CG    1 
ATOM   1037 C  CD    . GLN A 1 146 ? 13.129  1.354   12.819  1.00 59.92 ? 3923 GLN A CD    1 
ATOM   1038 O  OE1   . GLN A 1 146 ? 12.076  1.999   12.839  1.00 62.87 ? 3923 GLN A OE1   1 
ATOM   1039 N  NE2   . GLN A 1 146 ? 13.357  0.326   13.634  1.00 57.16 ? 3923 GLN A NE2   1 
ATOM   1040 N  N     . LYS A 1 147 ? 14.240  0.626   7.312   1.00 29.61 ? 3924 LYS A N     1 
ATOM   1041 C  CA    . LYS A 1 147 ? 13.674  0.484   5.978   1.00 27.31 ? 3924 LYS A CA    1 
ATOM   1042 C  C     . LYS A 1 147 ? 12.166  0.226   6.066   1.00 25.38 ? 3924 LYS A C     1 
ATOM   1043 O  O     . LYS A 1 147 ? 11.711  -0.500  6.937   1.00 26.56 ? 3924 LYS A O     1 
ATOM   1044 C  CB    . LYS A 1 147 ? 14.368  -0.640  5.197   1.00 27.71 ? 3924 LYS A CB    1 
ATOM   1045 C  CG    . LYS A 1 147 ? 15.888  -0.470  5.016   1.00 33.04 ? 3924 LYS A CG    1 
ATOM   1046 C  CD    . LYS A 1 147 ? 16.486  -1.704  4.331   1.00 35.16 ? 3924 LYS A CD    1 
ATOM   1047 C  CE    . LYS A 1 147 ? 18.011  -1.610  4.171   1.00 40.29 ? 3924 LYS A CE    1 
ATOM   1048 N  NZ    . LYS A 1 147 ? 18.718  -1.900  5.438   1.00 41.16 ? 3924 LYS A NZ    1 
ATOM   1049 N  N     . HIS A 1 148 ? 11.407  0.847   5.170   1.00 25.61 ? 3925 HIS A N     1 
ATOM   1050 C  CA    . HIS A 1 148 ? 9.971   0.598   5.052   1.00 21.91 ? 3925 HIS A CA    1 
ATOM   1051 C  C     . HIS A 1 148 ? 9.597   0.480   3.591   1.00 21.21 ? 3925 HIS A C     1 
ATOM   1052 O  O     . HIS A 1 148 ? 10.170  1.151   2.745   1.00 20.15 ? 3925 HIS A O     1 
ATOM   1053 C  CB    . HIS A 1 148 ? 9.156   1.745   5.639   1.00 24.20 ? 3925 HIS A CB    1 
ATOM   1054 C  CG    . HIS A 1 148 ? 9.507   2.079   7.045   1.00 29.00 ? 3925 HIS A CG    1 
ATOM   1055 N  ND1   . HIS A 1 148 ? 9.017   1.370   8.122   1.00 26.18 ? 3925 HIS A ND1   1 
ATOM   1056 C  CD2   . HIS A 1 148 ? 10.302  3.049   7.560   1.00 31.09 ? 3925 HIS A CD2   1 
ATOM   1057 C  CE1   . HIS A 1 148 ? 9.500   1.888   9.237   1.00 36.52 ? 3925 HIS A CE1   1 
ATOM   1058 N  NE2   . HIS A 1 148 ? 10.284  2.909   8.924   1.00 29.96 ? 3925 HIS A NE2   1 
ATOM   1059 N  N     . ILE A 1 149 ? 8.615   -0.360  3.298   1.00 23.33 ? 3926 ILE A N     1 
ATOM   1060 C  CA    . ILE A 1 149 ? 8.050   -0.409  1.957   1.00 18.62 ? 3926 ILE A CA    1 
ATOM   1061 C  C     . ILE A 1 149 ? 6.760   0.385   2.029   1.00 23.38 ? 3926 ILE A C     1 
ATOM   1062 O  O     . ILE A 1 149 ? 5.923   0.120   2.895   1.00 21.02 ? 3926 ILE A O     1 
ATOM   1063 C  CB    . ILE A 1 149 ? 7.750   -1.844  1.524   1.00 20.80 ? 3926 ILE A CB    1 
ATOM   1064 C  CG1   . ILE A 1 149 ? 9.059   -2.634  1.373   1.00 20.44 ? 3926 ILE A CG1   1 
ATOM   1065 C  CG2   . ILE A 1 149 ? 6.912   -1.872  0.225   1.00 22.97 ? 3926 ILE A CG2   1 
ATOM   1066 C  CD1   . ILE A 1 149 ? 8.830   -4.120  1.095   1.00 24.74 ? 3926 ILE A CD1   1 
ATOM   1067 N  N     . VAL A 1 150 ? 6.624   1.360   1.134   1.00 17.93 ? 3927 VAL A N     1 
ATOM   1068 C  CA    . VAL A 1 150 ? 5.474   2.249   1.118   1.00 20.33 ? 3927 VAL A CA    1 
ATOM   1069 C  C     . VAL A 1 150 ? 4.805   2.200   -0.246  1.00 19.79 ? 3927 VAL A C     1 
ATOM   1070 O  O     . VAL A 1 150 ? 5.468   2.229   -1.274  1.00 18.23 ? 3927 VAL A O     1 
ATOM   1071 C  CB    . VAL A 1 150 ? 5.880   3.707   1.474   1.00 20.22 ? 3927 VAL A CB    1 
ATOM   1072 C  CG1   . VAL A 1 150 ? 4.668   4.647   1.454   1.00 20.31 ? 3927 VAL A CG1   1 
ATOM   1073 C  CG2   . VAL A 1 150 ? 6.555   3.730   2.850   1.00 26.62 ? 3927 VAL A CG2   1 
ATOM   1074 N  N     . ILE A 1 151 ? 3.484   2.080   -0.223  1.00 20.82 ? 3928 ILE A N     1 
ATOM   1075 C  CA    . ILE A 1 151 ? 2.657   2.047   -1.419  1.00 17.76 ? 3928 ILE A CA    1 
ATOM   1076 C  C     . ILE A 1 151 ? 2.111   3.458   -1.706  1.00 20.59 ? 3928 ILE A C     1 
ATOM   1077 O  O     . ILE A 1 151 ? 1.580   4.117   -0.815  1.00 19.50 ? 3928 ILE A O     1 
ATOM   1078 C  CB    . ILE A 1 151 ? 1.472   1.081   -1.208  1.00 17.57 ? 3928 ILE A CB    1 
ATOM   1079 C  CG1   . ILE A 1 151 ? 1.979   -0.313  -0.818  1.00 23.16 ? 3928 ILE A CG1   1 
ATOM   1080 C  CG2   . ILE A 1 151 ? 0.558   1.034   -2.459  1.00 18.97 ? 3928 ILE A CG2   1 
ATOM   1081 C  CD1   . ILE A 1 151 ? 3.109   -0.807  -1.698  1.00 21.62 ? 3928 ILE A CD1   1 
ATOM   1082 N  N     . PHE A 1 152 ? 2.244   3.895   -2.953  1.00 17.58 ? 3929 PHE A N     1 
ATOM   1083 C  CA    . PHE A 1 152 ? 1.836   5.222   -3.394  1.00 20.58 ? 3929 PHE A CA    1 
ATOM   1084 C  C     . PHE A 1 152 ? 0.800   5.067   -4.494  1.00 20.88 ? 3929 PHE A C     1 
ATOM   1085 O  O     . PHE A 1 152 ? 0.841   4.100   -5.234  1.00 18.43 ? 3929 PHE A O     1 
ATOM   1086 C  CB    . PHE A 1 152 ? 3.013   5.966   -4.021  1.00 19.11 ? 3929 PHE A CB    1 
ATOM   1087 C  CG    . PHE A 1 152 ? 4.105   6.332   -3.048  1.00 21.97 ? 3929 PHE A CG    1 
ATOM   1088 C  CD1   . PHE A 1 152 ? 4.168   7.614   -2.510  1.00 22.93 ? 3929 PHE A CD1   1 
ATOM   1089 C  CD2   . PHE A 1 152 ? 5.063   5.401   -2.669  1.00 21.94 ? 3929 PHE A CD2   1 
ATOM   1090 C  CE1   . PHE A 1 152 ? 5.182   7.971   -1.613  1.00 24.71 ? 3929 PHE A CE1   1 
ATOM   1091 C  CE2   . PHE A 1 152 ? 6.090   5.755   -1.771  1.00 22.20 ? 3929 PHE A CE2   1 
ATOM   1092 C  CZ    . PHE A 1 152 ? 6.146   7.037   -1.250  1.00 23.51 ? 3929 PHE A CZ    1 
ATOM   1093 N  N     . ALA A 1 153 ? -0.064  6.063   -4.644  1.00 18.92 ? 3930 ALA A N     1 
ATOM   1094 C  CA    . ALA A 1 153 ? -1.092  6.050   -5.683  1.00 24.80 ? 3930 ALA A CA    1 
ATOM   1095 C  C     . ALA A 1 153 ? -0.523  6.599   -6.990  1.00 23.88 ? 3930 ALA A C     1 
ATOM   1096 O  O     . ALA A 1 153 ? 0.139   7.632   -6.990  1.00 22.21 ? 3930 ALA A O     1 
ATOM   1097 C  CB    . ALA A 1 153 ? -2.287  6.881   -5.238  1.00 20.82 ? 3930 ALA A CB    1 
ATOM   1098 N  N     . MET A 1 154 ? -0.768  5.890   -8.089  1.00 21.26 ? 3931 MET A N     1 
ATOM   1099 C  CA    . MET A 1 154 ? -0.303  6.311   -9.413  1.00 25.57 ? 3931 MET A CA    1 
ATOM   1100 C  C     . MET A 1 154 ? -1.158  7.428   -9.988  1.00 28.64 ? 3931 MET A C     1 
ATOM   1101 O  O     . MET A 1 154 ? -0.720  8.147   -10.884 1.00 27.63 ? 3931 MET A O     1 
ATOM   1102 C  CB    . MET A 1 154 ? -0.387  5.159   -10.409 1.00 26.01 ? 3931 MET A CB    1 
ATOM   1103 C  CG    . MET A 1 154 ? 0.664   4.098   -10.277 1.00 37.81 ? 3931 MET A CG    1 
ATOM   1104 S  SD    . MET A 1 154 ? 0.483   2.894   -11.608 1.00 42.88 ? 3931 MET A SD    1 
ATOM   1105 C  CE    . MET A 1 154 ? 1.588   1.619   -11.031 1.00 29.84 ? 3931 MET A CE    1 
ATOM   1106 N  N     . ARG A 1 155 ? -2.387  7.531   -9.483  1.00 25.53 ? 3932 ARG A N     1 
ATOM   1107 C  CA    . ARG A 1 155 ? -3.394  8.460   -9.972  1.00 23.81 ? 3932 ARG A CA    1 
ATOM   1108 C  C     . ARG A 1 155 ? -4.339  8.804   -8.825  1.00 22.36 ? 3932 ARG A C     1 
ATOM   1109 O  O     . ARG A 1 155 ? -4.287  8.204   -7.754  1.00 22.75 ? 3932 ARG A O     1 
ATOM   1110 C  CB    . ARG A 1 155 ? -4.201  7.813   -11.103 1.00 27.60 ? 3932 ARG A CB    1 
ATOM   1111 C  CG    . ARG A 1 155 ? -4.838  6.436   -10.750 1.00 24.49 ? 3932 ARG A CG    1 
ATOM   1112 C  CD    . ARG A 1 155 ? -5.951  6.066   -11.753 1.00 26.29 ? 3932 ARG A CD    1 
ATOM   1113 N  NE    . ARG A 1 155 ? -6.593  4.764   -11.526 1.00 26.58 ? 3932 ARG A NE    1 
ATOM   1114 C  CZ    . ARG A 1 155 ? -7.683  4.574   -10.784 1.00 25.28 ? 3932 ARG A CZ    1 
ATOM   1115 N  NH1   . ARG A 1 155 ? -8.261  5.596   -10.166 1.00 19.45 ? 3932 ARG A NH1   1 
ATOM   1116 N  NH2   . ARG A 1 155 ? -8.203  3.352   -10.660 1.00 26.39 ? 3932 ARG A NH2   1 
ATOM   1117 N  N     . LYS A 1 156 ? -5.201  9.783   -9.042  1.00 21.85 ? 3933 LYS A N     1 
ATOM   1118 C  CA    . LYS A 1 156 ? -6.305  10.019  -8.125  1.00 22.69 ? 3933 LYS A CA    1 
ATOM   1119 C  C     . LYS A 1 156 ? -7.116  8.716   -8.047  1.00 19.92 ? 3933 LYS A C     1 
ATOM   1120 O  O     . LYS A 1 156 ? -7.430  8.098   -9.067  1.00 21.29 ? 3933 LYS A O     1 
ATOM   1121 C  CB    . LYS A 1 156 ? -7.145  11.189  -8.637  1.00 26.24 ? 3933 LYS A CB    1 
ATOM   1122 C  CG    . LYS A 1 156 ? -7.983  11.897  -7.590  1.00 34.48 ? 3933 LYS A CG    1 
ATOM   1123 C  CD    . LYS A 1 156 ? -8.081  13.417  -7.878  1.00 36.06 ? 3933 LYS A CD    1 
ATOM   1124 C  CE    . LYS A 1 156 ? -8.300  13.731  -9.363  1.00 40.70 ? 3933 LYS A CE    1 
ATOM   1125 N  NZ    . LYS A 1 156 ? -9.086  14.997  -9.589  1.00 46.31 ? 3933 LYS A NZ    1 
ATOM   1126 N  N     . ILE A 1 157 ? -7.398  8.267   -6.830  1.00 21.52 ? 3934 ILE A N     1 
ATOM   1127 C  CA    . ILE A 1 157 ? -8.175  7.045   -6.609  1.00 23.48 ? 3934 ILE A CA    1 
ATOM   1128 C  C     . ILE A 1 157 ? -9.425  7.436   -5.808  1.00 22.88 ? 3934 ILE A C     1 
ATOM   1129 O  O     . ILE A 1 157 ? -9.337  8.202   -4.842  1.00 21.21 ? 3934 ILE A O     1 
ATOM   1130 C  CB    . ILE A 1 157 ? -7.353  5.967   -5.861  1.00 20.98 ? 3934 ILE A CB    1 
ATOM   1131 C  CG1   . ILE A 1 157 ? -6.125  5.557   -6.692  1.00 23.84 ? 3934 ILE A CG1   1 
ATOM   1132 C  CG2   . ILE A 1 157 ? -8.225  4.724   -5.519  1.00 17.42 ? 3934 ILE A CG2   1 
ATOM   1133 C  CD1   . ILE A 1 157 ? -5.131  4.677   -5.946  1.00 22.58 ? 3934 ILE A CD1   1 
ATOM   1134 N  N     . TYR A 1 158 ? -10.583 6.929   -6.216  1.00 20.20 ? 3935 TYR A N     1 
ATOM   1135 C  CA    . TYR A 1 158 ? -11.860 7.407   -5.641  1.00 22.95 ? 3935 TYR A CA    1 
ATOM   1136 C  C     . TYR A 1 158 ? -12.508 6.410   -4.693  1.00 19.86 ? 3935 TYR A C     1 
ATOM   1137 O  O     . TYR A 1 158 ? -12.317 5.219   -4.835  1.00 17.28 ? 3935 TYR A O     1 
ATOM   1138 C  CB    . TYR A 1 158 ? -12.842 7.792   -6.758  1.00 18.73 ? 3935 TYR A CB    1 
ATOM   1139 C  CG    . TYR A 1 158 ? -12.357 8.993   -7.504  1.00 19.79 ? 3935 TYR A CG    1 
ATOM   1140 C  CD1   . TYR A 1 158 ? -12.672 10.272  -7.061  1.00 23.20 ? 3935 TYR A CD1   1 
ATOM   1141 C  CD2   . TYR A 1 158 ? -11.532 8.863   -8.613  1.00 25.06 ? 3935 TYR A CD2   1 
ATOM   1142 C  CE1   . TYR A 1 158 ? -12.207 11.389  -7.717  1.00 24.21 ? 3935 TYR A CE1   1 
ATOM   1143 C  CE2   . TYR A 1 158 ? -11.053 9.986   -9.280  1.00 24.06 ? 3935 TYR A CE2   1 
ATOM   1144 C  CZ    . TYR A 1 158 ? -11.397 11.242  -8.816  1.00 28.61 ? 3935 TYR A CZ    1 
ATOM   1145 O  OH    . TYR A 1 158 ? -10.930 12.372  -9.443  1.00 33.59 ? 3935 TYR A OH    1 
ATOM   1146 N  N     . ARG A 1 159 ? -13.262 6.907   -3.715  1.00 20.92 ? 3936 ARG A N     1 
ATOM   1147 C  CA    . ARG A 1 159 ? -13.976 6.022   -2.805  1.00 26.97 ? 3936 ARG A CA    1 
ATOM   1148 C  C     . ARG A 1 159 ? -14.625 4.855   -3.551  1.00 23.28 ? 3936 ARG A C     1 
ATOM   1149 O  O     . ARG A 1 159 ? -15.275 5.061   -4.573  1.00 22.90 ? 3936 ARG A O     1 
ATOM   1150 C  CB    . ARG A 1 159 ? -15.062 6.770   -2.017  1.00 23.79 ? 3936 ARG A CB    1 
ATOM   1151 C  CG    . ARG A 1 159 ? -15.733 5.825   -1.030  1.00 30.06 ? 3936 ARG A CG    1 
ATOM   1152 C  CD    . ARG A 1 159 ? -17.023 6.339   -0.400  1.00 39.85 ? 3936 ARG A CD    1 
ATOM   1153 N  NE    . ARG A 1 159 ? -17.617 5.244   0.370   1.00 50.99 ? 3936 ARG A NE    1 
ATOM   1154 C  CZ    . ARG A 1 159 ? -18.588 5.370   1.268   1.00 49.24 ? 3936 ARG A CZ    1 
ATOM   1155 N  NH1   . ARG A 1 159 ? -19.108 6.556   1.537   1.00 56.22 ? 3936 ARG A NH1   1 
ATOM   1156 N  NH2   . ARG A 1 159 ? -19.034 4.295   1.902   1.00 52.98 ? 3936 ARG A NH2   1 
ATOM   1157 N  N     . GLY A 1 160 ? -14.434 3.638   -3.043  1.00 22.50 ? 3937 GLY A N     1 
ATOM   1158 C  CA    . GLY A 1 160 ? -15.006 2.447   -3.651  1.00 22.98 ? 3937 GLY A CA    1 
ATOM   1159 C  C     . GLY A 1 160 ? -14.123 1.678   -4.627  1.00 20.97 ? 3937 GLY A C     1 
ATOM   1160 O  O     . GLY A 1 160 ? -14.373 0.500   -4.895  1.00 22.39 ? 3937 GLY A O     1 
ATOM   1161 N  N     . GLU A 1 161 ? -13.083 2.321   -5.153  1.00 23.30 ? 3938 GLU A N     1 
ATOM   1162 C  CA    . GLU A 1 161 ? -12.170 1.657   -6.090  1.00 20.29 ? 3938 GLU A CA    1 
ATOM   1163 C  C     . GLU A 1 161 ? -11.218 0.694   -5.375  1.00 22.66 ? 3938 GLU A C     1 
ATOM   1164 O  O     . GLU A 1 161 ? -10.751 0.977   -4.267  1.00 18.86 ? 3938 GLU A O     1 
ATOM   1165 C  CB    . GLU A 1 161 ? -11.345 2.684   -6.874  1.00 24.64 ? 3938 GLU A CB    1 
ATOM   1166 C  CG    . GLU A 1 161 ? -12.128 3.499   -7.911  1.00 27.30 ? 3938 GLU A CG    1 
ATOM   1167 C  CD    . GLU A 1 161 ? -11.203 4.178   -8.916  1.00 31.05 ? 3938 GLU A CD    1 
ATOM   1168 O  OE1   . GLU A 1 161 ? -10.557 5.204   -8.560  1.00 23.91 ? 3938 GLU A OE1   1 
ATOM   1169 O  OE2   . GLU A 1 161 ? -11.125 3.675   -10.059 1.00 27.83 ? 3938 GLU A OE2   1 
ATOM   1170 N  N     . GLU A 1 162 ? -10.932 -0.440  -6.011  1.00 19.11 ? 3939 GLU A N     1 
ATOM   1171 C  CA    . GLU A 1 162 ? -9.949  -1.370  -5.464  1.00 19.65 ? 3939 GLU A CA    1 
ATOM   1172 C  C     . GLU A 1 162 ? -8.527  -0.913  -5.770  1.00 20.81 ? 3939 GLU A C     1 
ATOM   1173 O  O     . GLU A 1 162 ? -8.221  -0.508  -6.889  1.00 22.21 ? 3939 GLU A O     1 
ATOM   1174 C  CB    . GLU A 1 162 ? -10.147 -2.800  -5.988  1.00 19.34 ? 3939 GLU A CB    1 
ATOM   1175 C  CG    . GLU A 1 162 ? -9.215  -3.794  -5.296  1.00 22.05 ? 3939 GLU A CG    1 
ATOM   1176 C  CD    . GLU A 1 162 ? -9.543  -5.268  -5.551  1.00 28.62 ? 3939 GLU A CD    1 
ATOM   1177 O  OE1   . GLU A 1 162 ? -10.522 -5.572  -6.273  1.00 30.47 ? 3939 GLU A OE1   1 
ATOM   1178 O  OE2   . GLU A 1 162 ? -8.805  -6.125  -5.020  1.00 27.85 ? 3939 GLU A OE2   1 
ATOM   1179 N  N     . LEU A 1 163 ? -7.665  -0.978  -4.767  1.00 22.23 ? 3940 LEU A N     1 
ATOM   1180 C  CA    . LEU A 1 163 ? -6.255  -0.633  -4.955  1.00 20.94 ? 3940 LEU A CA    1 
ATOM   1181 C  C     . LEU A 1 163 ? -5.514  -1.878  -5.405  1.00 22.29 ? 3940 LEU A C     1 
ATOM   1182 O  O     . LEU A 1 163 ? -5.637  -2.939  -4.782  1.00 21.63 ? 3940 LEU A O     1 
ATOM   1183 C  CB    . LEU A 1 163 ? -5.649  -0.121  -3.653  1.00 20.92 ? 3940 LEU A CB    1 
ATOM   1184 C  CG    . LEU A 1 163 ? -6.181  1.223   -3.165  1.00 25.91 ? 3940 LEU A CG    1 
ATOM   1185 C  CD1   . LEU A 1 163 ? -7.551  1.054   -2.533  1.00 23.96 ? 3940 LEU A CD1   1 
ATOM   1186 C  CD2   . LEU A 1 163 ? -5.192  1.813   -2.173  1.00 33.81 ? 3940 LEU A CD2   1 
ATOM   1187 N  N     . THR A 1 164 ? -4.752  -1.751  -6.485  1.00 21.41 ? 3941 THR A N     1 
ATOM   1188 C  CA    . THR A 1 164 ? -4.021  -2.880  -7.041  1.00 21.43 ? 3941 THR A CA    1 
ATOM   1189 C  C     . THR A 1 164 ? -2.605  -2.454  -7.417  1.00 21.70 ? 3941 THR A C     1 
ATOM   1190 O  O     . THR A 1 164 ? -2.335  -1.274  -7.655  1.00 22.66 ? 3941 THR A O     1 
ATOM   1191 C  CB    . THR A 1 164 ? -4.687  -3.418  -8.320  1.00 24.78 ? 3941 THR A CB    1 
ATOM   1192 O  OG1   . THR A 1 164 ? -4.723  -2.367  -9.295  1.00 23.68 ? 3941 THR A OG1   1 
ATOM   1193 C  CG2   . THR A 1 164 ? -6.120  -3.942  -8.038  1.00 25.78 ? 3941 THR A CG2   1 
ATOM   1194 N  N     A TYR A 1 165 ? -1.746  -3.457  -7.543  0.50 23.94 ? 3942 TYR A N     1 
ATOM   1195 N  N     B TYR A 1 165 ? -1.668  -3.387  -7.392  0.50 23.92 ? 3942 TYR A N     1 
ATOM   1196 C  CA    A TYR A 1 165 ? -0.312  -3.295  -7.747  0.50 25.48 ? 3942 TYR A CA    1 
ATOM   1197 C  CA    B TYR A 1 165 ? -0.372  -3.100  -7.996  0.50 25.52 ? 3942 TYR A CA    1 
ATOM   1198 C  C     A TYR A 1 165 ? 0.115   -4.326  -8.801  0.50 25.51 ? 3942 TYR A C     1 
ATOM   1199 C  C     B TYR A 1 165 ? 0.156   -4.298  -8.761  0.50 25.61 ? 3942 TYR A C     1 
ATOM   1200 O  O     A TYR A 1 165 ? -0.531  -5.362  -8.921  0.50 26.10 ? 3942 TYR A O     1 
ATOM   1201 O  O     B TYR A 1 165 ? -0.350  -5.405  -8.625  0.50 26.11 ? 3942 TYR A O     1 
ATOM   1202 C  CB    A TYR A 1 165 ? 0.375   -3.555  -6.400  0.50 25.14 ? 3942 TYR A CB    1 
ATOM   1203 C  CB    B TYR A 1 165 ? 0.666   -2.520  -7.014  0.50 24.96 ? 3942 TYR A CB    1 
ATOM   1204 C  CG    A TYR A 1 165 ? 1.883   -3.585  -6.411  0.50 26.08 ? 3942 TYR A CG    1 
ATOM   1205 C  CG    B TYR A 1 165 ? 0.912   -3.290  -5.733  0.50 24.81 ? 3942 TYR A CG    1 
ATOM   1206 C  CD1   A TYR A 1 165 ? 2.621   -2.408  -6.384  0.50 27.52 ? 3942 TYR A CD1   1 
ATOM   1207 C  CD1   B TYR A 1 165 ? 0.703   -4.656  -5.660  0.50 24.00 ? 3942 TYR A CD1   1 
ATOM   1208 C  CD2   A TYR A 1 165 ? 2.571   -4.792  -6.407  0.50 27.12 ? 3942 TYR A CD2   1 
ATOM   1209 C  CD2   B TYR A 1 165 ? 1.395   -2.640  -4.603  0.50 24.77 ? 3942 TYR A CD2   1 
ATOM   1210 C  CE1   A TYR A 1 165 ? 4.003   -2.430  -6.378  0.50 26.05 ? 3942 TYR A CE1   1 
ATOM   1211 C  CE1   B TYR A 1 165 ? 0.937   -5.348  -4.489  0.50 26.44 ? 3942 TYR A CE1   1 
ATOM   1212 C  CE2   A TYR A 1 165 ? 3.952   -4.827  -6.403  0.50 29.50 ? 3942 TYR A CE2   1 
ATOM   1213 C  CE2   B TYR A 1 165 ? 1.634   -3.322  -3.429  0.50 22.48 ? 3942 TYR A CE2   1 
ATOM   1214 C  CZ    A TYR A 1 165 ? 4.663   -3.644  -6.389  0.50 29.56 ? 3942 TYR A CZ    1 
ATOM   1215 C  CZ    B TYR A 1 165 ? 1.406   -4.675  -3.375  0.50 24.67 ? 3942 TYR A CZ    1 
ATOM   1216 O  OH    A TYR A 1 165 ? 6.039   -3.675  -6.385  0.50 33.74 ? 3942 TYR A OH    1 
ATOM   1217 O  OH    B TYR A 1 165 ? 1.646   -5.362  -2.202  0.50 24.46 ? 3942 TYR A OH    1 
ATOM   1218 N  N     . ASP A 1 166 ? 1.159   -4.051  -9.586  1.00 27.26 ? 3943 ASP A N     1 
ATOM   1219 C  CA    . ASP A 1 166 ? 1.679   -5.076  -10.501 1.00 34.51 ? 3943 ASP A CA    1 
ATOM   1220 C  C     . ASP A 1 166 ? 2.728   -5.950  -9.820  1.00 31.39 ? 3943 ASP A C     1 
ATOM   1221 O  O     . ASP A 1 166 ? 3.837   -5.502  -9.567  1.00 32.87 ? 3943 ASP A O     1 
ATOM   1222 C  CB    . ASP A 1 166 ? 2.241   -4.456  -11.789 1.00 33.61 ? 3943 ASP A CB    1 
ATOM   1223 C  CG    . ASP A 1 166 ? 2.738   -5.513  -12.788 1.00 43.18 ? 3943 ASP A CG    1 
ATOM   1224 O  OD1   . ASP A 1 166 ? 3.079   -5.152  -13.934 1.00 46.61 ? 3943 ASP A OD1   1 
ATOM   1225 O  OD2   . ASP A 1 166 ? 2.791   -6.708  -12.435 1.00 42.82 ? 3943 ASP A OD2   1 
ATOM   1226 N  N     . TYR A 1 167 ? 2.377   -7.199  -9.526  1.00 33.48 ? 3944 TYR A N     1 
ATOM   1227 C  CA    . TYR A 1 167 ? 3.306   -8.113  -8.852  1.00 34.32 ? 3944 TYR A CA    1 
ATOM   1228 C  C     . TYR A 1 167 ? 4.579   -8.331  -9.660  1.00 40.97 ? 3944 TYR A C     1 
ATOM   1229 O  O     . TYR A 1 167 ? 5.631   -8.581  -9.097  1.00 41.37 ? 3944 TYR A O     1 
ATOM   1230 C  CB    . TYR A 1 167 ? 2.657   -9.466  -8.583  1.00 37.54 ? 3944 TYR A CB    1 
ATOM   1231 C  CG    . TYR A 1 167 ? 1.577   -9.453  -7.535  1.00 34.43 ? 3944 TYR A CG    1 
ATOM   1232 C  CD1   . TYR A 1 167 ? 1.107   -10.637 -6.997  1.00 34.46 ? 3944 TYR A CD1   1 
ATOM   1233 C  CD2   . TYR A 1 167 ? 1.026   -8.261  -7.084  1.00 32.00 ? 3944 TYR A CD2   1 
ATOM   1234 C  CE1   . TYR A 1 167 ? 0.110   -10.642 -6.053  1.00 38.05 ? 3944 TYR A CE1   1 
ATOM   1235 C  CE2   . TYR A 1 167 ? 0.030   -8.254  -6.134  1.00 28.02 ? 3944 TYR A CE2   1 
ATOM   1236 C  CZ    . TYR A 1 167 ? -0.426  -9.447  -5.624  1.00 30.71 ? 3944 TYR A CZ    1 
ATOM   1237 O  OH    . TYR A 1 167 ? -1.421  -9.468  -4.674  1.00 31.74 ? 3944 TYR A OH    1 
ATOM   1238 N  N     . LYS A 1 168 ? 4.471   -8.223  -10.980 1.00 42.06 ? 3945 LYS A N     1 
ATOM   1239 C  CA    . LYS A 1 168 ? 5.608   -8.424  -11.881 1.00 50.95 ? 3945 LYS A CA    1 
ATOM   1240 C  C     . LYS A 1 168 ? 6.445   -9.623  -11.465 1.00 56.37 ? 3945 LYS A C     1 
ATOM   1241 O  O     . LYS A 1 168 ? 7.589   -9.490  -11.012 1.00 59.13 ? 3945 LYS A O     1 
ATOM   1242 C  CB    . LYS A 1 168 ? 6.466   -7.154  -12.028 1.00 52.23 ? 3945 LYS A CB    1 
ATOM   1243 C  CG    . LYS A 1 168 ? 7.092   -6.632  -10.743 1.00 51.81 ? 3945 LYS A CG    1 
ATOM   1244 C  CD    . LYS A 1 168 ? 7.653   -5.231  -10.940 1.00 48.97 ? 3945 LYS A CD    1 
ATOM   1245 C  CE    . LYS A 1 168 ? 6.741   -4.401  -11.825 1.00 55.13 ? 3945 LYS A CE    1 
ATOM   1246 N  NZ    . LYS A 1 168 ? 7.048   -2.947  -11.735 1.00 57.86 ? 3945 LYS A NZ    1 
ATOM   1247 N  N     . PHE A 1 169 ? 5.839   -10.795 -11.614 1.00 58.79 ? 3946 PHE A N     1 
ATOM   1248 C  CA    . PHE A 1 169 ? 6.505   -12.066 -11.381 1.00 59.40 ? 3946 PHE A CA    1 
ATOM   1249 C  C     . PHE A 1 169 ? 7.419   -12.402 -12.556 1.00 65.44 ? 3946 PHE A C     1 
ATOM   1250 O  O     . PHE A 1 169 ? 8.559   -12.834 -12.371 1.00 73.48 ? 3946 PHE A O     1 
ATOM   1251 C  CB    . PHE A 1 169 ? 5.468   -13.176 -11.194 1.00 62.94 ? 3946 PHE A CB    1 
ATOM   1252 C  CG    . PHE A 1 169 ? 4.812   -13.178 -9.838  1.00 58.39 ? 3946 PHE A CG    1 
ATOM   1253 C  CD1   . PHE A 1 169 ? 3.507   -13.622 -9.683  1.00 58.31 ? 3946 PHE A CD1   1 
ATOM   1254 C  CD2   . PHE A 1 169 ? 5.502   -12.738 -8.717  1.00 58.18 ? 3946 PHE A CD2   1 
ATOM   1255 C  CE1   . PHE A 1 169 ? 2.902   -13.632 -8.433  1.00 57.48 ? 3946 PHE A CE1   1 
ATOM   1256 C  CE2   . PHE A 1 169 ? 4.904   -12.744 -7.465  1.00 55.44 ? 3946 PHE A CE2   1 
ATOM   1257 C  CZ    . PHE A 1 169 ? 3.604   -13.191 -7.323  1.00 53.60 ? 3946 PHE A CZ    1 
ATOM   1258 N  N     . LYS A 1 177 ? 2.783   -21.357 -14.967 1.00 78.79 ? 3954 LYS A N     1 
ATOM   1259 C  CA    . LYS A 1 177 ? 1.864   -20.230 -15.074 1.00 76.86 ? 3954 LYS A CA    1 
ATOM   1260 C  C     . LYS A 1 177 ? 0.651   -20.449 -14.182 1.00 73.28 ? 3954 LYS A C     1 
ATOM   1261 O  O     . LYS A 1 177 ? 0.584   -21.447 -13.462 1.00 72.77 ? 3954 LYS A O     1 
ATOM   1262 C  CB    . LYS A 1 177 ? 1.407   -20.045 -16.525 1.00 70.01 ? 3954 LYS A CB    1 
ATOM   1263 N  N     . LEU A 1 178 ? -0.099  -19.374 -13.953 1.00 74.46 ? 3955 LEU A N     1 
ATOM   1264 C  CA    . LEU A 1 178 ? -1.229  -19.292 -13.019 1.00 72.92 ? 3955 LEU A CA    1 
ATOM   1265 C  C     . LEU A 1 178 ? -2.059  -18.085 -13.425 1.00 68.98 ? 3955 LEU A C     1 
ATOM   1266 O  O     . LEU A 1 178 ? -1.541  -17.014 -13.666 1.00 69.26 ? 3955 LEU A O     1 
ATOM   1267 C  CB    . LEU A 1 178 ? -0.770  -19.124 -11.585 1.00 69.98 ? 3955 LEU A CB    1 
ATOM   1268 N  N     . PRO A 1 179 ? -3.349  -18.276 -13.545 1.00 64.34 ? 3956 PRO A N     1 
ATOM   1269 C  CA    . PRO A 1 179 ? -4.199  -17.302 -14.207 1.00 62.53 ? 3956 PRO A CA    1 
ATOM   1270 C  C     . PRO A 1 179 ? -4.417  -15.977 -13.495 1.00 55.88 ? 3956 PRO A C     1 
ATOM   1271 O  O     . PRO A 1 179 ? -4.482  -15.923 -12.288 1.00 53.73 ? 3956 PRO A O     1 
ATOM   1272 C  CB    . PRO A 1 179 ? -5.502  -18.062 -14.365 1.00 63.84 ? 3956 PRO A CB    1 
ATOM   1273 C  CG    . PRO A 1 179 ? -5.474  -19.110 -13.278 1.00 60.39 ? 3956 PRO A CG    1 
ATOM   1274 C  CD    . PRO A 1 179 ? -4.126  -19.164 -12.688 1.00 67.24 ? 3956 PRO A CD    1 
ATOM   1275 N  N     . CYS A 1 180 ? -4.510  -14.925 -14.293 1.00 49.87 ? 3957 CYS A N     1 
ATOM   1276 C  CA    . CYS A 1 180 ? -4.820  -13.569 -13.814 1.00 48.96 ? 3957 CYS A CA    1 
ATOM   1277 C  C     . CYS A 1 180 ? -6.282  -13.140 -13.914 1.00 48.22 ? 3957 CYS A C     1 
ATOM   1278 O  O     . CYS A 1 180 ? -6.871  -13.143 -14.997 1.00 51.08 ? 3957 CYS A O     1 
ATOM   1279 C  CB    . CYS A 1 180 ? -3.930  -12.520 -14.489 1.00 50.06 ? 3957 CYS A CB    1 
ATOM   1280 S  SG    . CYS A 1 180 ? -4.203  -10.833 -13.850 1.00 42.68 ? 3957 CYS A SG    1 
ATOM   1281 N  N     . ASN A 1 181 ? -6.841  -12.719 -12.780 1.00 43.26 ? 3958 ASN A N     1 
ATOM   1282 C  CA    . ASN A 1 181 ? -8.251  -12.344 -12.698 1.00 43.15 ? 3958 ASN A CA    1 
ATOM   1283 C  C     . ASN A 1 181 ? -8.537  -10.828 -12.733 1.00 43.67 ? 3958 ASN A C     1 
ATOM   1284 O  O     . ASN A 1 181 ? -9.669  -10.409 -12.488 1.00 36.18 ? 3958 ASN A O     1 
ATOM   1285 C  CB    . ASN A 1 181 ? -8.888  -12.958 -11.440 1.00 42.11 ? 3958 ASN A CB    1 
ATOM   1286 C  CG    . ASN A 1 181 ? -8.732  -14.484 -11.371 1.00 48.12 ? 3958 ASN A CG    1 
ATOM   1287 O  OD1   . ASN A 1 181 ? -8.508  -15.148 -12.385 1.00 47.90 ? 3958 ASN A OD1   1 
ATOM   1288 N  ND2   . ASN A 1 181 ? -8.867  -15.040 -10.167 1.00 44.10 ? 3958 ASN A ND2   1 
ATOM   1289 N  N     . CYS A 1 182 ? -7.530  -10.007 -13.034 1.00 44.34 ? 3959 CYS A N     1 
ATOM   1290 C  CA    . CYS A 1 182 ? -7.715  -8.553  -12.980 1.00 43.69 ? 3959 CYS A CA    1 
ATOM   1291 C  C     . CYS A 1 182 ? -8.651  -8.052  -14.081 1.00 46.84 ? 3959 CYS A C     1 
ATOM   1292 O  O     . CYS A 1 182 ? -8.897  -8.749  -15.064 1.00 52.03 ? 3959 CYS A O     1 
ATOM   1293 C  CB    . CYS A 1 182 ? -6.374  -7.812  -13.026 1.00 43.95 ? 3959 CYS A CB    1 
ATOM   1294 S  SG    . CYS A 1 182 ? -5.729  -7.440  -14.683 1.00 46.11 ? 3959 CYS A SG    1 
ATOM   1295 N  N     . GLY A 1 183 ? -9.179  -6.847  -13.914 1.00 45.12 ? 3960 GLY A N     1 
ATOM   1296 C  CA    . GLY A 1 183 ? -10.144 -6.319  -14.870 1.00 56.82 ? 3960 GLY A CA    1 
ATOM   1297 C  C     . GLY A 1 183 ? -9.536  -5.929  -16.207 1.00 60.72 ? 3960 GLY A C     1 
ATOM   1298 O  O     . GLY A 1 183 ? -10.174 -6.067  -17.257 1.00 56.22 ? 3960 GLY A O     1 
ATOM   1299 N  N     . ALA A 1 184 ? -8.296  -5.445  -16.140 1.00 55.35 ? 3961 ALA A N     1 
ATOM   1300 C  CA    . ALA A 1 184 ? -7.521  -4.943  -17.279 1.00 59.96 ? 3961 ALA A CA    1 
ATOM   1301 C  C     . ALA A 1 184 ? -7.959  -5.392  -18.671 1.00 61.44 ? 3961 ALA A C     1 
ATOM   1302 O  O     . ALA A 1 184 ? -8.179  -6.578  -18.916 1.00 62.65 ? 3961 ALA A O     1 
ATOM   1303 C  CB    . ALA A 1 184 ? -6.057  -5.286  -17.082 1.00 57.40 ? 3961 ALA A CB    1 
ATOM   1304 N  N     . LYS A 1 185 ? -8.050  -4.433  -19.588 1.00 64.07 ? 3962 LYS A N     1 
ATOM   1305 C  CA    . LYS A 1 185 ? -8.281  -4.745  -20.991 1.00 62.48 ? 3962 LYS A CA    1 
ATOM   1306 C  C     . LYS A 1 185 ? -6.980  -5.242  -21.609 1.00 63.05 ? 3962 LYS A C     1 
ATOM   1307 O  O     . LYS A 1 185 ? -6.994  -6.002  -22.574 1.00 66.87 ? 3962 LYS A O     1 
ATOM   1308 C  CB    . LYS A 1 185 ? -8.799  -3.520  -21.750 1.00 62.75 ? 3962 LYS A CB    1 
ATOM   1309 C  CG    . LYS A 1 185 ? -9.285  -3.822  -23.158 1.00 59.64 ? 3962 LYS A CG    1 
ATOM   1310 N  N     . LYS A 1 186 ? -5.857  -4.811  -21.036 1.00 64.73 ? 3963 LYS A N     1 
ATOM   1311 C  CA    . LYS A 1 186 ? -4.534  -5.240  -21.490 1.00 61.28 ? 3963 LYS A CA    1 
ATOM   1312 C  C     . LYS A 1 186 ? -3.986  -6.402  -20.655 1.00 60.84 ? 3963 LYS A C     1 
ATOM   1313 O  O     . LYS A 1 186 ? -2.781  -6.658  -20.642 1.00 58.45 ? 3963 LYS A O     1 
ATOM   1314 C  CB    . LYS A 1 186 ? -3.551  -4.068  -21.442 1.00 64.01 ? 3963 LYS A CB    1 
ATOM   1315 C  CG    . LYS A 1 186 ? -3.780  -2.999  -22.502 1.00 64.39 ? 3963 LYS A CG    1 
ATOM   1316 C  CD    . LYS A 1 186 ? -2.728  -1.903  -22.407 1.00 61.52 ? 3963 LYS A CD    1 
ATOM   1317 N  N     . CYS A 1 187 ? -4.876  -7.097  -19.958 1.00 61.26 ? 3964 CYS A N     1 
ATOM   1318 C  CA    . CYS A 1 187 ? -4.482  -8.189  -19.074 1.00 57.03 ? 3964 CYS A CA    1 
ATOM   1319 C  C     . CYS A 1 187 ? -3.406  -9.081  -19.692 1.00 60.08 ? 3964 CYS A C     1 
ATOM   1320 O  O     . CYS A 1 187 ? -3.427  -9.351  -20.893 1.00 64.18 ? 3964 CYS A O     1 
ATOM   1321 C  CB    . CYS A 1 187 ? -5.706  -9.023  -18.686 1.00 54.06 ? 3964 CYS A CB    1 
ATOM   1322 S  SG    . CYS A 1 187 ? -5.352  -10.400 -17.576 1.00 52.97 ? 3964 CYS A SG    1 
ATOM   1323 N  N     . ARG A 1 188 ? -2.462  -9.525  -18.866 1.00 57.58 ? 3965 ARG A N     1 
ATOM   1324 C  CA    . ARG A 1 188 ? -1.395  -10.421 -19.311 1.00 59.72 ? 3965 ARG A CA    1 
ATOM   1325 C  C     . ARG A 1 188 ? -1.807  -11.892 -19.204 1.00 64.21 ? 3965 ARG A C     1 
ATOM   1326 O  O     . ARG A 1 188 ? -1.036  -12.788 -19.558 1.00 61.60 ? 3965 ARG A O     1 
ATOM   1327 C  CB    . ARG A 1 188 ? -0.112  -10.175 -18.513 1.00 57.68 ? 3965 ARG A CB    1 
ATOM   1328 C  CG    . ARG A 1 188 ? 0.856   -9.196  -19.168 1.00 60.09 ? 3965 ARG A CG    1 
ATOM   1329 C  CD    . ARG A 1 188 ? 1.893   -8.689  -18.172 1.00 58.40 ? 3965 ARG A CD    1 
ATOM   1330 N  NE    . ARG A 1 188 ? 1.428   -7.480  -17.499 1.00 64.33 ? 3965 ARG A NE    1 
ATOM   1331 C  CZ    . ARG A 1 188 ? 1.761   -7.129  -16.261 1.00 51.42 ? 3965 ARG A CZ    1 
ATOM   1332 N  NH1   . ARG A 1 188 ? 1.279   -6.011  -15.750 1.00 47.54 ? 3965 ARG A NH1   1 
ATOM   1333 N  NH2   . ARG A 1 188 ? 2.558   -7.898  -15.534 1.00 52.94 ? 3965 ARG A NH2   1 
ATOM   1334 N  N     . LYS A 1 189 ? -3.018  -12.123 -18.700 1.00 62.34 ? 3966 LYS A N     1 
ATOM   1335 C  CA    . LYS A 1 189 ? -3.604  -13.465 -18.610 1.00 60.74 ? 3966 LYS A CA    1 
ATOM   1336 C  C     . LYS A 1 189 ? -2.992  -14.373 -17.534 1.00 59.46 ? 3966 LYS A C     1 
ATOM   1337 O  O     . LYS A 1 189 ? -3.658  -15.288 -17.049 1.00 60.59 ? 3966 LYS A O     1 
ATOM   1338 C  CB    . LYS A 1 189 ? -3.591  -14.161 -19.977 1.00 60.99 ? 3966 LYS A CB    1 
ATOM   1339 C  CG    . LYS A 1 189 ? -4.484  -13.502 -21.015 1.00 60.69 ? 3966 LYS A CG    1 
ATOM   1340 N  N     . PHE A 1 190 ? -1.739  -14.129 -17.159 1.00 59.18 ? 3967 PHE A N     1 
ATOM   1341 C  CA    . PHE A 1 190 ? -1.099  -14.921 -16.103 1.00 63.01 ? 3967 PHE A CA    1 
ATOM   1342 C  C     . PHE A 1 190 ? -0.253  -14.067 -15.161 1.00 62.31 ? 3967 PHE A C     1 
ATOM   1343 O  O     . PHE A 1 190 ? 0.537   -13.235 -15.608 1.00 62.55 ? 3967 PHE A O     1 
ATOM   1344 C  CB    . PHE A 1 190 ? -0.233  -16.035 -16.702 1.00 64.93 ? 3967 PHE A CB    1 
ATOM   1345 C  CG    . PHE A 1 190 ? -0.949  -16.886 -17.708 1.00 68.60 ? 3967 PHE A CG    1 
ATOM   1346 C  CD1   . PHE A 1 190 ? -0.736  -16.705 -19.064 1.00 67.82 ? 3967 PHE A CD1   1 
ATOM   1347 C  CD2   . PHE A 1 190 ? -1.844  -17.863 -17.298 1.00 68.11 ? 3967 PHE A CD2   1 
ATOM   1348 C  CE1   . PHE A 1 190 ? -1.399  -17.485 -19.995 1.00 69.92 ? 3967 PHE A CE1   1 
ATOM   1349 C  CE2   . PHE A 1 190 ? -2.509  -18.645 -18.222 1.00 69.25 ? 3967 PHE A CE2   1 
ATOM   1350 C  CZ    . PHE A 1 190 ? -2.286  -18.456 -19.573 1.00 69.96 ? 3967 PHE A CZ    1 
ATOM   1351 N  N     . LEU A 1 191 ? -0.412  -14.288 -13.859 1.00 61.22 ? 3968 LEU A N     1 
ATOM   1352 C  CA    . LEU A 1 191 ? 0.384   -13.584 -12.858 1.00 60.23 ? 3968 LEU A CA    1 
ATOM   1353 C  C     . LEU A 1 191 ? 1.869   -13.821 -13.102 1.00 64.82 ? 3968 LEU A C     1 
ATOM   1354 O  O     . LEU A 1 191 ? 2.695   -12.922 -12.924 1.00 62.62 ? 3968 LEU A O     1 
ATOM   1355 C  CB    . LEU A 1 191 ? 0.032   -14.066 -11.450 1.00 59.30 ? 3968 LEU A CB    1 
ATOM   1356 C  CG    . LEU A 1 191 ? -1.386  -13.842 -10.927 1.00 52.58 ? 3968 LEU A CG    1 
ATOM   1357 C  CD1   . LEU A 1 191 ? -1.499  -14.341 -9.494  1.00 46.07 ? 3968 LEU A CD1   1 
ATOM   1358 C  CD2   . LEU A 1 191 ? -1.738  -12.373 -11.013 1.00 44.95 ? 3968 LEU A CD2   1 
ATOM   1359 N  N     . ASN A 1 192 ? 2.192   -15.048 -13.502 1.00 66.27 ? 3969 ASN A N     1 
ATOM   1360 C  CA    . ASN A 1 192 ? 3.570   -15.478 -13.708 1.00 66.78 ? 3969 ASN A CA    1 
ATOM   1361 C  C     . ASN A 1 192 ? 3.650   -16.514 -14.819 1.00 70.24 ? 3969 ASN A C     1 
ATOM   1362 O  O     . ASN A 1 192 ? 3.211   -17.652 -14.642 1.00 71.34 ? 3969 ASN A O     1 
ATOM   1363 C  CB    . ASN A 1 192 ? 4.141   -16.071 -12.419 1.00 63.91 ? 3969 ASN A CB    1 
HETATM 1364 ZN ZN    . ZN  B 2 .   ? -4.270  -9.206  -15.457 1.00 47.68 ? 4970 ZN  A ZN    1 
HETATM 1365 N  N     . SAH C 3 .   ? -6.585  -11.757 -2.531  1.00 29.68 ? 4971 SAH A N     1 
HETATM 1366 C  CA    . SAH C 3 .   ? -5.680  -12.061 -1.426  1.00 33.55 ? 4971 SAH A CA    1 
HETATM 1367 C  CB    . SAH C 3 .   ? -4.810  -10.847 -1.059  1.00 28.64 ? 4971 SAH A CB    1 
HETATM 1368 C  CG    . SAH C 3 .   ? -3.540  -10.723 -1.901  1.00 30.63 ? 4971 SAH A CG    1 
HETATM 1369 S  SD    . SAH C 3 .   ? -2.305  -11.984 -1.436  1.00 36.93 ? 4971 SAH A SD    1 
HETATM 1370 C  C     . SAH C 3 .   ? -6.439  -12.658 -0.233  1.00 34.14 ? 4971 SAH A C     1 
HETATM 1371 O  O     . SAH C 3 .   ? -7.660  -12.798 -0.257  1.00 31.75 ? 4971 SAH A O     1 
HETATM 1372 O  OXT   . SAH C 3 .   ? -5.862  -13.031 0.782   1.00 37.52 ? 4971 SAH A OXT   1 
HETATM 1373 C  "C5'" . SAH C 3 .   ? -1.845  -12.434 -3.127  1.00 40.53 ? 4971 SAH A "C5'" 1 
HETATM 1374 C  "C4'" . SAH C 3 .   ? -2.604  -13.662 -3.633  1.00 36.24 ? 4971 SAH A "C4'" 1 
HETATM 1375 O  "O4'" . SAH C 3 .   ? -3.917  -13.313 -4.053  1.00 37.93 ? 4971 SAH A "O4'" 1 
HETATM 1376 C  "C3'" . SAH C 3 .   ? -1.924  -14.308 -4.828  1.00 40.78 ? 4971 SAH A "C3'" 1 
HETATM 1377 O  "O3'" . SAH C 3 .   ? -1.085  -15.361 -4.427  1.00 50.14 ? 4971 SAH A "O3'" 1 
HETATM 1378 C  "C2'" . SAH C 3 .   ? -3.078  -14.858 -5.622  1.00 40.75 ? 4971 SAH A "C2'" 1 
HETATM 1379 O  "O2'" . SAH C 3 .   ? -3.398  -16.112 -5.081  1.00 42.17 ? 4971 SAH A "O2'" 1 
HETATM 1380 C  "C1'" . SAH C 3 .   ? -4.226  -13.925 -5.293  1.00 35.15 ? 4971 SAH A "C1'" 1 
HETATM 1381 N  N9    . SAH C 3 .   ? -4.324  -12.895 -6.344  1.00 34.99 ? 4971 SAH A N9    1 
HETATM 1382 C  C8    . SAH C 3 .   ? -3.918  -11.588 -6.234  1.00 31.53 ? 4971 SAH A C8    1 
HETATM 1383 N  N7    . SAH C 3 .   ? -4.169  -10.963 -7.407  1.00 31.96 ? 4971 SAH A N7    1 
HETATM 1384 C  C5    . SAH C 3 .   ? -4.722  -11.848 -8.271  1.00 35.49 ? 4971 SAH A C5    1 
HETATM 1385 C  C6    . SAH C 3 .   ? -5.161  -11.737 -9.587  1.00 34.57 ? 4971 SAH A C6    1 
HETATM 1386 N  N6    . SAH C 3 .   ? -5.078  -10.585 -10.244 1.00 34.40 ? 4971 SAH A N6    1 
HETATM 1387 N  N1    . SAH C 3 .   ? -5.689  -12.845 -10.221 1.00 38.42 ? 4971 SAH A N1    1 
HETATM 1388 C  C2    . SAH C 3 .   ? -5.787  -14.048 -9.549  1.00 34.63 ? 4971 SAH A C2    1 
HETATM 1389 N  N3    . SAH C 3 .   ? -5.350  -14.148 -8.242  1.00 34.39 ? 4971 SAH A N3    1 
HETATM 1390 C  C4    . SAH C 3 .   ? -4.824  -13.069 -7.612  1.00 36.00 ? 4971 SAH A C4    1 
HETATM 1391 O  O     . HOH D 4 .   ? -4.219  14.791  7.993   1.00 47.11 ? 2001 HOH A O     1 
HETATM 1392 O  O     . HOH D 4 .   ? -16.324 10.465  -1.859  1.00 34.44 ? 2002 HOH A O     1 
HETATM 1393 O  O     . HOH D 4 .   ? -12.430 13.603  0.316   1.00 41.07 ? 2003 HOH A O     1 
HETATM 1394 O  O     . HOH D 4 .   ? 5.112   -14.864 -1.735  1.00 51.64 ? 2004 HOH A O     1 
HETATM 1395 O  O     . HOH D 4 .   ? 8.142   -13.598 -1.497  1.00 53.52 ? 2005 HOH A O     1 
HETATM 1396 O  O     . HOH D 4 .   ? 5.313   -9.309  -3.222  1.00 43.11 ? 2006 HOH A O     1 
HETATM 1397 O  O     . HOH D 4 .   ? 9.111   -7.408  -5.376  1.00 43.66 ? 2007 HOH A O     1 
HETATM 1398 O  O     . HOH D 4 .   ? 9.835   -2.292  -7.076  1.00 43.30 ? 2008 HOH A O     1 
HETATM 1399 O  O     . HOH D 4 .   ? -15.079 -3.751  -7.420  1.00 28.61 ? 2009 HOH A O     1 
HETATM 1400 O  O     . HOH D 4 .   ? -16.632 -3.277  -4.761  1.00 41.95 ? 2010 HOH A O     1 
HETATM 1401 O  O     . HOH D 4 .   ? -14.365 14.875  -0.616  1.00 50.49 ? 2011 HOH A O     1 
HETATM 1402 O  O     . HOH D 4 .   ? 5.855   -16.104 1.564   1.00 45.69 ? 2012 HOH A O     1 
HETATM 1403 O  O     . HOH D 4 .   ? 10.400  -0.435  -8.700  1.00 49.83 ? 2013 HOH A O     1 
HETATM 1404 O  O     . HOH D 4 .   ? 12.260  -19.988 12.859  1.00 54.79 ? 2014 HOH A O     1 
HETATM 1405 O  O     . HOH D 4 .   ? -19.235 44.301  2.802   1.00 51.54 ? 2015 HOH A O     1 
HETATM 1406 O  O     . HOH D 4 .   ? -15.794 45.191  2.594   1.00 35.79 ? 2016 HOH A O     1 
HETATM 1407 O  O     . HOH D 4 .   ? -11.530 48.817  2.870   1.00 30.55 ? 2017 HOH A O     1 
HETATM 1408 O  O     . HOH D 4 .   ? -8.881  35.682  11.038  1.00 42.61 ? 2018 HOH A O     1 
HETATM 1409 O  O     . HOH D 4 .   ? -5.710  34.383  4.261   1.00 27.12 ? 2019 HOH A O     1 
HETATM 1410 O  O     . HOH D 4 .   ? -12.368 31.559  4.869   1.00 43.77 ? 2020 HOH A O     1 
HETATM 1411 O  O     . HOH D 4 .   ? -5.828  17.256  5.941   1.00 45.86 ? 2021 HOH A O     1 
HETATM 1412 O  O     . HOH D 4 .   ? -2.467  18.734  6.966   1.00 39.37 ? 2022 HOH A O     1 
HETATM 1413 O  O     . HOH D 4 .   ? -5.044  16.089  0.786   1.00 27.72 ? 2023 HOH A O     1 
HETATM 1414 O  O     . HOH D 4 .   ? -8.395  14.688  4.563   1.00 37.67 ? 2024 HOH A O     1 
HETATM 1415 O  O     . HOH D 4 .   ? -1.770  15.358  7.636   1.00 36.57 ? 2025 HOH A O     1 
HETATM 1416 O  O     . HOH D 4 .   ? -1.186  12.703  6.237   1.00 37.20 ? 2026 HOH A O     1 
HETATM 1417 O  O     . HOH D 4 .   ? 6.795   14.914  -3.211  1.00 43.45 ? 2027 HOH A O     1 
HETATM 1418 O  O     . HOH D 4 .   ? 2.337   20.338  -1.763  1.00 35.45 ? 2028 HOH A O     1 
HETATM 1419 O  O     . HOH D 4 .   ? 8.193   13.477  -1.443  1.00 26.26 ? 2029 HOH A O     1 
HETATM 1420 O  O     . HOH D 4 .   ? 12.739  12.788  1.055   1.00 36.05 ? 2030 HOH A O     1 
HETATM 1421 O  O     . HOH D 4 .   ? 3.979   5.952   9.730   1.00 32.81 ? 2031 HOH A O     1 
HETATM 1422 O  O     . HOH D 4 .   ? 2.619   14.201  9.261   1.00 46.82 ? 2032 HOH A O     1 
HETATM 1423 O  O     . HOH D 4 .   ? 1.868   12.151  7.539   1.00 37.02 ? 2033 HOH A O     1 
HETATM 1424 O  O     . HOH D 4 .   ? -1.866  1.865   8.409   1.00 40.57 ? 2034 HOH A O     1 
HETATM 1425 O  O     . HOH D 4 .   ? -3.590  4.274   14.342  1.00 51.86 ? 2035 HOH A O     1 
HETATM 1426 O  O     . HOH D 4 .   ? 0.211   7.923   12.492  1.00 38.03 ? 2036 HOH A O     1 
HETATM 1427 O  O     . HOH D 4 .   ? -4.101  1.019   7.265   1.00 29.40 ? 2037 HOH A O     1 
HETATM 1428 O  O     . HOH D 4 .   ? -9.375  5.555   11.575  1.00 48.63 ? 2038 HOH A O     1 
HETATM 1429 O  O     . HOH D 4 .   ? -12.632 6.812   6.121   1.00 38.88 ? 2039 HOH A O     1 
HETATM 1430 O  O     . HOH D 4 .   ? -7.448  11.069  6.709   1.00 36.50 ? 2040 HOH A O     1 
HETATM 1431 O  O     . HOH D 4 .   ? -16.741 0.862   0.557   1.00 52.89 ? 2041 HOH A O     1 
HETATM 1432 O  O     . HOH D 4 .   ? -16.737 -7.426  2.134   1.00 32.91 ? 2042 HOH A O     1 
HETATM 1433 O  O     . HOH D 4 .   ? -14.797 -12.059 -10.405 1.00 38.32 ? 2043 HOH A O     1 
HETATM 1434 O  O     . HOH D 4 .   ? -13.893 -13.515 -0.437  1.00 50.93 ? 2044 HOH A O     1 
HETATM 1435 O  O     . HOH D 4 .   ? -8.383  -11.318 8.463   1.00 45.24 ? 2045 HOH A O     1 
HETATM 1436 O  O     . HOH D 4 .   ? -9.984  11.324  6.302   1.00 42.71 ? 2046 HOH A O     1 
HETATM 1437 O  O     . HOH D 4 .   ? -13.919 10.678  -0.341  1.00 30.20 ? 2047 HOH A O     1 
HETATM 1438 O  O     . HOH D 4 .   ? -15.402 12.520  -4.667  1.00 28.25 ? 2048 HOH A O     1 
HETATM 1439 O  O     . HOH D 4 .   ? -10.929 14.603  -3.272  1.00 28.85 ? 2049 HOH A O     1 
HETATM 1440 O  O     . HOH D 4 .   ? -9.632  13.232  -0.019  1.00 32.70 ? 2050 HOH A O     1 
HETATM 1441 O  O     . HOH D 4 .   ? -15.448 9.745   -4.392  1.00 22.01 ? 2051 HOH A O     1 
HETATM 1442 O  O     . HOH D 4 .   ? 0.408   13.362  -3.649  1.00 32.33 ? 2052 HOH A O     1 
HETATM 1443 O  O     . HOH D 4 .   ? -4.495  14.340  -6.834  1.00 26.43 ? 2053 HOH A O     1 
HETATM 1444 O  O     . HOH D 4 .   ? 4.943   10.884  -4.252  1.00 30.64 ? 2054 HOH A O     1 
HETATM 1445 O  O     . HOH D 4 .   ? 2.614   9.869   -9.413  1.00 45.46 ? 2055 HOH A O     1 
HETATM 1446 O  O     . HOH D 4 .   ? -4.845  9.123   2.441   1.00 22.16 ? 2056 HOH A O     1 
HETATM 1447 O  O     . HOH D 4 .   ? -2.800  7.225   3.296   1.00 24.17 ? 2057 HOH A O     1 
HETATM 1448 O  O     . HOH D 4 .   ? 6.156   1.630   10.760  1.00 34.61 ? 2058 HOH A O     1 
HETATM 1449 O  O     . HOH D 4 .   ? 6.522   -2.091  9.533   1.00 27.03 ? 2059 HOH A O     1 
HETATM 1450 O  O     . HOH D 4 .   ? 2.879   3.353   8.487   1.00 30.74 ? 2060 HOH A O     1 
HETATM 1451 O  O     . HOH D 4 .   ? 2.093   0.808   9.903   1.00 40.01 ? 2061 HOH A O     1 
HETATM 1452 O  O     . HOH D 4 .   ? 0.647   2.513   7.037   1.00 21.17 ? 2062 HOH A O     1 
HETATM 1453 O  O     . HOH D 4 .   ? 7.641   -1.840  5.637   1.00 21.66 ? 2063 HOH A O     1 
HETATM 1454 O  O     . HOH D 4 .   ? 2.773   -10.360 0.453   1.00 37.27 ? 2064 HOH A O     1 
HETATM 1455 O  O     . HOH D 4 .   ? 9.075   -2.691  9.883   1.00 33.04 ? 2065 HOH A O     1 
HETATM 1456 O  O     . HOH D 4 .   ? 8.041   -11.446 12.418  1.00 37.89 ? 2066 HOH A O     1 
HETATM 1457 O  O     . HOH D 4 .   ? 11.202  -3.977  11.031  1.00 42.93 ? 2067 HOH A O     1 
HETATM 1458 O  O     . HOH D 4 .   ? 15.012  -15.241 0.169   1.00 41.16 ? 2068 HOH A O     1 
HETATM 1459 O  O     . HOH D 4 .   ? 18.889  -20.371 4.239   1.00 44.55 ? 2069 HOH A O     1 
HETATM 1460 O  O     . HOH D 4 .   ? 20.262  -12.862 3.768   1.00 40.10 ? 2070 HOH A O     1 
HETATM 1461 O  O     . HOH D 4 .   ? 17.248  -10.879 10.920  1.00 46.82 ? 2071 HOH A O     1 
HETATM 1462 O  O     . HOH D 4 .   ? 15.790  -18.412 2.832   1.00 39.92 ? 2072 HOH A O     1 
HETATM 1463 O  O     . HOH D 4 .   ? 13.871  -16.243 11.927  1.00 42.65 ? 2073 HOH A O     1 
HETATM 1464 O  O     . HOH D 4 .   ? 10.986  -11.110 13.330  1.00 41.19 ? 2074 HOH A O     1 
HETATM 1465 O  O     . HOH D 4 .   ? 7.473   -20.824 -2.860  1.00 56.67 ? 2075 HOH A O     1 
HETATM 1466 O  O     . HOH D 4 .   ? 6.811   -16.638 15.133  1.00 51.90 ? 2076 HOH A O     1 
HETATM 1467 O  O     . HOH D 4 .   ? 4.488   -20.701 4.252   1.00 36.92 ? 2077 HOH A O     1 
HETATM 1468 O  O     . HOH D 4 .   ? -4.050  -22.675 11.800  1.00 42.77 ? 2078 HOH A O     1 
HETATM 1469 O  O     . HOH D 4 .   ? 2.121   -20.787 4.596   1.00 39.52 ? 2079 HOH A O     1 
HETATM 1470 O  O     . HOH D 4 .   ? -0.767  -16.873 1.963   1.00 42.88 ? 2080 HOH A O     1 
HETATM 1471 O  O     . HOH D 4 .   ? 1.161   -19.285 2.950   1.00 40.78 ? 2081 HOH A O     1 
HETATM 1472 O  O     . HOH D 4 .   ? 6.355   -11.486 -2.302  1.00 43.13 ? 2082 HOH A O     1 
HETATM 1473 O  O     . HOH D 4 .   ? 3.908   -13.181 -0.184  1.00 41.37 ? 2083 HOH A O     1 
HETATM 1474 O  O     . HOH D 4 .   ? 8.306   -9.921  -3.399  1.00 36.79 ? 2084 HOH A O     1 
HETATM 1475 O  O     . HOH D 4 .   ? 10.824  -3.594  -3.331  1.00 36.07 ? 2085 HOH A O     1 
HETATM 1476 O  O     . HOH D 4 .   ? 20.262  -2.834  -1.977  1.00 40.27 ? 2086 HOH A O     1 
HETATM 1477 O  O     . HOH D 4 .   ? 14.475  -7.717  -5.362  1.00 48.60 ? 2087 HOH A O     1 
HETATM 1478 O  O     . HOH D 4 .   ? 19.187  -6.239  -4.797  1.00 46.78 ? 2088 HOH A O     1 
HETATM 1479 O  O     . HOH D 4 .   ? 5.595   -10.372 10.715  1.00 30.47 ? 2089 HOH A O     1 
HETATM 1480 O  O     . HOH D 4 .   ? -0.143  -10.212 10.771  1.00 29.73 ? 2090 HOH A O     1 
HETATM 1481 O  O     . HOH D 4 .   ? 1.193   -11.853 15.929  1.00 42.07 ? 2091 HOH A O     1 
HETATM 1482 O  O     . HOH D 4 .   ? -0.573  0.194   9.487   1.00 32.87 ? 2092 HOH A O     1 
HETATM 1483 O  O     . HOH D 4 .   ? 1.460   -5.886  5.850   1.00 25.73 ? 2093 HOH A O     1 
HETATM 1484 O  O     . HOH D 4 .   ? -3.819  -1.801  8.022   1.00 26.45 ? 2094 HOH A O     1 
HETATM 1485 O  O     . HOH D 4 .   ? 0.502   -9.405  -0.214  1.00 31.76 ? 2095 HOH A O     1 
HETATM 1486 O  O     . HOH D 4 .   ? -5.945  0.767   -11.873 1.00 49.96 ? 2096 HOH A O     1 
HETATM 1487 O  O     . HOH D 4 .   ? -1.804  1.533   -15.049 1.00 41.94 ? 2097 HOH A O     1 
HETATM 1488 O  O     . HOH D 4 .   ? 2.414   -1.343  -9.873  1.00 29.51 ? 2098 HOH A O     1 
HETATM 1489 O  O     . HOH D 4 .   ? 6.809   8.477   -5.112  1.00 32.98 ? 2099 HOH A O     1 
HETATM 1490 O  O     . HOH D 4 .   ? 9.297   -2.111  -3.520  1.00 35.57 ? 2100 HOH A O     1 
HETATM 1491 O  O     . HOH D 4 .   ? 6.734   -0.076  -7.800  1.00 38.86 ? 2101 HOH A O     1 
HETATM 1492 O  O     . HOH D 4 .   ? 9.228   7.925   -4.676  1.00 36.30 ? 2102 HOH A O     1 
HETATM 1493 O  O     . HOH D 4 .   ? 20.424  3.174   7.837   1.00 41.42 ? 2103 HOH A O     1 
HETATM 1494 O  O     . HOH D 4 .   ? 18.846  6.257   8.322   1.00 53.96 ? 2104 HOH A O     1 
HETATM 1495 O  O     . HOH D 4 .   ? 15.098  9.526   8.236   1.00 50.09 ? 2105 HOH A O     1 
HETATM 1496 O  O     . HOH D 4 .   ? 15.314  -1.717  8.606   1.00 30.85 ? 2106 HOH A O     1 
HETATM 1497 O  O     . HOH D 4 .   ? 9.697   -2.562  7.468   1.00 31.60 ? 2107 HOH A O     1 
HETATM 1498 O  O     . HOH D 4 .   ? 11.340  -0.990  9.409   1.00 43.52 ? 2108 HOH A O     1 
HETATM 1499 O  O     . HOH D 4 .   ? 11.315  4.270   11.137  1.00 44.09 ? 2109 HOH A O     1 
HETATM 1500 O  O     . HOH D 4 .   ? -5.089  3.137   -12.922 1.00 43.68 ? 2110 HOH A O     1 
HETATM 1501 O  O     . HOH D 4 .   ? -5.537  11.295  -11.601 1.00 33.42 ? 2111 HOH A O     1 
HETATM 1502 O  O     . HOH D 4 .   ? -8.293  9.096   -11.568 1.00 26.89 ? 2112 HOH A O     1 
HETATM 1503 O  O     . HOH D 4 .   ? -9.327  11.251  -5.202  1.00 38.13 ? 2113 HOH A O     1 
HETATM 1504 O  O     . HOH D 4 .   ? -16.606 7.319   -5.628  1.00 19.30 ? 2114 HOH A O     1 
HETATM 1505 O  O     . HOH D 4 .   ? -15.486 3.902   -6.916  1.00 22.25 ? 2115 HOH A O     1 
HETATM 1506 O  O     . HOH D 4 .   ? -16.670 -0.817  -4.186  1.00 28.50 ? 2116 HOH A O     1 
HETATM 1507 O  O     . HOH D 4 .   ? -14.593 -0.930  -7.135  1.00 33.45 ? 2117 HOH A O     1 
HETATM 1508 O  O     . HOH D 4 .   ? -16.533 1.580   -7.457  1.00 36.52 ? 2118 HOH A O     1 
HETATM 1509 O  O     . HOH D 4 .   ? -12.371 -0.859  -8.527  1.00 22.40 ? 2119 HOH A O     1 
HETATM 1510 O  O     . HOH D 4 .   ? -12.301 -4.671  -8.138  1.00 34.97 ? 2120 HOH A O     1 
HETATM 1511 O  O     . HOH D 4 .   ? -6.673  -5.122  -3.686  1.00 19.36 ? 2121 HOH A O     1 
HETATM 1512 O  O     . HOH D 4 .   ? -7.520  -1.644  -9.545  1.00 43.22 ? 2122 HOH A O     1 
HETATM 1513 O  O     . HOH D 4 .   ? 0.088   -7.476  -1.883  1.00 30.19 ? 2123 HOH A O     1 
HETATM 1514 O  O     . HOH D 4 .   ? 3.148   -8.326  -2.981  1.00 44.74 ? 2124 HOH A O     1 
HETATM 1515 O  O     . HOH D 4 .   ? 6.991   -5.922  -7.581  1.00 49.47 ? 2125 HOH A O     1 
HETATM 1516 O  O     . HOH D 4 .   ? 5.382   -7.653  -5.849  1.00 50.47 ? 2126 HOH A O     1 
HETATM 1517 O  O     . HOH D 4 .   ? -10.143 -16.779 -7.318  1.00 43.62 ? 2127 HOH A O     1 
HETATM 1518 O  O     . HOH D 4 .   ? -12.011 -11.585 -11.976 1.00 45.32 ? 2128 HOH A O     1 
HETATM 1519 O  O     . HOH D 4 .   ? -8.141  -10.885 -16.611 1.00 46.31 ? 2129 HOH A O     1 
HETATM 1520 O  O     . HOH D 4 .   ? -6.361  -13.738 3.309   1.00 40.01 ? 2130 HOH A O     1 
# 
